data_6TZ8
#
_entry.id   6TZ8
#
_cell.length_a   118.720
_cell.length_b   120.700
_cell.length_c   134.960
_cell.angle_alpha   90.00
_cell.angle_beta   90.00
_cell.angle_gamma   90.00
#
_symmetry.space_group_name_H-M   'P 21 21 21'
#
loop_
_entity.id
_entity.type
_entity.pdbx_description
1 polymer 'Serine/threonine-protein phosphatase 2B catalytic subunit A1'
2 polymer 'Calcineurin subunit B'
3 polymer 'FK506-binding protein 1'
4 non-polymer 'SULFATE ION'
5 non-polymer 'FE (III) ION'
6 non-polymer 'ZINC ION'
7 non-polymer 'CALCIUM ION'
8 non-polymer 8-DEETHYL-8-[BUT-3-ENYL]-ASCOMYCIN
9 water water
#
loop_
_entity_poly.entity_id
_entity_poly.type
_entity_poly.pdbx_seq_one_letter_code
_entity_poly.pdbx_strand_id
1 'polypeptide(L)'
;MGSSHHHHHHSSGENLYFQGSENGEIVSTTERVIKDVQAPAMYVPTDDQFWSKVDKTKPDIAFLKNHFYREGRLTEEQAL
YILEKGGELLRSEPNLLEVDAPITVCGDIHGQYYDLMKLFEVGGNPADTRYLFLGDYVDRGYFSIECVLYLWSLKMWYPD
TLFLLRGNHECRHLTDYFTFKLECKHKYSETVYNACMESFCNLPLAAVMNKQFLCIHGGLSPELHTLDDLRSINRFREPP
TQGLMCDILWADPLEDFGSEKTNENFLHNHVRGCSYFFTYNAACQFLERNNLLSIIRAHEAQDAGYRMYRKTKTTGFPSV
MTIFSAPNYLDVYSNKAAVLKYESNVMNIRQFNCTPHPYWLPNFMDVFTWSLPFVGEKITDMLIAILNCC
;
A,D
2 'polypeptide(L)'
;MGAAESSMFNSLEKNSNFSGPELMRLKKRFMKLDKDGSGSIDKDEFLQIPQIANNPLAHRMIAIFDEDGSGTVDFQEFVG
GLSAFSSKGGRDEKLRFAFKVYDMDRDGYISNGELYLVLKQMVGNNLKDQQLQQIVDKTIMEADKDGDGKLSFEEFTQMV
ASTDIVKQMTLEDLF
;
B,E
3 'polypeptide(L)'
;MWSHPQFEKGSGVTVENIKEGNGVDKPVKGDNVTIHYVGTLLDGSKFDSSRDRGTPFVCRIGQGQVIRGWDEGVPQLSLG
EKANLICTPDYAYGARGFPPVIPPNSTLKFEVELLKVNSKRA
;
C,F
#
loop_
_chem_comp.id
_chem_comp.type
_chem_comp.name
_chem_comp.formula
CA non-polymer 'CALCIUM ION' 'Ca 2'
FE non-polymer 'FE (III) ION' 'Fe 3'
FK5 non-polymer 8-DEETHYL-8-[BUT-3-ENYL]-ASCOMYCIN 'C44 H69 N O12'
SO4 non-polymer 'SULFATE ION' 'O4 S -2'
ZN non-polymer 'ZINC ION' 'Zn 2'
#
# COMPACT_ATOMS: atom_id res chain seq x y z
N GLY A 13 -36.50 6.32 45.98
CA GLY A 13 -35.06 6.21 46.09
C GLY A 13 -34.54 4.79 46.20
N GLU A 14 -33.60 4.42 45.32
CA GLU A 14 -33.01 3.09 45.32
C GLU A 14 -31.53 3.18 45.61
N ASN A 15 -31.04 2.28 46.46
CA ASN A 15 -29.64 2.25 46.85
C ASN A 15 -29.16 0.81 46.70
N LEU A 16 -28.21 0.61 45.80
CA LEU A 16 -27.72 -0.73 45.48
C LEU A 16 -26.33 -0.92 46.07
N TYR A 17 -26.14 -2.04 46.75
CA TYR A 17 -24.84 -2.45 47.25
C TYR A 17 -24.55 -3.86 46.73
N PHE A 18 -23.35 -4.06 46.19
CA PHE A 18 -22.97 -5.33 45.57
C PHE A 18 -21.90 -6.01 46.42
N GLN A 19 -22.08 -7.31 46.66
CA GLN A 19 -21.18 -8.10 47.49
C GLN A 19 -19.96 -8.58 46.70
N GLU A 25 -17.01 -7.57 52.44
CA GLU A 25 -16.43 -6.70 51.41
C GLU A 25 -17.47 -6.36 50.36
N ILE A 26 -18.04 -5.16 50.45
CA ILE A 26 -19.08 -4.69 49.53
C ILE A 26 -18.64 -3.37 48.90
N VAL A 27 -19.38 -2.99 47.87
CA VAL A 27 -19.15 -1.75 47.13
C VAL A 27 -20.48 -1.29 46.56
N SER A 28 -20.71 0.02 46.59
CA SER A 28 -21.91 0.63 46.04
C SER A 28 -21.58 1.37 44.75
N THR A 29 -22.62 1.65 43.98
CA THR A 29 -22.48 2.47 42.78
C THR A 29 -22.14 3.92 43.09
N THR A 30 -22.18 4.31 44.36
CA THR A 30 -22.06 5.70 44.76
C THR A 30 -20.63 6.19 44.89
N GLU A 31 -19.64 5.39 44.49
CA GLU A 31 -18.23 5.77 44.62
C GLU A 31 -17.41 5.01 43.59
N ARG A 32 -16.18 5.49 43.37
CA ARG A 32 -15.28 4.87 42.39
C ARG A 32 -14.88 3.48 42.85
N VAL A 33 -15.00 2.51 41.95
CA VAL A 33 -14.82 1.12 42.34
C VAL A 33 -13.35 0.80 42.56
N ILE A 34 -12.50 1.22 41.63
CA ILE A 34 -11.06 0.95 41.71
C ILE A 34 -10.38 2.24 42.16
N LYS A 35 -9.86 2.23 43.39
CA LYS A 35 -9.38 3.47 43.97
C LYS A 35 -7.88 3.66 43.82
N ASP A 36 -7.11 2.57 43.67
CA ASP A 36 -5.66 2.67 43.55
C ASP A 36 -5.20 3.38 42.28
N VAL A 37 -6.08 3.53 41.29
CA VAL A 37 -5.74 4.20 40.05
C VAL A 37 -6.10 5.67 40.15
N GLN A 38 -5.11 6.53 39.92
CA GLN A 38 -5.30 7.97 40.04
C GLN A 38 -6.32 8.47 39.04
N ALA A 39 -7.09 9.48 39.45
CA ALA A 39 -8.06 10.12 38.57
C ALA A 39 -7.36 11.22 37.75
N PRO A 40 -7.90 11.55 36.58
CA PRO A 40 -7.26 12.56 35.72
C PRO A 40 -7.33 13.94 36.34
N ALA A 41 -6.57 14.86 35.73
CA ALA A 41 -6.57 16.26 36.13
C ALA A 41 -7.81 16.91 35.54
N MET A 42 -8.81 17.18 36.39
CA MET A 42 -10.09 17.67 35.89
C MET A 42 -10.04 19.15 35.53
N TYR A 43 -9.13 19.90 36.12
CA TYR A 43 -9.15 21.36 36.06
C TYR A 43 -7.97 21.86 35.22
N VAL A 44 -8.28 22.63 34.18
CA VAL A 44 -7.29 23.34 33.36
C VAL A 44 -6.45 24.23 34.27
N PRO A 45 -5.13 24.37 34.03
CA PRO A 45 -4.30 25.18 34.93
C PRO A 45 -4.70 26.65 34.94
N THR A 46 -4.42 27.30 36.06
CA THR A 46 -4.66 28.73 36.24
C THR A 46 -3.48 29.54 35.69
N ASP A 47 -3.59 30.86 35.81
CA ASP A 47 -2.48 31.70 35.35
C ASP A 47 -1.26 31.59 36.26
N ASP A 48 -1.47 31.32 37.55
CA ASP A 48 -0.33 31.13 38.43
C ASP A 48 0.37 29.81 38.16
N GLN A 49 -0.40 28.77 37.79
CA GLN A 49 0.18 27.45 37.56
C GLN A 49 0.96 27.42 36.25
N PHE A 50 0.40 28.01 35.20
CA PHE A 50 0.98 27.88 33.87
C PHE A 50 2.25 28.71 33.73
N TRP A 51 2.17 30.01 34.01
CA TRP A 51 3.30 30.90 33.80
C TRP A 51 4.37 30.66 34.87
N SER A 52 5.61 30.54 34.42
CA SER A 52 6.74 30.40 35.32
C SER A 52 6.88 31.63 36.21
N LYS A 53 7.30 31.40 37.45
CA LYS A 53 7.61 32.48 38.37
C LYS A 53 8.98 33.11 38.09
N VAL A 54 9.85 32.42 37.35
CA VAL A 54 11.16 32.96 37.02
C VAL A 54 11.11 33.84 35.77
N ASP A 55 10.37 33.41 34.75
CA ASP A 55 10.21 34.17 33.51
C ASP A 55 8.73 34.17 33.17
N LYS A 56 8.13 35.37 33.09
CA LYS A 56 6.70 35.49 32.88
C LYS A 56 6.27 35.21 31.44
N THR A 57 7.21 34.98 30.53
CA THR A 57 6.87 34.74 29.12
C THR A 57 6.93 33.26 28.72
N LYS A 58 7.23 32.36 29.65
CA LYS A 58 7.43 30.95 29.36
C LYS A 58 6.64 30.09 30.34
N PRO A 59 6.21 28.91 29.92
CA PRO A 59 5.49 28.00 30.84
C PRO A 59 6.40 27.42 31.90
N ASP A 60 5.78 26.87 32.94
CA ASP A 60 6.50 26.18 34.01
C ASP A 60 6.71 24.73 33.59
N ILE A 61 7.96 24.38 33.28
CA ILE A 61 8.28 23.00 32.92
C ILE A 61 7.91 22.05 34.05
N ALA A 62 8.19 22.44 35.29
CA ALA A 62 7.93 21.55 36.43
C ALA A 62 6.44 21.26 36.58
N PHE A 63 5.60 22.27 36.31
CA PHE A 63 4.15 22.06 36.39
C PHE A 63 3.63 21.28 35.20
N LEU A 64 4.00 21.69 33.97
CA LEU A 64 3.55 20.99 32.78
C LEU A 64 3.88 19.51 32.83
N LYS A 65 5.09 19.17 33.28
CA LYS A 65 5.50 17.77 33.31
C LYS A 65 4.51 16.93 34.10
N ASN A 66 4.16 17.38 35.30
CA ASN A 66 3.20 16.63 36.10
C ASN A 66 1.78 16.78 35.55
N HIS A 67 1.41 17.99 35.11
CA HIS A 67 0.05 18.20 34.59
C HIS A 67 -0.23 17.26 33.43
N PHE A 68 0.68 17.21 32.46
CA PHE A 68 0.54 16.25 31.37
C PHE A 68 0.68 14.81 31.86
N TYR A 69 1.48 14.56 32.90
CA TYR A 69 1.58 13.21 33.44
C TYR A 69 0.23 12.74 33.97
N ARG A 70 -0.49 13.62 34.65
CA ARG A 70 -1.82 13.33 35.18
C ARG A 70 -2.91 13.46 34.13
N GLU A 71 -2.54 13.52 32.85
CA GLU A 71 -3.48 13.62 31.73
C GLU A 71 -4.24 14.94 31.77
N GLY A 72 -3.55 16.01 32.09
CA GLY A 72 -4.17 17.31 32.13
C GLY A 72 -4.19 17.96 30.77
N ARG A 73 -4.98 19.03 30.66
CA ARG A 73 -5.11 19.75 29.40
C ARG A 73 -5.03 21.25 29.68
N LEU A 74 -4.63 21.99 28.65
CA LEU A 74 -4.46 23.43 28.75
C LEU A 74 -5.67 24.15 28.16
N THR A 75 -5.72 25.46 28.38
CA THR A 75 -6.66 26.29 27.64
C THR A 75 -6.26 26.28 26.16
N GLU A 76 -7.23 26.63 25.30
CA GLU A 76 -6.89 26.80 23.90
C GLU A 76 -5.88 27.93 23.72
N GLU A 77 -6.07 29.03 24.46
CA GLU A 77 -5.11 30.12 24.38
C GLU A 77 -3.72 29.68 24.81
N GLN A 78 -3.64 28.84 25.85
CA GLN A 78 -2.34 28.40 26.37
C GLN A 78 -1.61 27.52 25.35
N ALA A 79 -2.30 26.56 24.77
CA ALA A 79 -1.67 25.69 23.77
C ALA A 79 -1.21 26.50 22.56
N LEU A 80 -2.03 27.45 22.09
CA LEU A 80 -1.65 28.23 20.92
C LEU A 80 -0.41 29.05 21.18
N TYR A 81 -0.32 29.67 22.36
CA TYR A 81 0.87 30.45 22.70
C TYR A 81 2.12 29.59 22.71
N ILE A 82 2.02 28.33 23.11
CA ILE A 82 3.20 27.48 23.14
C ILE A 82 3.63 27.14 21.72
N LEU A 83 2.67 26.87 20.83
CA LEU A 83 3.02 26.50 19.47
C LEU A 83 3.53 27.70 18.67
N GLU A 84 2.99 28.90 18.91
CA GLU A 84 3.40 30.06 18.15
C GLU A 84 4.73 30.63 18.65
N LYS A 85 4.99 30.58 19.96
CA LYS A 85 6.26 31.08 20.48
C LYS A 85 7.40 30.12 20.20
N GLY A 86 7.12 28.82 20.14
CA GLY A 86 8.12 27.87 19.69
C GLY A 86 8.36 27.95 18.19
N GLY A 87 7.30 28.17 17.41
CA GLY A 87 7.45 28.30 15.98
C GLY A 87 8.30 29.49 15.59
N GLU A 88 8.23 30.58 16.33
CA GLU A 88 9.08 31.74 16.05
C GLU A 88 10.55 31.40 16.25
N LEU A 89 10.85 30.54 17.24
CA LEU A 89 12.22 30.14 17.47
C LEU A 89 12.72 29.21 16.37
N LEU A 90 11.90 28.23 15.98
CA LEU A 90 12.32 27.31 14.93
C LEU A 90 12.49 28.02 13.60
N ARG A 91 11.68 29.05 13.32
CA ARG A 91 11.79 29.73 12.03
C ARG A 91 13.12 30.45 11.89
N SER A 92 13.62 31.03 12.98
CA SER A 92 14.89 31.76 12.90
C SER A 92 16.05 30.81 12.62
N GLU A 93 15.95 29.57 13.09
CA GLU A 93 16.99 28.59 12.86
C GLU A 93 17.06 28.23 11.38
N PRO A 94 18.25 27.98 10.84
CA PRO A 94 18.35 27.61 9.42
C PRO A 94 17.94 26.18 9.18
N ASN A 95 17.86 25.83 7.89
CA ASN A 95 17.46 24.47 7.51
C ASN A 95 18.48 23.44 7.99
N LEU A 96 19.78 23.75 7.87
CA LEU A 96 20.85 22.85 8.26
C LEU A 96 21.51 23.37 9.53
N LEU A 97 21.26 22.68 10.63
CA LEU A 97 21.83 23.08 11.92
C LEU A 97 23.30 22.68 12.03
N GLU A 98 24.02 23.43 12.85
CA GLU A 98 25.44 23.18 13.13
C GLU A 98 25.57 23.07 14.65
N VAL A 99 25.25 21.90 15.19
CA VAL A 99 25.24 21.70 16.63
C VAL A 99 26.61 21.19 17.09
N ASP A 100 26.87 21.29 18.40
CA ASP A 100 28.18 21.00 18.95
C ASP A 100 28.10 19.95 20.05
N ALA A 101 29.16 19.15 20.17
CA ALA A 101 29.30 18.12 21.19
C ALA A 101 29.70 18.74 22.53
N PRO A 102 29.31 18.12 23.66
CA PRO A 102 28.54 16.87 23.73
C PRO A 102 27.06 17.12 23.48
N ILE A 103 26.32 16.07 23.15
CA ILE A 103 24.92 16.19 22.77
C ILE A 103 24.28 14.82 22.93
N THR A 104 22.97 14.81 23.17
CA THR A 104 22.19 13.57 23.22
C THR A 104 21.25 13.60 22.03
N VAL A 105 21.44 12.65 21.10
CA VAL A 105 20.60 12.54 19.91
C VAL A 105 19.53 11.48 20.18
N CYS A 106 18.28 11.83 19.95
CA CYS A 106 17.16 10.93 20.18
C CYS A 106 16.44 10.62 18.88
N GLY A 107 15.81 9.45 18.86
CA GLY A 107 15.08 8.95 17.71
C GLY A 107 13.61 9.31 17.74
N ASP A 108 12.76 8.36 17.35
CA ASP A 108 11.33 8.61 17.33
C ASP A 108 10.76 8.52 18.75
N ILE A 109 9.72 9.30 19.00
CA ILE A 109 9.03 9.19 20.29
C ILE A 109 7.58 8.78 20.06
N HIS A 110 7.00 9.26 18.96
CA HIS A 110 5.71 8.82 18.44
C HIS A 110 4.61 8.86 19.50
N GLY A 111 4.42 10.05 20.06
CA GLY A 111 3.30 10.26 20.97
C GLY A 111 3.36 9.47 22.26
N GLN A 112 4.51 8.94 22.63
CA GLN A 112 4.62 8.12 23.84
C GLN A 112 5.15 9.03 24.94
N TYR A 113 4.25 9.83 25.53
CA TYR A 113 4.69 10.91 26.41
C TYR A 113 5.38 10.37 27.66
N TYR A 114 4.86 9.28 28.22
CA TYR A 114 5.40 8.80 29.50
C TYR A 114 6.75 8.13 29.33
N ASP A 115 7.08 7.69 28.12
CA ASP A 115 8.44 7.24 27.85
C ASP A 115 9.39 8.41 27.63
N LEU A 116 8.90 9.50 27.04
CA LEU A 116 9.69 10.72 26.94
C LEU A 116 10.19 11.18 28.30
N MET A 117 9.47 10.84 29.36
CA MET A 117 9.93 11.14 30.71
C MET A 117 11.17 10.32 31.08
N LYS A 118 11.16 9.02 30.80
CA LYS A 118 12.34 8.21 31.06
C LYS A 118 13.48 8.49 30.08
N LEU A 119 13.16 9.00 28.90
CA LEU A 119 14.20 9.42 27.95
C LEU A 119 15.04 10.52 28.57
N PHE A 120 14.39 11.54 29.12
CA PHE A 120 15.13 12.66 29.68
C PHE A 120 15.90 12.30 30.94
N GLU A 121 15.46 11.26 31.66
CA GLU A 121 16.27 10.79 32.78
C GLU A 121 17.50 10.06 32.28
N VAL A 122 17.37 9.31 31.18
CA VAL A 122 18.52 8.59 30.64
C VAL A 122 19.45 9.53 29.87
N GLY A 123 18.88 10.47 29.10
CA GLY A 123 19.72 11.36 28.30
C GLY A 123 20.33 12.49 29.10
N GLY A 124 19.57 13.02 30.05
CA GLY A 124 20.05 14.11 30.89
C GLY A 124 19.05 15.24 31.01
N ASN A 125 19.16 15.99 32.09
CA ASN A 125 18.28 17.13 32.29
C ASN A 125 18.59 18.19 31.23
N PRO A 126 17.59 18.67 30.49
CA PRO A 126 17.85 19.66 29.44
C PRO A 126 18.62 20.89 29.90
N ALA A 127 18.58 21.24 31.19
CA ALA A 127 19.37 22.38 31.64
C ALA A 127 20.87 22.08 31.58
N ASP A 128 21.26 20.83 31.79
CA ASP A 128 22.67 20.43 31.78
C ASP A 128 23.08 19.70 30.52
N THR A 129 22.16 19.44 29.59
CA THR A 129 22.42 18.58 28.46
C THR A 129 21.92 19.22 27.18
N ARG A 130 22.56 18.85 26.07
CA ARG A 130 22.21 19.31 24.73
C ARG A 130 21.51 18.17 24.01
N TYR A 131 20.35 18.45 23.43
CA TYR A 131 19.53 17.42 22.83
C TYR A 131 19.37 17.66 21.33
N LEU A 132 19.18 16.57 20.59
CA LEU A 132 18.81 16.63 19.18
C LEU A 132 17.84 15.50 18.92
N PHE A 133 16.57 15.84 18.70
CA PHE A 133 15.56 14.87 18.31
C PHE A 133 15.47 14.84 16.78
N LEU A 134 15.28 13.65 16.23
CA LEU A 134 15.22 13.49 14.78
C LEU A 134 13.79 13.47 14.25
N GLY A 135 12.82 13.89 15.06
CA GLY A 135 11.45 14.01 14.59
C GLY A 135 10.58 12.83 14.97
N ASP A 136 9.43 12.77 14.30
CA ASP A 136 8.37 11.80 14.59
C ASP A 136 7.94 11.88 16.05
N TYR A 137 7.35 13.03 16.40
CA TYR A 137 6.86 13.27 17.74
C TYR A 137 5.40 12.91 17.93
N VAL A 138 4.68 12.58 16.85
CA VAL A 138 3.24 12.43 16.88
C VAL A 138 2.86 11.12 16.23
N ASP A 139 1.55 10.84 16.23
CA ASP A 139 0.93 9.65 15.64
C ASP A 139 1.24 8.38 16.42
N ARG A 140 0.44 7.34 16.19
CA ARG A 140 0.56 6.02 16.82
C ARG A 140 0.23 6.11 18.30
N GLY A 141 1.05 6.82 19.08
CA GLY A 141 0.76 7.01 20.48
C GLY A 141 -0.36 8.01 20.71
N TYR A 142 -1.15 7.78 21.75
CA TYR A 142 -2.32 8.60 22.04
C TYR A 142 -2.01 9.73 23.00
N PHE A 143 -0.75 10.13 23.12
CA PHE A 143 -0.33 11.24 23.96
C PHE A 143 0.55 12.20 23.16
N SER A 144 0.21 12.37 21.87
CA SER A 144 1.11 13.07 20.96
C SER A 144 1.16 14.56 21.23
N ILE A 145 0.02 15.17 21.57
CA ILE A 145 -0.01 16.59 21.83
C ILE A 145 0.77 16.93 23.09
N GLU A 146 0.90 15.98 24.03
CA GLU A 146 1.71 16.24 25.22
C GLU A 146 3.19 16.31 24.88
N CYS A 147 3.69 15.36 24.08
CA CYS A 147 5.08 15.42 23.64
C CYS A 147 5.37 16.72 22.90
N VAL A 148 4.42 17.20 22.12
CA VAL A 148 4.67 18.40 21.33
C VAL A 148 4.70 19.62 22.23
N LEU A 149 3.62 19.83 22.99
CA LEU A 149 3.54 20.98 23.90
C LEU A 149 4.64 20.97 24.94
N TYR A 150 5.15 19.79 25.31
CA TYR A 150 6.26 19.75 26.25
C TYR A 150 7.56 20.18 25.57
N LEU A 151 7.93 19.51 24.47
CA LEU A 151 9.20 19.81 23.80
C LEU A 151 9.21 21.22 23.21
N TRP A 152 8.06 21.69 22.74
CA TRP A 152 8.00 23.08 22.28
C TRP A 152 8.21 24.04 23.43
N SER A 153 7.61 23.75 24.59
CA SER A 153 7.90 24.54 25.78
C SER A 153 9.37 24.45 26.16
N LEU A 154 9.97 23.27 26.01
CA LEU A 154 11.40 23.12 26.28
C LEU A 154 12.23 23.97 25.33
N LYS A 155 11.83 24.05 24.07
CA LYS A 155 12.55 24.90 23.14
C LYS A 155 12.55 26.36 23.58
N MET A 156 11.46 26.80 24.22
CA MET A 156 11.40 28.18 24.70
C MET A 156 12.40 28.42 25.82
N TRP A 157 12.61 27.41 26.67
CA TRP A 157 13.53 27.58 27.78
C TRP A 157 14.98 27.36 27.38
N TYR A 158 15.23 26.48 26.41
CA TYR A 158 16.59 26.14 25.99
C TYR A 158 16.70 26.17 24.47
N PRO A 159 16.46 27.34 23.84
CA PRO A 159 16.52 27.40 22.38
C PRO A 159 17.92 27.22 21.82
N ASP A 160 18.96 27.45 22.61
CA ASP A 160 20.34 27.26 22.18
C ASP A 160 20.88 25.88 22.51
N THR A 161 20.17 25.10 23.32
CA THR A 161 20.67 23.79 23.74
C THR A 161 19.73 22.63 23.38
N LEU A 162 18.50 22.89 22.95
CA LEU A 162 17.59 21.83 22.55
C LEU A 162 17.11 22.11 21.13
N PHE A 163 17.39 21.17 20.23
CA PHE A 163 17.08 21.32 18.83
C PHE A 163 16.16 20.20 18.37
N LEU A 164 15.13 20.57 17.61
CA LEU A 164 14.14 19.64 17.12
C LEU A 164 14.15 19.64 15.59
N LEU A 165 14.07 18.46 15.01
CA LEU A 165 14.04 18.28 13.56
C LEU A 165 12.67 17.78 13.11
N ARG A 166 12.50 17.69 11.80
CA ARG A 166 11.23 17.31 11.19
C ARG A 166 11.29 15.88 10.68
N GLY A 167 10.30 15.08 11.09
CA GLY A 167 10.12 13.76 10.53
C GLY A 167 8.97 13.74 9.53
N ASN A 168 8.82 12.59 8.88
CA ASN A 168 7.76 12.46 7.89
C ASN A 168 6.36 12.58 8.47
N HIS A 169 6.22 12.52 9.80
CA HIS A 169 4.92 12.64 10.44
C HIS A 169 4.59 14.06 10.86
N GLU A 170 5.52 15.00 10.77
CA GLU A 170 5.26 16.40 11.15
C GLU A 170 4.67 17.17 9.96
N CYS A 171 3.50 16.71 9.51
CA CYS A 171 2.86 17.28 8.33
C CYS A 171 1.36 17.06 8.43
N ARG A 172 0.63 17.63 7.46
CA ARG A 172 -0.80 17.38 7.36
C ARG A 172 -1.11 16.02 6.78
N HIS A 173 -0.25 15.51 5.89
CA HIS A 173 -0.53 14.26 5.20
C HIS A 173 -0.74 13.11 6.19
N LEU A 174 0.28 12.80 7.00
CA LEU A 174 0.23 11.61 7.83
C LEU A 174 -0.57 11.82 9.11
N THR A 175 -0.59 13.04 9.65
CA THR A 175 -1.36 13.28 10.88
C THR A 175 -2.85 13.10 10.63
N ASP A 176 -3.32 13.51 9.45
CA ASP A 176 -4.70 13.29 9.08
C ASP A 176 -4.98 11.81 8.83
N TYR A 177 -4.01 11.11 8.23
CA TYR A 177 -4.19 9.70 7.90
C TYR A 177 -4.10 8.82 9.14
N PHE A 178 -3.37 9.26 10.16
CA PHE A 178 -3.23 8.48 11.38
C PHE A 178 -4.03 9.10 12.51
N THR A 179 -3.45 9.21 13.69
CA THR A 179 -4.22 9.49 14.89
C THR A 179 -4.07 10.92 15.42
N PHE A 180 -3.11 11.71 14.92
CA PHE A 180 -2.81 12.99 15.56
C PHE A 180 -3.90 14.02 15.30
N LYS A 181 -4.49 14.03 14.10
CA LYS A 181 -5.57 14.97 13.84
C LYS A 181 -6.79 14.64 14.66
N LEU A 182 -7.04 13.35 14.90
CA LEU A 182 -8.15 12.98 15.77
C LEU A 182 -7.91 13.41 17.21
N GLU A 183 -6.65 13.32 17.66
CA GLU A 183 -6.32 13.67 19.04
C GLU A 183 -6.54 15.16 19.28
N CYS A 184 -6.01 16.02 18.41
CA CYS A 184 -6.20 17.46 18.58
C CYS A 184 -7.68 17.82 18.56
N LYS A 185 -8.43 17.24 17.63
CA LYS A 185 -9.87 17.45 17.61
C LYS A 185 -10.52 17.00 18.91
N HIS A 186 -9.94 16.01 19.59
CA HIS A 186 -10.53 15.47 20.80
C HIS A 186 -10.10 16.22 22.05
N LYS A 187 -8.78 16.40 22.25
CA LYS A 187 -8.29 17.05 23.45
C LYS A 187 -8.37 18.57 23.36
N TYR A 188 -8.30 19.12 22.15
CA TYR A 188 -8.40 20.57 22.00
C TYR A 188 -9.39 20.91 20.88
N SER A 189 -8.90 21.50 19.79
CA SER A 189 -9.76 21.93 18.71
C SER A 189 -8.96 21.90 17.41
N GLU A 190 -9.67 22.03 16.29
CA GLU A 190 -8.97 22.08 15.01
C GLU A 190 -8.11 23.32 14.90
N THR A 191 -8.47 24.39 15.60
CA THR A 191 -7.62 25.59 15.60
C THR A 191 -6.24 25.28 16.15
N VAL A 192 -6.17 24.44 17.18
CA VAL A 192 -4.87 23.99 17.68
C VAL A 192 -4.17 23.12 16.65
N TYR A 193 -4.91 22.23 15.97
CA TYR A 193 -4.29 21.35 14.98
C TYR A 193 -3.66 22.16 13.85
N ASN A 194 -4.43 23.08 13.25
CA ASN A 194 -3.86 23.92 12.21
C ASN A 194 -2.71 24.76 12.74
N ALA A 195 -2.75 25.14 14.02
CA ALA A 195 -1.61 25.81 14.63
C ALA A 195 -0.44 24.87 14.80
N CYS A 196 -0.71 23.59 15.06
CA CYS A 196 0.35 22.61 15.22
C CYS A 196 1.02 22.28 13.89
N MET A 197 0.25 22.27 12.80
CA MET A 197 0.81 21.96 11.48
C MET A 197 1.65 23.10 10.94
N GLU A 198 1.18 24.34 11.09
CA GLU A 198 1.97 25.49 10.64
C GLU A 198 3.24 25.64 11.46
N SER A 199 3.22 25.19 12.71
CA SER A 199 4.42 25.19 13.53
C SER A 199 5.41 24.13 13.07
N PHE A 200 4.91 22.98 12.63
CA PHE A 200 5.79 21.93 12.12
C PHE A 200 6.55 22.37 10.88
N CYS A 201 5.96 23.22 10.04
CA CYS A 201 6.63 23.65 8.83
C CYS A 201 7.88 24.47 9.10
N ASN A 202 8.06 24.95 10.33
CA ASN A 202 9.24 25.72 10.69
C ASN A 202 10.37 24.85 11.21
N LEU A 203 10.14 23.55 11.40
CA LEU A 203 11.17 22.67 11.90
C LEU A 203 12.33 22.57 10.92
N PRO A 204 13.58 22.67 11.38
CA PRO A 204 14.71 22.41 10.48
C PRO A 204 14.70 20.96 10.00
N LEU A 205 15.37 20.73 8.87
CA LEU A 205 15.30 19.43 8.20
C LEU A 205 16.50 18.52 8.48
N ALA A 206 17.68 19.08 8.73
CA ALA A 206 18.90 18.30 8.95
C ALA A 206 19.78 18.99 9.98
N ALA A 207 20.90 18.34 10.33
CA ALA A 207 21.85 18.90 11.28
C ALA A 207 23.21 18.24 11.10
N VAL A 208 24.27 19.03 11.28
CA VAL A 208 25.64 18.55 11.21
C VAL A 208 26.21 18.62 12.62
N MET A 209 26.38 17.46 13.24
CA MET A 209 26.78 17.37 14.63
C MET A 209 28.28 17.19 14.73
N ASN A 210 28.95 18.17 15.34
CA ASN A 210 30.39 18.14 15.59
C ASN A 210 31.18 18.02 14.29
N LYS A 211 30.64 18.56 13.21
CA LYS A 211 31.32 18.61 11.92
C LYS A 211 31.71 17.21 11.42
N GLN A 212 30.98 16.17 11.83
CA GLN A 212 31.30 14.79 11.46
C GLN A 212 30.09 13.97 11.00
N PHE A 213 28.89 14.22 11.52
CA PHE A 213 27.76 13.34 11.26
C PHE A 213 26.60 14.15 10.69
N LEU A 214 26.06 13.71 9.55
CA LEU A 214 24.82 14.30 9.06
C LEU A 214 23.66 13.69 9.83
N CYS A 215 22.81 14.54 10.39
CA CYS A 215 21.72 14.07 11.24
C CYS A 215 20.40 14.43 10.57
N ILE A 216 19.69 13.40 10.08
CA ILE A 216 18.37 13.57 9.47
C ILE A 216 17.42 12.56 10.08
N HIS A 217 16.19 12.52 9.56
CA HIS A 217 15.24 11.54 10.04
C HIS A 217 15.27 10.29 9.17
N GLY A 218 15.09 10.45 7.86
CA GLY A 218 15.01 9.34 6.93
C GLY A 218 16.35 8.90 6.42
N GLY A 219 16.77 9.42 5.26
CA GLY A 219 18.05 9.06 4.68
C GLY A 219 18.45 9.95 3.53
N LEU A 220 19.30 9.43 2.65
CA LEU A 220 19.82 10.18 1.51
C LEU A 220 18.79 10.24 0.39
N SER A 221 19.21 10.74 -0.77
CA SER A 221 18.31 10.96 -1.91
C SER A 221 19.14 11.12 -3.16
N PRO A 222 18.62 10.70 -4.32
CA PRO A 222 19.32 10.99 -5.59
C PRO A 222 19.37 12.47 -5.95
N GLU A 223 18.65 13.33 -5.23
CA GLU A 223 18.76 14.78 -5.41
C GLU A 223 19.65 15.43 -4.35
N LEU A 224 20.06 14.69 -3.33
CA LEU A 224 20.96 15.18 -2.30
C LEU A 224 22.39 14.81 -2.69
N HIS A 225 23.17 15.81 -3.08
CA HIS A 225 24.55 15.61 -3.47
C HIS A 225 25.54 16.25 -2.50
N THR A 226 25.33 17.52 -2.16
CA THR A 226 26.17 18.23 -1.21
C THR A 226 25.28 18.86 -0.15
N LEU A 227 25.89 19.19 1.00
CA LEU A 227 25.12 19.82 2.07
C LEU A 227 24.51 21.14 1.62
N ASP A 228 25.10 21.81 0.63
CA ASP A 228 24.51 23.03 0.10
C ASP A 228 23.14 22.78 -0.53
N ASP A 229 22.85 21.55 -0.91
CA ASP A 229 21.52 21.22 -1.43
C ASP A 229 20.47 21.23 -0.32
N LEU A 230 20.86 20.88 0.90
CA LEU A 230 19.95 21.01 2.03
C LEU A 230 19.73 22.47 2.39
N ARG A 231 20.72 23.33 2.16
CA ARG A 231 20.57 24.73 2.54
C ARG A 231 19.60 25.45 1.62
N SER A 232 19.47 24.98 0.37
CA SER A 232 18.63 25.62 -0.63
C SER A 232 17.17 25.20 -0.58
N ILE A 233 16.80 24.31 0.35
CA ILE A 233 15.42 23.85 0.42
C ILE A 233 14.53 24.95 0.98
N ASN A 234 13.32 25.07 0.44
CA ASN A 234 12.31 25.93 1.06
C ASN A 234 11.51 25.05 2.01
N ARG A 235 11.93 25.00 3.27
CA ARG A 235 11.35 24.05 4.21
C ARG A 235 9.98 24.49 4.73
N PHE A 236 9.51 25.66 4.31
CA PHE A 236 8.26 26.22 4.83
C PHE A 236 7.08 25.83 3.94
N ARG A 237 6.89 24.53 3.82
CA ARG A 237 5.78 23.95 3.07
C ARG A 237 5.53 22.55 3.61
N GLU A 238 4.63 21.83 2.97
CA GLU A 238 4.40 20.45 3.35
C GLU A 238 5.29 19.53 2.53
N PRO A 239 5.71 18.41 3.11
CA PRO A 239 6.55 17.45 2.39
C PRO A 239 5.89 17.01 1.10
N PRO A 240 6.60 17.10 -0.02
CA PRO A 240 6.00 16.78 -1.32
C PRO A 240 5.89 15.28 -1.53
N THR A 241 5.23 14.92 -2.63
CA THR A 241 5.04 13.52 -2.96
C THR A 241 6.36 12.86 -3.39
N GLN A 242 7.29 13.64 -3.93
CA GLN A 242 8.55 13.11 -4.41
C GLN A 242 9.58 14.24 -4.36
N GLY A 243 10.84 13.89 -4.48
CA GLY A 243 11.91 14.86 -4.56
C GLY A 243 12.76 14.85 -3.30
N LEU A 244 13.61 15.88 -3.21
CA LEU A 244 14.57 15.96 -2.12
C LEU A 244 13.87 15.98 -0.77
N MET A 245 12.99 16.96 -0.56
CA MET A 245 12.39 17.15 0.76
C MET A 245 11.56 15.95 1.20
N CYS A 246 11.06 15.15 0.25
CA CYS A 246 10.41 13.90 0.62
C CYS A 246 11.42 12.85 1.06
N ASP A 247 12.43 12.58 0.22
CA ASP A 247 13.33 11.47 0.49
C ASP A 247 14.13 11.69 1.76
N ILE A 248 14.38 12.95 2.11
CA ILE A 248 15.09 13.26 3.36
C ILE A 248 14.35 12.65 4.55
N LEU A 249 13.03 12.65 4.51
CA LEU A 249 12.24 12.15 5.62
C LEU A 249 11.76 10.72 5.43
N TRP A 250 11.94 10.12 4.26
CA TRP A 250 11.35 8.82 3.99
C TRP A 250 12.33 7.72 3.64
N ALA A 251 13.56 8.05 3.25
CA ALA A 251 14.47 7.05 2.69
C ALA A 251 14.95 6.07 3.75
N ASP A 252 15.06 4.79 3.36
CA ASP A 252 15.58 3.72 4.21
C ASP A 252 16.85 3.13 3.61
N PRO A 253 17.72 2.55 4.45
CA PRO A 253 18.81 1.74 3.89
C PRO A 253 18.27 0.44 3.35
N LEU A 254 18.92 -0.08 2.32
CA LEU A 254 18.49 -1.33 1.72
C LEU A 254 18.53 -2.45 2.76
N GLU A 255 17.64 -3.42 2.59
CA GLU A 255 17.52 -4.51 3.56
C GLU A 255 18.85 -5.19 3.80
N ASP A 256 19.53 -5.58 2.74
CA ASP A 256 20.83 -6.22 2.79
C ASP A 256 21.96 -5.18 2.74
N PHE A 257 21.81 -4.12 3.54
CA PHE A 257 22.75 -3.00 3.48
C PHE A 257 24.17 -3.46 3.79
N GLY A 258 25.11 -3.00 2.98
CA GLY A 258 26.49 -3.47 3.10
C GLY A 258 26.73 -4.74 2.32
N SER A 259 25.73 -5.65 2.33
CA SER A 259 25.79 -6.91 1.60
C SER A 259 25.00 -6.86 0.31
N GLU A 260 24.88 -5.69 -0.30
CA GLU A 260 23.99 -5.52 -1.44
C GLU A 260 24.41 -6.39 -2.61
N LYS A 261 23.41 -6.86 -3.36
CA LYS A 261 23.64 -7.61 -4.59
C LYS A 261 23.39 -6.76 -5.83
N THR A 262 23.39 -5.43 -5.70
CA THR A 262 23.22 -4.55 -6.85
C THR A 262 24.20 -3.39 -6.76
N ASN A 263 24.73 -2.98 -7.92
CA ASN A 263 25.60 -1.82 -7.97
C ASN A 263 24.81 -0.50 -8.05
N GLU A 264 23.50 -0.54 -7.83
CA GLU A 264 22.67 0.65 -7.85
C GLU A 264 22.88 1.48 -6.58
N ASN A 265 22.82 2.80 -6.73
CA ASN A 265 22.91 3.70 -5.59
C ASN A 265 21.56 3.96 -4.93
N PHE A 266 20.47 3.87 -5.69
CA PHE A 266 19.13 4.07 -5.13
C PHE A 266 18.16 3.11 -5.80
N LEU A 267 17.19 2.64 -5.02
CA LEU A 267 16.13 1.76 -5.50
C LEU A 267 14.80 2.20 -4.91
N HIS A 268 13.72 1.94 -5.64
CA HIS A 268 12.40 2.39 -5.22
C HIS A 268 11.95 1.66 -3.96
N ASN A 269 11.33 2.42 -3.06
CA ASN A 269 10.94 1.91 -1.75
C ASN A 269 9.52 1.36 -1.85
N HIS A 270 9.41 0.10 -2.24
CA HIS A 270 8.11 -0.54 -2.35
C HIS A 270 7.53 -0.92 -0.99
N VAL A 271 8.28 -0.69 0.10
CA VAL A 271 7.77 -0.90 1.45
C VAL A 271 7.02 0.33 1.95
N ARG A 272 7.64 1.52 1.85
CA ARG A 272 6.96 2.72 2.28
C ARG A 272 5.90 3.17 1.29
N GLY A 273 6.06 2.83 0.02
CA GLY A 273 5.20 3.34 -1.03
C GLY A 273 5.69 4.62 -1.68
N CYS A 274 6.72 5.26 -1.13
CA CYS A 274 7.32 6.43 -1.74
C CYS A 274 8.81 6.48 -1.40
N SER A 275 9.49 7.48 -1.96
CA SER A 275 10.93 7.65 -1.80
C SER A 275 11.73 6.41 -2.19
N TYR A 276 12.95 6.31 -1.69
CA TYR A 276 13.93 5.35 -2.19
C TYR A 276 14.63 4.63 -1.05
N PHE A 277 15.19 3.46 -1.39
CA PHE A 277 16.21 2.80 -0.59
C PHE A 277 17.57 3.32 -1.01
N PHE A 278 18.46 3.52 -0.05
CA PHE A 278 19.83 3.86 -0.40
C PHE A 278 20.76 2.74 0.05
N THR A 279 21.86 2.58 -0.67
CA THR A 279 22.77 1.47 -0.50
C THR A 279 24.06 1.94 0.14
N TYR A 280 24.87 0.96 0.55
CA TYR A 280 26.17 1.24 1.17
C TYR A 280 27.02 2.11 0.26
N ASN A 281 27.11 1.75 -1.03
CA ASN A 281 27.90 2.54 -1.96
C ASN A 281 27.37 3.96 -2.07
N ALA A 282 26.05 4.13 -1.93
CA ALA A 282 25.47 5.47 -1.97
C ALA A 282 25.84 6.29 -0.75
N ALA A 283 25.78 5.68 0.45
CA ALA A 283 26.14 6.40 1.66
C ALA A 283 27.61 6.79 1.64
N CYS A 284 28.49 5.86 1.27
CA CYS A 284 29.92 6.13 1.28
C CYS A 284 30.27 7.28 0.32
N GLN A 285 29.64 7.31 -0.85
CA GLN A 285 29.90 8.40 -1.79
C GLN A 285 29.54 9.75 -1.18
N PHE A 286 28.43 9.80 -0.45
CA PHE A 286 28.02 11.07 0.15
C PHE A 286 28.99 11.49 1.25
N LEU A 287 29.42 10.55 2.08
CA LEU A 287 30.36 10.87 3.14
C LEU A 287 31.71 11.28 2.56
N GLU A 288 32.16 10.62 1.49
CA GLU A 288 33.45 10.94 0.90
C GLU A 288 33.43 12.30 0.21
N ARG A 289 32.33 12.64 -0.46
CA ARG A 289 32.27 13.93 -1.16
C ARG A 289 32.12 15.09 -0.18
N ASN A 290 31.43 14.88 0.94
CA ASN A 290 31.13 15.93 1.89
C ASN A 290 31.96 15.85 3.17
N ASN A 291 33.00 15.02 3.19
CA ASN A 291 33.93 14.95 4.31
C ASN A 291 33.19 14.75 5.63
N LEU A 292 32.31 13.76 5.65
CA LEU A 292 31.54 13.39 6.82
C LEU A 292 31.93 11.99 7.27
N LEU A 293 31.70 11.72 8.55
CA LEU A 293 32.12 10.46 9.13
C LEU A 293 31.02 9.41 9.09
N SER A 294 29.75 9.83 9.23
CA SER A 294 28.64 8.89 9.33
C SER A 294 27.33 9.63 9.12
N ILE A 295 26.25 8.85 9.02
CA ILE A 295 24.90 9.35 8.89
C ILE A 295 24.10 8.84 10.08
N ILE A 296 23.49 9.76 10.82
CA ILE A 296 22.71 9.43 12.01
C ILE A 296 21.26 9.75 11.71
N ARG A 297 20.41 8.73 11.71
CA ARG A 297 19.02 8.88 11.32
C ARG A 297 18.16 7.96 12.21
N ALA A 298 16.85 7.97 11.95
CA ALA A 298 15.91 7.22 12.77
C ALA A 298 14.99 6.35 11.91
N HIS A 299 13.69 6.68 11.91
CA HIS A 299 12.71 6.17 10.96
C HIS A 299 12.31 4.72 11.23
N GLU A 300 13.28 3.80 11.22
CA GLU A 300 12.98 2.38 11.30
C GLU A 300 13.11 1.89 12.74
N ALA A 301 12.05 1.27 13.25
CA ALA A 301 12.08 0.76 14.61
C ALA A 301 13.08 -0.39 14.73
N GLN A 302 14.00 -0.29 15.68
CA GLN A 302 14.99 -1.33 15.93
C GLN A 302 14.66 -2.08 17.22
N ASP A 303 14.66 -3.42 17.16
CA ASP A 303 14.34 -4.23 18.33
C ASP A 303 15.31 -3.99 19.47
N ALA A 304 16.52 -3.55 19.18
CA ALA A 304 17.53 -3.25 20.20
C ALA A 304 17.68 -1.77 20.47
N GLY A 305 16.78 -0.93 19.93
CA GLY A 305 16.80 0.50 20.15
C GLY A 305 17.71 1.25 19.21
N TYR A 306 18.76 0.61 18.71
CA TYR A 306 19.68 1.24 17.77
C TYR A 306 20.18 0.15 16.82
N ARG A 307 20.87 0.57 15.76
CA ARG A 307 21.50 -0.38 14.86
C ARG A 307 22.68 0.27 14.15
N MET A 308 23.83 -0.39 14.22
CA MET A 308 25.03 0.04 13.52
C MET A 308 25.08 -0.63 12.15
N TYR A 309 25.24 0.17 11.09
CA TYR A 309 25.39 -0.34 9.75
C TYR A 309 26.88 -0.47 9.41
N ARG A 310 27.15 -0.91 8.18
CA ARG A 310 28.50 -1.28 7.78
C ARG A 310 29.47 -0.10 7.92
N LYS A 311 30.73 -0.44 8.22
CA LYS A 311 31.79 0.56 8.41
CA LYS A 311 31.75 0.58 8.41
C LYS A 311 32.30 1.05 7.07
N THR A 312 32.59 2.34 6.98
CA THR A 312 33.12 2.91 5.76
C THR A 312 34.51 2.38 5.47
N LYS A 313 34.84 2.27 4.18
CA LYS A 313 36.14 1.76 3.78
C LYS A 313 37.27 2.77 3.97
N THR A 314 36.94 4.04 4.25
CA THR A 314 37.96 5.07 4.40
C THR A 314 38.29 5.36 5.85
N THR A 315 37.30 5.33 6.76
CA THR A 315 37.51 5.73 8.14
C THR A 315 37.26 4.62 9.17
N GLY A 316 36.57 3.55 8.80
CA GLY A 316 36.25 2.50 9.75
C GLY A 316 35.07 2.77 10.64
N PHE A 317 34.48 3.97 10.57
CA PHE A 317 33.28 4.37 11.30
C PHE A 317 32.04 3.88 10.57
N PRO A 318 31.02 3.41 11.29
CA PRO A 318 29.78 2.96 10.64
C PRO A 318 29.23 4.03 9.70
N SER A 319 28.87 3.59 8.48
CA SER A 319 28.37 4.53 7.48
C SER A 319 27.07 5.18 7.92
N VAL A 320 26.17 4.38 8.48
CA VAL A 320 24.85 4.84 8.92
C VAL A 320 24.61 4.30 10.33
N MET A 321 24.00 5.13 11.18
CA MET A 321 23.52 4.70 12.48
C MET A 321 22.03 4.99 12.57
N THR A 322 21.26 4.01 13.02
CA THR A 322 19.83 4.19 13.27
C THR A 322 19.58 4.27 14.76
N ILE A 323 18.80 5.27 15.18
CA ILE A 323 18.50 5.51 16.58
C ILE A 323 16.98 5.58 16.74
N PHE A 324 16.44 4.73 17.60
CA PHE A 324 15.01 4.67 17.87
C PHE A 324 14.78 4.88 19.36
N SER A 325 13.89 5.81 19.70
CA SER A 325 13.71 6.21 21.10
C SER A 325 12.30 5.90 21.61
N ALA A 326 11.57 5.03 20.94
CA ALA A 326 10.21 4.69 21.36
C ALA A 326 10.18 3.27 21.91
N PRO A 327 10.25 3.08 23.22
CA PRO A 327 10.26 1.73 23.77
C PRO A 327 8.89 1.09 23.74
N ASN A 328 8.87 -0.23 23.52
CA ASN A 328 7.63 -0.99 23.38
C ASN A 328 6.69 -0.29 22.40
N TYR A 329 7.22 -0.11 21.19
CA TYR A 329 6.51 0.63 20.15
C TYR A 329 5.15 0.01 19.89
N LEU A 330 4.11 0.85 19.88
CA LEU A 330 2.73 0.44 19.64
C LEU A 330 2.21 -0.54 20.68
N ASP A 331 2.89 -0.66 21.82
CA ASP A 331 2.55 -1.55 22.92
C ASP A 331 2.54 -3.03 22.54
N VAL A 332 3.10 -3.39 21.38
CA VAL A 332 3.08 -4.78 20.93
C VAL A 332 4.47 -5.26 20.57
N TYR A 333 5.36 -4.32 20.21
CA TYR A 333 6.67 -4.70 19.70
C TYR A 333 7.59 -5.21 20.80
N SER A 334 7.45 -4.68 22.02
CA SER A 334 8.26 -5.08 23.16
C SER A 334 9.75 -4.92 22.85
N ASN A 335 10.10 -3.80 22.24
CA ASN A 335 11.46 -3.49 21.85
C ASN A 335 12.08 -2.52 22.86
N LYS A 336 13.36 -2.23 22.68
CA LYS A 336 14.06 -1.26 23.51
C LYS A 336 14.15 0.08 22.79
N ALA A 337 14.43 1.13 23.56
CA ALA A 337 14.69 2.45 23.00
C ALA A 337 16.17 2.76 23.16
N ALA A 338 16.57 3.94 22.68
CA ALA A 338 17.98 4.31 22.74
C ALA A 338 18.12 5.81 22.54
N VAL A 339 19.19 6.34 23.11
CA VAL A 339 19.61 7.71 22.86
C VAL A 339 21.12 7.70 22.67
N LEU A 340 21.61 8.68 21.92
CA LEU A 340 23.01 8.76 21.56
C LEU A 340 23.66 9.82 22.44
N LYS A 341 24.27 9.38 23.54
CA LYS A 341 25.08 10.27 24.37
C LYS A 341 26.46 10.32 23.73
N TYR A 342 26.72 11.37 22.95
CA TYR A 342 27.94 11.47 22.17
C TYR A 342 28.86 12.55 22.73
N GLU A 343 30.11 12.15 23.02
CA GLU A 343 31.25 13.03 23.19
C GLU A 343 32.32 12.59 22.22
N SER A 344 33.31 13.46 21.96
CA SER A 344 34.32 13.11 20.95
C SER A 344 35.22 11.97 21.43
N ASN A 345 35.54 11.95 22.72
CA ASN A 345 36.36 10.86 23.25
C ASN A 345 35.61 9.54 23.22
N VAL A 346 34.34 9.55 23.64
CA VAL A 346 33.58 8.32 23.84
C VAL A 346 32.16 8.49 23.29
N MET A 347 31.65 7.44 22.67
CA MET A 347 30.29 7.38 22.17
C MET A 347 29.55 6.30 22.96
N ASN A 348 28.59 6.72 23.78
CA ASN A 348 27.85 5.81 24.63
C ASN A 348 26.38 5.81 24.21
N ILE A 349 25.87 4.64 23.86
CA ILE A 349 24.49 4.48 23.44
C ILE A 349 23.74 3.79 24.57
N ARG A 350 22.85 4.54 25.22
CA ARG A 350 22.10 4.04 26.37
C ARG A 350 20.71 3.59 25.91
N GLN A 351 20.25 2.49 26.49
CA GLN A 351 18.96 1.92 26.17
C GLN A 351 18.06 1.94 27.39
N PHE A 352 16.76 2.11 27.17
CA PHE A 352 15.79 2.07 28.26
C PHE A 352 14.54 1.33 27.84
N ASN A 353 13.76 0.95 28.84
CA ASN A 353 12.53 0.18 28.67
C ASN A 353 11.32 1.06 28.95
N CYS A 354 10.16 0.56 28.50
CA CYS A 354 8.92 1.32 28.52
C CYS A 354 8.47 1.64 29.95
N THR A 355 7.48 2.52 30.03
CA THR A 355 6.86 2.98 31.27
C THR A 355 5.34 2.88 31.14
N PRO A 356 4.66 2.38 32.17
CA PRO A 356 3.20 2.27 32.09
C PRO A 356 2.56 3.63 31.80
N HIS A 357 1.54 3.61 30.95
CA HIS A 357 0.77 4.80 30.61
C HIS A 357 -0.71 4.49 30.79
N PRO A 358 -1.54 5.51 31.00
CA PRO A 358 -2.98 5.27 31.14
C PRO A 358 -3.57 4.68 29.87
N TYR A 359 -4.72 4.02 30.02
CA TYR A 359 -5.35 3.32 28.90
C TYR A 359 -6.32 4.21 28.15
N TRP A 360 -6.29 4.09 26.82
CA TRP A 360 -7.24 4.75 25.95
C TRP A 360 -7.88 3.69 25.07
N LEU A 361 -9.21 3.78 24.91
CA LEU A 361 -9.89 2.97 23.93
C LEU A 361 -9.42 3.34 22.53
N PRO A 362 -9.57 2.44 21.56
CA PRO A 362 -9.13 2.75 20.19
C PRO A 362 -9.77 4.02 19.67
N ASN A 363 -8.94 4.93 19.15
CA ASN A 363 -9.40 6.17 18.53
C ASN A 363 -10.16 7.06 19.52
N PHE A 364 -9.69 7.07 20.76
CA PHE A 364 -10.22 7.96 21.82
C PHE A 364 -11.72 7.78 22.02
N MET A 365 -12.22 6.57 21.82
CA MET A 365 -13.63 6.29 22.05
C MET A 365 -13.99 6.56 23.51
N ASP A 366 -15.09 7.27 23.72
CA ASP A 366 -15.71 7.29 25.02
C ASP A 366 -16.39 5.96 25.27
N VAL A 367 -16.75 5.74 26.53
CA VAL A 367 -17.24 4.44 26.96
C VAL A 367 -18.54 4.09 26.24
N PHE A 368 -19.41 5.07 26.00
CA PHE A 368 -20.74 4.75 25.49
C PHE A 368 -20.70 4.40 24.00
N THR A 369 -19.93 5.13 23.20
CA THR A 369 -19.77 4.76 21.80
C THR A 369 -19.16 3.37 21.67
N TRP A 370 -18.30 3.00 22.62
CA TRP A 370 -17.64 1.70 22.62
C TRP A 370 -18.57 0.55 23.00
N SER A 371 -19.53 0.79 23.90
CA SER A 371 -20.32 -0.29 24.45
C SER A 371 -21.73 -0.40 23.88
N LEU A 372 -22.29 0.69 23.36
CA LEU A 372 -23.66 0.65 22.87
C LEU A 372 -23.90 -0.38 21.77
N PRO A 373 -23.04 -0.51 20.73
CA PRO A 373 -23.28 -1.56 19.73
C PRO A 373 -23.51 -2.94 20.32
N PHE A 374 -22.70 -3.34 21.31
CA PHE A 374 -22.91 -4.64 21.94
C PHE A 374 -24.21 -4.68 22.72
N VAL A 375 -24.56 -3.56 23.38
CA VAL A 375 -25.86 -3.46 24.05
C VAL A 375 -26.99 -3.50 23.04
N GLY A 376 -26.87 -2.72 21.96
CA GLY A 376 -27.91 -2.72 20.94
C GLY A 376 -28.07 -4.06 20.26
N GLU A 377 -27.01 -4.88 20.22
CA GLU A 377 -27.16 -6.20 19.63
C GLU A 377 -27.81 -7.16 20.61
N LYS A 378 -27.28 -7.24 21.84
CA LYS A 378 -27.74 -8.27 22.77
C LYS A 378 -29.15 -7.99 23.27
N ILE A 379 -29.48 -6.72 23.55
CA ILE A 379 -30.86 -6.38 23.90
C ILE A 379 -31.81 -6.76 22.77
N THR A 380 -31.37 -6.56 21.53
CA THR A 380 -32.18 -6.93 20.38
C THR A 380 -32.28 -8.45 20.23
N ASP A 381 -31.23 -9.18 20.58
CA ASP A 381 -31.28 -10.64 20.51
C ASP A 381 -32.39 -11.20 21.40
N MET A 382 -32.55 -10.63 22.60
CA MET A 382 -33.55 -11.14 23.52
C MET A 382 -34.95 -10.78 23.08
N LEU A 383 -35.17 -9.54 22.65
CA LEU A 383 -36.50 -9.12 22.20
C LEU A 383 -36.98 -9.98 21.04
N ILE A 384 -36.09 -10.35 20.12
CA ILE A 384 -36.48 -11.22 19.02
C ILE A 384 -36.83 -12.60 19.54
N ALA A 385 -36.07 -13.09 20.53
CA ALA A 385 -36.36 -14.43 21.07
C ALA A 385 -37.69 -14.46 21.81
N ILE A 386 -38.12 -13.32 22.37
CA ILE A 386 -39.42 -13.26 23.06
C ILE A 386 -40.56 -13.31 22.04
N LEU A 387 -40.44 -12.55 20.95
CA LEU A 387 -41.42 -12.53 19.86
C LEU A 387 -41.46 -13.86 19.05
N ASN A 388 -40.79 -14.93 19.47
CA ASN A 388 -40.85 -16.21 18.78
C ASN A 388 -40.80 -17.33 19.81
N CYS A 389 -41.73 -17.30 20.75
CA CYS A 389 -41.84 -18.33 21.79
C CYS A 389 -42.60 -19.56 21.30
N GLY B 2 -65.22 -7.14 28.29
CA GLY B 2 -64.80 -6.98 29.67
C GLY B 2 -64.38 -5.55 29.98
N ALA B 3 -65.10 -4.91 30.90
CA ALA B 3 -64.79 -3.52 31.24
C ALA B 3 -63.42 -3.41 31.89
N ALA B 4 -62.97 -4.47 32.57
CA ALA B 4 -61.67 -4.43 33.22
C ALA B 4 -60.56 -4.34 32.17
N GLU B 5 -60.49 -5.35 31.28
CA GLU B 5 -59.45 -5.37 30.26
C GLU B 5 -59.60 -4.24 29.25
N SER B 6 -60.82 -3.72 29.05
CA SER B 6 -61.03 -2.67 28.07
C SER B 6 -60.33 -1.38 28.48
N SER B 7 -60.28 -1.08 29.78
CA SER B 7 -59.62 0.13 30.24
C SER B 7 -58.11 0.06 30.00
N MET B 8 -57.49 -1.08 30.28
CA MET B 8 -56.05 -1.24 30.05
C MET B 8 -55.70 -1.30 28.57
N PHE B 9 -56.65 -1.69 27.71
CA PHE B 9 -56.35 -1.81 26.28
C PHE B 9 -56.32 -0.45 25.60
N ASN B 10 -57.40 0.33 25.74
CA ASN B 10 -57.44 1.63 25.10
C ASN B 10 -56.37 2.56 25.68
N SER B 11 -55.99 2.34 26.93
CA SER B 11 -54.90 3.13 27.53
C SER B 11 -53.58 2.87 26.82
N LEU B 12 -53.20 1.59 26.69
CA LEU B 12 -51.96 1.24 26.01
C LEU B 12 -51.97 1.62 24.55
N GLU B 13 -53.15 1.63 23.92
CA GLU B 13 -53.22 2.01 22.51
C GLU B 13 -52.87 3.48 22.30
N LYS B 14 -52.98 4.30 23.36
CA LYS B 14 -52.66 5.72 23.27
C LYS B 14 -51.21 6.03 23.64
N ASN B 15 -50.62 5.29 24.57
CA ASN B 15 -49.25 5.53 25.02
C ASN B 15 -48.22 4.77 24.19
N SER B 16 -48.47 3.49 23.93
CA SER B 16 -47.55 2.67 23.16
C SER B 16 -47.51 3.10 21.70
N ASN B 17 -46.36 2.86 21.05
CA ASN B 17 -46.20 3.09 19.63
C ASN B 17 -46.83 1.98 18.79
N PHE B 18 -47.69 1.16 19.39
CA PHE B 18 -48.35 0.07 18.69
C PHE B 18 -49.79 0.45 18.37
N SER B 19 -50.47 -0.45 17.69
CA SER B 19 -51.88 -0.35 17.36
C SER B 19 -52.63 -1.51 17.99
N GLY B 20 -53.95 -1.42 17.95
CA GLY B 20 -54.83 -2.44 18.51
C GLY B 20 -54.49 -3.85 18.06
N PRO B 21 -54.42 -4.08 16.75
CA PRO B 21 -54.08 -5.43 16.28
C PRO B 21 -52.74 -5.94 16.79
N GLU B 22 -51.76 -5.05 16.92
CA GLU B 22 -50.45 -5.47 17.42
C GLU B 22 -50.52 -5.86 18.90
N LEU B 23 -51.27 -5.09 19.70
CA LEU B 23 -51.39 -5.40 21.12
C LEU B 23 -52.02 -6.77 21.35
N MET B 24 -52.86 -7.24 20.43
CA MET B 24 -53.41 -8.58 20.57
C MET B 24 -52.33 -9.64 20.37
N ARG B 25 -51.40 -9.42 19.44
CA ARG B 25 -50.32 -10.37 19.25
C ARG B 25 -49.32 -10.33 20.40
N LEU B 26 -49.12 -9.16 21.01
CA LEU B 26 -48.25 -9.10 22.18
C LEU B 26 -48.86 -9.83 23.36
N LYS B 27 -50.17 -9.67 23.58
CA LYS B 27 -50.86 -10.44 24.61
C LYS B 27 -50.72 -11.93 24.38
N LYS B 28 -50.71 -12.37 23.12
CA LYS B 28 -50.53 -13.78 22.82
C LYS B 28 -49.19 -14.29 23.33
N ARG B 29 -48.09 -13.65 22.92
CA ARG B 29 -46.78 -14.10 23.37
C ARG B 29 -46.57 -13.82 24.86
N PHE B 30 -47.19 -12.76 25.37
CA PHE B 30 -47.09 -12.48 26.81
C PHE B 30 -47.60 -13.67 27.62
N MET B 31 -48.77 -14.18 27.27
CA MET B 31 -49.28 -15.36 27.95
C MET B 31 -48.48 -16.62 27.60
N LYS B 32 -47.78 -16.65 26.47
CA LYS B 32 -46.99 -17.83 26.11
C LYS B 32 -45.80 -18.01 27.04
N LEU B 33 -45.29 -16.93 27.63
CA LEU B 33 -44.19 -17.00 28.59
C LEU B 33 -44.69 -17.23 30.01
N ASP B 34 -45.79 -16.56 30.37
CA ASP B 34 -46.38 -16.66 31.71
C ASP B 34 -46.93 -18.08 31.89
N LYS B 35 -46.04 -19.00 32.24
CA LYS B 35 -46.40 -20.41 32.32
C LYS B 35 -47.31 -20.71 33.50
N ASP B 36 -47.16 -19.96 34.60
CA ASP B 36 -47.99 -20.16 35.78
C ASP B 36 -49.24 -19.29 35.79
N GLY B 37 -49.50 -18.58 34.70
CA GLY B 37 -50.72 -17.77 34.59
C GLY B 37 -50.88 -16.71 35.67
N SER B 38 -49.79 -16.23 36.24
CA SER B 38 -49.88 -15.29 37.36
C SER B 38 -50.13 -13.86 36.91
N GLY B 39 -50.32 -13.62 35.61
CA GLY B 39 -50.49 -12.27 35.11
C GLY B 39 -49.22 -11.45 35.02
N SER B 40 -48.07 -12.03 35.34
CA SER B 40 -46.80 -11.34 35.24
C SER B 40 -45.72 -12.36 34.90
N ILE B 41 -44.50 -11.89 34.68
CA ILE B 41 -43.37 -12.73 34.32
C ILE B 41 -42.30 -12.61 35.39
N ASP B 42 -41.87 -13.75 35.93
CA ASP B 42 -40.81 -13.79 36.94
C ASP B 42 -39.44 -13.90 36.28
N LYS B 43 -38.39 -13.66 37.06
CA LYS B 43 -37.03 -13.77 36.52
C LYS B 43 -36.71 -15.20 36.12
N ASP B 44 -37.21 -16.18 36.87
CA ASP B 44 -37.04 -17.57 36.44
C ASP B 44 -37.85 -17.89 35.20
N GLU B 45 -39.01 -17.24 35.03
CA GLU B 45 -39.80 -17.41 33.82
C GLU B 45 -39.10 -16.82 32.61
N PHE B 46 -38.36 -15.73 32.78
CA PHE B 46 -37.60 -15.14 31.68
C PHE B 46 -36.42 -16.01 31.31
N LEU B 47 -35.56 -16.33 32.28
CA LEU B 47 -34.36 -17.10 32.01
C LEU B 47 -34.69 -18.52 31.54
N GLN B 48 -35.96 -18.92 31.58
CA GLN B 48 -36.38 -20.19 30.98
C GLN B 48 -36.31 -20.17 29.46
N ILE B 49 -36.18 -19.01 28.83
CA ILE B 49 -36.05 -18.94 27.38
C ILE B 49 -34.61 -19.29 26.99
N PRO B 50 -34.35 -19.72 25.74
CA PRO B 50 -32.98 -20.11 25.37
C PRO B 50 -32.01 -18.94 25.28
N GLN B 51 -32.22 -18.04 24.30
CA GLN B 51 -31.27 -16.96 24.06
C GLN B 51 -31.12 -16.03 25.27
N ILE B 52 -32.13 -16.00 26.15
CA ILE B 52 -32.08 -15.08 27.28
C ILE B 52 -31.09 -15.55 28.35
N ALA B 53 -30.94 -16.87 28.52
CA ALA B 53 -30.16 -17.39 29.63
C ALA B 53 -28.69 -17.02 29.50
N ASN B 54 -28.09 -17.26 28.34
CA ASN B 54 -26.69 -16.94 28.09
C ASN B 54 -26.57 -15.56 27.43
N ASN B 55 -27.03 -14.55 28.15
CA ASN B 55 -27.03 -13.17 27.65
C ASN B 55 -26.53 -12.25 28.76
N PRO B 56 -25.48 -11.46 28.53
CA PRO B 56 -24.94 -10.61 29.60
C PRO B 56 -25.83 -9.44 29.97
N LEU B 57 -26.82 -9.10 29.15
CA LEU B 57 -27.73 -8.00 29.45
C LEU B 57 -29.12 -8.50 29.82
N ALA B 58 -29.23 -9.74 30.28
CA ALA B 58 -30.53 -10.27 30.66
C ALA B 58 -31.05 -9.58 31.91
N HIS B 59 -30.22 -9.47 32.95
CA HIS B 59 -30.66 -8.83 34.18
C HIS B 59 -30.90 -7.34 33.98
N ARG B 60 -30.22 -6.71 33.02
CA ARG B 60 -30.49 -5.30 32.76
C ARG B 60 -31.84 -5.12 32.08
N MET B 61 -32.15 -5.98 31.11
CA MET B 61 -33.40 -5.83 30.37
C MET B 61 -34.60 -6.00 31.29
N ILE B 62 -34.58 -7.04 32.12
CA ILE B 62 -35.68 -7.30 33.03
C ILE B 62 -35.88 -6.14 34.00
N ALA B 63 -34.77 -5.56 34.48
CA ALA B 63 -34.87 -4.46 35.44
C ALA B 63 -35.52 -3.23 34.82
N ILE B 64 -35.19 -2.95 33.55
CA ILE B 64 -35.76 -1.79 32.88
C ILE B 64 -37.24 -2.00 32.60
N PHE B 65 -37.63 -3.23 32.28
CA PHE B 65 -39.03 -3.55 32.05
C PHE B 65 -39.86 -3.34 33.31
N ASP B 66 -39.29 -3.66 34.47
CA ASP B 66 -39.97 -3.51 35.75
C ASP B 66 -39.95 -2.04 36.17
N GLU B 67 -40.88 -1.26 35.60
CA GLU B 67 -40.88 0.19 35.84
C GLU B 67 -41.22 0.53 37.29
N ASP B 68 -42.04 -0.28 37.94
CA ASP B 68 -42.34 -0.06 39.35
C ASP B 68 -41.29 -0.68 40.28
N GLY B 69 -40.76 -1.84 39.91
CA GLY B 69 -39.78 -2.53 40.74
C GLY B 69 -40.39 -3.54 41.68
N SER B 70 -41.14 -4.50 41.14
CA SER B 70 -41.79 -5.55 41.93
C SER B 70 -41.25 -6.94 41.62
N GLY B 71 -40.14 -7.03 40.89
CA GLY B 71 -39.59 -8.30 40.46
C GLY B 71 -40.40 -9.02 39.41
N THR B 72 -41.46 -8.41 38.88
CA THR B 72 -42.31 -9.05 37.90
C THR B 72 -42.64 -8.06 36.79
N VAL B 73 -42.88 -8.59 35.59
CA VAL B 73 -43.17 -7.76 34.42
C VAL B 73 -44.61 -8.09 34.01
N ASP B 74 -45.53 -7.19 34.32
CA ASP B 74 -46.91 -7.36 33.89
C ASP B 74 -47.05 -6.90 32.43
N PHE B 75 -48.27 -7.04 31.88
CA PHE B 75 -48.46 -6.69 30.47
C PHE B 75 -48.26 -5.20 30.23
N GLN B 76 -48.69 -4.35 31.17
CA GLN B 76 -48.49 -2.91 31.01
C GLN B 76 -47.01 -2.57 30.93
N GLU B 77 -46.18 -3.26 31.71
CA GLU B 77 -44.73 -3.09 31.64
C GLU B 77 -44.13 -3.77 30.42
N PHE B 78 -44.67 -4.93 30.04
CA PHE B 78 -44.21 -5.65 28.87
C PHE B 78 -44.41 -4.82 27.61
N VAL B 79 -45.54 -4.11 27.54
CA VAL B 79 -45.80 -3.25 26.38
C VAL B 79 -44.96 -1.98 26.46
N GLY B 80 -44.75 -1.45 27.66
CA GLY B 80 -43.95 -0.25 27.80
CA GLY B 80 -43.95 -0.25 27.80
C GLY B 80 -42.52 -0.44 27.36
N GLY B 81 -41.93 -1.58 27.73
CA GLY B 81 -40.54 -1.83 27.38
C GLY B 81 -40.34 -2.06 25.89
N LEU B 82 -41.31 -2.69 25.22
CA LEU B 82 -41.19 -2.96 23.80
C LEU B 82 -41.47 -1.74 22.94
N SER B 83 -42.25 -0.77 23.44
CA SER B 83 -42.64 0.38 22.66
C SER B 83 -41.43 1.19 22.19
N ALA B 84 -40.36 1.18 22.99
CA ALA B 84 -39.19 1.98 22.63
C ALA B 84 -38.52 1.48 21.36
N PHE B 85 -38.69 0.19 21.05
CA PHE B 85 -38.03 -0.44 19.91
C PHE B 85 -38.89 -0.49 18.66
N SER B 86 -40.05 0.18 18.69
CA SER B 86 -40.92 0.23 17.52
C SER B 86 -40.26 1.02 16.39
N SER B 87 -40.41 0.51 15.16
CA SER B 87 -39.94 1.25 14.00
C SER B 87 -40.64 2.60 13.88
N LYS B 88 -41.88 2.71 14.35
CA LYS B 88 -42.56 3.99 14.42
C LYS B 88 -42.21 4.77 15.67
N GLY B 89 -41.24 4.30 16.46
CA GLY B 89 -40.90 4.96 17.70
C GLY B 89 -39.97 6.14 17.50
N GLY B 90 -40.05 7.09 18.44
CA GLY B 90 -39.23 8.28 18.35
C GLY B 90 -37.77 8.03 18.72
N ARG B 91 -36.93 9.01 18.38
CA ARG B 91 -35.51 8.91 18.70
C ARG B 91 -35.26 9.03 20.19
N ASP B 92 -35.93 9.97 20.85
CA ASP B 92 -35.76 10.17 22.27
C ASP B 92 -36.16 8.94 23.08
N GLU B 93 -37.15 8.17 22.60
CA GLU B 93 -37.57 6.99 23.33
C GLU B 93 -36.47 5.93 23.33
N LYS B 94 -35.76 5.76 22.21
CA LYS B 94 -34.72 4.75 22.14
C LYS B 94 -33.51 5.14 22.98
N LEU B 95 -33.18 6.43 23.04
CA LEU B 95 -32.06 6.86 23.86
C LEU B 95 -32.32 6.62 25.34
N ARG B 96 -33.56 6.79 25.79
CA ARG B 96 -33.88 6.61 27.20
C ARG B 96 -33.71 5.16 27.64
N PHE B 97 -33.98 4.20 26.77
CA PHE B 97 -33.78 2.80 27.15
C PHE B 97 -32.30 2.49 27.31
N ALA B 98 -31.46 3.05 26.44
CA ALA B 98 -30.02 2.87 26.59
C ALA B 98 -29.52 3.51 27.87
N PHE B 99 -30.01 4.71 28.19
CA PHE B 99 -29.59 5.37 29.42
C PHE B 99 -29.91 4.51 30.64
N LYS B 100 -31.07 3.85 30.64
CA LYS B 100 -31.46 3.04 31.78
C LYS B 100 -30.62 1.78 31.92
N VAL B 101 -29.88 1.40 30.88
CA VAL B 101 -29.00 0.23 30.96
C VAL B 101 -27.86 0.49 31.95
N TYR B 102 -27.32 1.71 31.95
CA TYR B 102 -26.24 2.07 32.86
C TYR B 102 -26.74 2.72 34.15
N ASP B 103 -27.99 3.16 34.20
CA ASP B 103 -28.54 3.76 35.41
C ASP B 103 -29.23 2.67 36.21
N MET B 104 -28.46 2.00 37.07
CA MET B 104 -28.99 0.84 37.78
C MET B 104 -29.97 1.26 38.88
N ASP B 105 -29.64 2.30 39.62
CA ASP B 105 -30.49 2.75 40.73
C ASP B 105 -31.67 3.60 40.26
N ARG B 106 -31.76 3.88 38.97
CA ARG B 106 -32.88 4.61 38.38
C ARG B 106 -33.08 5.98 39.02
N ASP B 107 -31.97 6.61 39.44
CA ASP B 107 -32.00 7.94 40.04
C ASP B 107 -31.77 9.05 39.02
N GLY B 108 -31.75 8.72 37.73
CA GLY B 108 -31.63 9.71 36.68
C GLY B 108 -30.21 10.15 36.36
N TYR B 109 -29.22 9.68 37.10
CA TYR B 109 -27.82 10.00 36.85
C TYR B 109 -27.01 8.71 36.71
N ILE B 110 -25.94 8.78 35.92
CA ILE B 110 -24.97 7.70 35.78
C ILE B 110 -23.71 8.10 36.53
N SER B 111 -23.27 7.25 37.44
CA SER B 111 -22.13 7.54 38.30
C SER B 111 -20.91 6.74 37.86
N ASN B 112 -19.77 7.08 38.46
CA ASN B 112 -18.53 6.35 38.19
C ASN B 112 -18.68 4.87 38.52
N GLY B 113 -19.25 4.57 39.69
CA GLY B 113 -19.43 3.18 40.07
C GLY B 113 -20.44 2.47 39.18
N GLU B 114 -21.54 3.13 38.87
CA GLU B 114 -22.54 2.54 37.99
C GLU B 114 -21.93 2.17 36.65
N LEU B 115 -21.19 3.09 36.04
CA LEU B 115 -20.61 2.85 34.73
C LEU B 115 -19.61 1.71 34.78
N TYR B 116 -18.71 1.72 35.77
CA TYR B 116 -17.72 0.66 35.88
C TYR B 116 -18.38 -0.70 36.08
N LEU B 117 -19.36 -0.79 36.97
CA LEU B 117 -19.95 -2.09 37.26
C LEU B 117 -20.68 -2.64 36.05
N VAL B 118 -21.44 -1.81 35.35
CA VAL B 118 -22.22 -2.28 34.20
C VAL B 118 -21.29 -2.79 33.11
N LEU B 119 -20.20 -2.06 32.85
CA LEU B 119 -19.29 -2.45 31.78
C LEU B 119 -18.53 -3.73 32.15
N LYS B 120 -17.97 -3.77 33.37
CA LYS B 120 -17.20 -4.94 33.80
C LYS B 120 -18.02 -6.22 33.64
N GLN B 121 -19.32 -6.15 33.90
CA GLN B 121 -20.20 -7.30 33.67
C GLN B 121 -20.18 -7.74 32.22
N MET B 122 -20.23 -6.79 31.29
CA MET B 122 -20.22 -7.13 29.88
C MET B 122 -18.82 -7.46 29.39
N VAL B 123 -17.83 -6.71 29.87
CA VAL B 123 -16.46 -6.86 29.37
C VAL B 123 -15.86 -8.16 29.87
N GLY B 124 -15.78 -8.31 31.20
CA GLY B 124 -15.14 -9.47 31.77
C GLY B 124 -13.70 -9.18 32.12
N ASN B 125 -12.82 -10.15 31.94
CA ASN B 125 -11.41 -9.97 32.23
C ASN B 125 -10.62 -9.44 31.05
N ASN B 126 -11.25 -9.26 29.88
CA ASN B 126 -10.53 -8.82 28.71
C ASN B 126 -9.96 -7.42 28.88
N LEU B 127 -10.51 -6.64 29.79
CA LEU B 127 -9.91 -5.38 30.21
C LEU B 127 -9.48 -5.50 31.66
N LYS B 128 -8.30 -4.98 31.97
CA LYS B 128 -7.88 -4.93 33.35
C LYS B 128 -8.78 -3.95 34.11
N ASP B 129 -8.98 -4.25 35.40
CA ASP B 129 -9.83 -3.39 36.21
C ASP B 129 -9.31 -1.96 36.23
N GLN B 130 -7.99 -1.79 36.23
CA GLN B 130 -7.42 -0.45 36.20
C GLN B 130 -7.72 0.24 34.88
N GLN B 131 -7.77 -0.52 33.78
CA GLN B 131 -7.99 0.08 32.47
C GLN B 131 -9.43 0.56 32.32
N LEU B 132 -10.40 -0.22 32.82
CA LEU B 132 -11.80 0.19 32.73
C LEU B 132 -12.08 1.40 33.61
N GLN B 133 -11.50 1.44 34.82
CA GLN B 133 -11.69 2.60 35.67
C GLN B 133 -11.13 3.86 35.01
N GLN B 134 -10.01 3.75 34.29
CA GLN B 134 -9.42 4.93 33.67
C GLN B 134 -10.30 5.46 32.55
N ILE B 135 -10.76 4.58 31.66
CA ILE B 135 -11.59 5.03 30.55
C ILE B 135 -12.97 5.49 31.03
N VAL B 136 -13.43 5.00 32.18
CA VAL B 136 -14.64 5.56 32.77
C VAL B 136 -14.37 6.96 33.32
N ASP B 137 -13.21 7.17 33.93
CA ASP B 137 -12.87 8.48 34.47
C ASP B 137 -12.87 9.54 33.36
N LYS B 138 -12.24 9.25 32.23
CA LYS B 138 -12.16 10.24 31.16
C LYS B 138 -13.52 10.46 30.50
N THR B 139 -14.34 9.40 30.40
CA THR B 139 -15.63 9.53 29.73
C THR B 139 -16.55 10.47 30.48
N ILE B 140 -16.53 10.40 31.80
CA ILE B 140 -17.40 11.24 32.61
C ILE B 140 -16.95 12.69 32.56
N MET B 141 -15.65 12.95 32.75
CA MET B 141 -15.17 14.33 32.79
C MET B 141 -15.38 15.04 31.46
N GLU B 142 -15.31 14.32 30.34
CA GLU B 142 -15.58 14.93 29.04
C GLU B 142 -17.07 15.18 28.84
N ALA B 143 -17.92 14.36 29.47
CA ALA B 143 -19.36 14.48 29.28
C ALA B 143 -20.01 15.38 30.33
N ASP B 144 -19.41 15.48 31.50
CA ASP B 144 -19.91 16.36 32.53
C ASP B 144 -19.71 17.81 32.13
N LYS B 145 -20.76 18.62 32.26
CA LYS B 145 -20.66 20.03 31.96
C LYS B 145 -21.12 20.94 33.10
N ASP B 146 -21.70 20.39 34.16
CA ASP B 146 -22.07 21.16 35.35
C ASP B 146 -21.26 20.77 36.58
N GLY B 147 -20.18 20.01 36.41
CA GLY B 147 -19.28 19.71 37.51
C GLY B 147 -19.84 18.86 38.64
N ASP B 148 -20.97 18.20 38.44
CA ASP B 148 -21.55 17.36 39.48
C ASP B 148 -20.85 16.02 39.61
N GLY B 149 -19.97 15.67 38.67
CA GLY B 149 -19.36 14.35 38.66
C GLY B 149 -20.27 13.22 38.28
N LYS B 150 -21.51 13.51 37.86
CA LYS B 150 -22.46 12.50 37.41
C LYS B 150 -22.97 12.90 36.04
N LEU B 151 -23.48 11.92 35.30
CA LEU B 151 -23.92 12.10 33.92
C LEU B 151 -25.45 12.08 33.87
N SER B 152 -26.04 13.19 33.45
CA SER B 152 -27.48 13.27 33.26
C SER B 152 -27.84 12.80 31.85
N PHE B 153 -29.15 12.65 31.61
CA PHE B 153 -29.60 12.20 30.30
C PHE B 153 -29.19 13.17 29.20
N GLU B 154 -29.24 14.48 29.49
CA GLU B 154 -28.85 15.45 28.48
C GLU B 154 -27.36 15.36 28.16
N GLU B 155 -26.53 15.11 29.18
CA GLU B 155 -25.11 14.94 28.95
C GLU B 155 -24.81 13.61 28.26
N PHE B 156 -25.65 12.61 28.49
CA PHE B 156 -25.53 11.34 27.79
C PHE B 156 -25.92 11.46 26.33
N THR B 157 -26.93 12.28 26.02
CA THR B 157 -27.33 12.46 24.62
C THR B 157 -26.31 13.30 23.86
N GLN B 158 -25.81 14.37 24.48
CA GLN B 158 -24.80 15.21 23.85
C GLN B 158 -23.45 14.50 23.69
N MET B 159 -23.36 13.24 24.10
CA MET B 159 -22.15 12.43 23.91
C MET B 159 -22.33 11.32 22.89
N VAL B 160 -23.51 10.70 22.83
CA VAL B 160 -23.78 9.64 21.86
C VAL B 160 -24.47 10.20 20.62
N ALA B 161 -24.38 11.51 20.38
CA ALA B 161 -24.96 12.07 19.17
C ALA B 161 -24.35 11.45 17.93
N SER B 162 -23.03 11.20 17.93
CA SER B 162 -22.38 10.58 16.79
C SER B 162 -22.91 9.17 16.54
N THR B 163 -23.13 8.39 17.59
CA THR B 163 -23.65 7.04 17.45
C THR B 163 -25.10 7.07 16.94
N ASP B 164 -25.41 6.17 16.02
CA ASP B 164 -26.76 6.04 15.49
C ASP B 164 -27.49 4.97 16.30
N ILE B 165 -28.22 5.40 17.33
CA ILE B 165 -28.92 4.44 18.20
C ILE B 165 -30.17 3.91 17.53
N VAL B 166 -30.78 4.70 16.63
CA VAL B 166 -31.99 4.25 15.95
C VAL B 166 -31.75 2.91 15.25
N LYS B 167 -30.60 2.75 14.61
CA LYS B 167 -30.29 1.47 13.99
C LYS B 167 -30.04 0.39 15.03
N GLN B 168 -29.40 0.75 16.14
CA GLN B 168 -29.14 -0.22 17.20
C GLN B 168 -30.43 -0.66 17.87
N MET B 169 -31.31 0.29 18.16
CA MET B 169 -32.49 0.07 18.99
C MET B 169 -33.75 0.11 18.11
N THR B 170 -33.96 -0.95 17.33
CA THR B 170 -35.14 -1.06 16.48
C THR B 170 -35.28 -2.50 16.02
N LEU B 171 -36.53 -2.90 15.79
CA LEU B 171 -36.84 -4.24 15.29
C LEU B 171 -37.51 -4.21 13.91
N GLU B 172 -38.48 -3.32 13.72
CA GLU B 172 -39.13 -3.09 12.43
C GLU B 172 -40.00 -4.28 11.99
N ASP B 173 -39.35 -5.39 11.61
CA ASP B 173 -40.10 -6.54 11.11
C ASP B 173 -40.98 -7.16 12.19
N LEU B 174 -40.63 -6.95 13.47
CA LEU B 174 -41.39 -7.52 14.58
C LEU B 174 -42.82 -7.00 14.63
N PHE B 175 -43.60 -7.50 15.59
CA PHE B 175 -44.99 -7.10 15.82
C PHE B 175 -45.87 -7.43 14.61
N GLY C 12 -14.63 -17.21 2.97
CA GLY C 12 -14.82 -15.87 3.48
C GLY C 12 -13.68 -15.37 4.35
N VAL C 13 -12.97 -16.30 5.00
CA VAL C 13 -11.84 -15.99 5.87
C VAL C 13 -10.69 -16.95 5.54
N THR C 14 -9.47 -16.42 5.47
CA THR C 14 -8.30 -17.21 5.15
C THR C 14 -7.34 -17.24 6.35
N VAL C 15 -6.78 -18.42 6.62
CA VAL C 15 -5.91 -18.63 7.76
C VAL C 15 -4.50 -18.87 7.24
N GLU C 16 -3.58 -17.97 7.58
CA GLU C 16 -2.19 -18.06 7.19
C GLU C 16 -1.37 -18.43 8.42
N ASN C 17 -0.62 -19.53 8.32
CA ASN C 17 0.14 -20.03 9.46
C ASN C 17 1.47 -19.31 9.60
N ILE C 18 1.74 -18.82 10.81
CA ILE C 18 3.04 -18.23 11.15
C ILE C 18 3.89 -19.26 11.87
N LYS C 19 3.44 -19.70 13.06
CA LYS C 19 4.13 -20.68 13.87
C LYS C 19 3.27 -21.93 14.03
N GLU C 20 3.92 -23.09 14.05
CA GLU C 20 3.18 -24.34 14.17
C GLU C 20 2.54 -24.46 15.55
N GLY C 21 1.39 -25.15 15.57
CA GLY C 21 0.78 -25.58 16.82
C GLY C 21 1.05 -27.05 17.07
N ASN C 22 0.43 -27.58 18.12
CA ASN C 22 0.65 -28.99 18.40
C ASN C 22 -0.13 -29.90 17.45
N GLY C 23 -1.06 -29.34 16.67
CA GLY C 23 -1.80 -30.15 15.73
C GLY C 23 -2.69 -31.21 16.33
N VAL C 24 -3.00 -31.11 17.62
CA VAL C 24 -3.83 -32.10 18.30
C VAL C 24 -5.00 -31.40 18.99
N ASP C 25 -4.73 -30.33 19.72
CA ASP C 25 -5.76 -29.59 20.43
C ASP C 25 -6.25 -28.46 19.53
N LYS C 26 -7.39 -28.69 18.88
CA LYS C 26 -8.02 -27.67 18.07
C LYS C 26 -9.39 -27.32 18.66
N PRO C 27 -9.75 -26.04 18.70
CA PRO C 27 -11.02 -25.66 19.31
C PRO C 27 -12.21 -26.19 18.52
N VAL C 28 -13.33 -26.38 19.22
CA VAL C 28 -14.58 -26.79 18.61
C VAL C 28 -15.68 -25.84 19.09
N LYS C 29 -16.87 -26.02 18.51
CA LYS C 29 -18.00 -25.18 18.89
C LYS C 29 -18.33 -25.37 20.36
N GLY C 30 -18.25 -24.28 21.13
CA GLY C 30 -18.53 -24.31 22.54
C GLY C 30 -17.32 -24.16 23.43
N ASP C 31 -16.12 -24.34 22.89
CA ASP C 31 -14.90 -24.25 23.68
C ASP C 31 -14.58 -22.80 24.01
N ASN C 32 -13.93 -22.61 25.15
CA ASN C 32 -13.52 -21.29 25.62
C ASN C 32 -12.05 -21.09 25.25
N VAL C 33 -11.80 -20.20 24.29
CA VAL C 33 -10.44 -19.95 23.82
C VAL C 33 -9.90 -18.69 24.50
N THR C 34 -8.57 -18.62 24.61
CA THR C 34 -7.87 -17.45 25.13
C THR C 34 -6.81 -17.05 24.12
N ILE C 35 -6.96 -15.88 23.50
CA ILE C 35 -6.19 -15.51 22.33
C ILE C 35 -5.64 -14.09 22.49
N HIS C 36 -4.34 -13.95 22.29
CA HIS C 36 -3.72 -12.65 22.07
C HIS C 36 -3.77 -12.33 20.58
N TYR C 37 -3.97 -11.05 20.27
CA TYR C 37 -4.15 -10.66 18.87
C TYR C 37 -3.65 -9.24 18.67
N VAL C 38 -3.57 -8.86 17.40
CA VAL C 38 -3.26 -7.49 17.01
C VAL C 38 -3.93 -7.24 15.67
N GLY C 39 -4.84 -6.28 15.63
CA GLY C 39 -5.69 -6.06 14.47
C GLY C 39 -5.18 -4.89 13.64
N THR C 40 -4.99 -5.15 12.35
CA THR C 40 -4.48 -4.18 11.40
C THR C 40 -5.39 -4.14 10.17
N LEU C 41 -5.48 -2.97 9.55
CA LEU C 41 -6.25 -2.81 8.33
C LEU C 41 -5.41 -3.28 7.14
N LEU C 42 -5.93 -3.15 5.92
CA LEU C 42 -5.15 -3.53 4.75
C LEU C 42 -3.88 -2.69 4.64
N ASP C 43 -3.95 -1.43 5.02
CA ASP C 43 -2.79 -0.56 4.97
C ASP C 43 -1.82 -0.79 6.11
N GLY C 44 -2.02 -1.82 6.93
CA GLY C 44 -1.13 -2.12 8.03
C GLY C 44 -1.30 -1.28 9.27
N SER C 45 -2.00 -0.15 9.19
CA SER C 45 -2.23 0.69 10.35
C SER C 45 -3.06 -0.06 11.39
N LYS C 46 -2.52 -0.19 12.60
CA LYS C 46 -3.19 -0.95 13.64
C LYS C 46 -4.43 -0.21 14.14
N PHE C 47 -5.46 -0.99 14.52
CA PHE C 47 -6.65 -0.41 15.13
C PHE C 47 -6.91 -0.91 16.54
N ASP C 48 -6.43 -2.09 16.90
CA ASP C 48 -6.57 -2.59 18.26
C ASP C 48 -5.72 -3.84 18.43
N SER C 49 -5.34 -4.10 19.68
CA SER C 49 -4.52 -5.26 20.01
C SER C 49 -4.72 -5.59 21.48
N SER C 50 -4.90 -6.88 21.79
CA SER C 50 -4.98 -7.27 23.19
C SER C 50 -3.66 -7.01 23.90
N ARG C 51 -2.55 -7.06 23.15
CA ARG C 51 -1.25 -6.76 23.75
C ARG C 51 -1.13 -5.29 24.17
N ASP C 52 -1.97 -4.41 23.62
CA ASP C 52 -2.06 -3.05 24.16
C ASP C 52 -2.48 -3.09 25.62
N ARG C 53 -3.41 -3.96 25.96
CA ARG C 53 -4.01 -4.06 27.28
C ARG C 53 -3.30 -5.07 28.17
N GLY C 54 -2.29 -5.75 27.67
CA GLY C 54 -1.51 -6.67 28.48
C GLY C 54 -2.31 -7.80 29.10
N THR C 55 -3.38 -8.21 28.43
CA THR C 55 -4.25 -9.23 28.92
C THR C 55 -4.82 -9.93 27.69
N PRO C 56 -4.75 -11.25 27.62
CA PRO C 56 -5.34 -11.96 26.49
C PRO C 56 -6.85 -11.84 26.48
N PHE C 57 -7.41 -12.04 25.29
CA PHE C 57 -8.85 -11.95 25.05
C PHE C 57 -9.47 -13.34 25.14
N VAL C 58 -10.58 -13.46 25.88
CA VAL C 58 -11.27 -14.73 26.07
C VAL C 58 -12.68 -14.62 25.49
N CYS C 59 -13.18 -15.73 24.94
CA CYS C 59 -14.53 -15.78 24.41
C CYS C 59 -14.92 -17.24 24.18
N ARG C 60 -16.22 -17.47 24.04
CA ARG C 60 -16.73 -18.80 23.71
C ARG C 60 -16.87 -18.89 22.19
N ILE C 61 -16.01 -19.68 21.56
CA ILE C 61 -15.92 -19.70 20.11
C ILE C 61 -17.09 -20.50 19.54
N GLY C 62 -17.52 -20.12 18.35
CA GLY C 62 -18.53 -20.88 17.64
C GLY C 62 -19.94 -20.74 18.17
N GLN C 63 -20.26 -19.61 18.81
CA GLN C 63 -21.60 -19.37 19.34
C GLN C 63 -22.11 -17.97 18.98
N GLY C 64 -21.57 -17.36 17.93
CA GLY C 64 -22.00 -16.03 17.54
C GLY C 64 -21.50 -14.89 18.43
N GLN C 65 -20.64 -15.19 19.41
CA GLN C 65 -20.19 -14.18 20.35
C GLN C 65 -19.19 -13.20 19.74
N VAL C 66 -18.53 -13.57 18.64
CA VAL C 66 -17.57 -12.72 17.96
C VAL C 66 -17.86 -12.77 16.46
N ILE C 67 -17.07 -12.01 15.69
CA ILE C 67 -17.32 -11.89 14.25
C ILE C 67 -17.15 -13.23 13.56
N ARG C 68 -17.77 -13.36 12.38
CA ARG C 68 -17.78 -14.63 11.67
C ARG C 68 -16.37 -15.07 11.28
N GLY C 69 -15.47 -14.12 11.02
CA GLY C 69 -14.10 -14.49 10.71
C GLY C 69 -13.43 -15.22 11.85
N TRP C 70 -13.75 -14.86 13.09
CA TRP C 70 -13.20 -15.57 14.24
C TRP C 70 -13.92 -16.89 14.48
N ASP C 71 -15.26 -16.88 14.41
CA ASP C 71 -16.04 -18.07 14.73
C ASP C 71 -15.77 -19.22 13.75
N GLU C 72 -15.17 -18.94 12.59
CA GLU C 72 -14.81 -19.99 11.65
C GLU C 72 -13.31 -20.18 11.48
N GLY C 73 -12.49 -19.23 11.92
CA GLY C 73 -11.05 -19.35 11.76
C GLY C 73 -10.36 -19.96 12.95
N VAL C 74 -10.83 -19.66 14.17
CA VAL C 74 -10.25 -20.24 15.38
C VAL C 74 -10.32 -21.77 15.36
N PRO C 75 -11.39 -22.41 14.89
CA PRO C 75 -11.36 -23.89 14.78
C PRO C 75 -10.26 -24.41 13.87
N GLN C 76 -9.78 -23.60 12.92
CA GLN C 76 -8.68 -23.99 12.05
C GLN C 76 -7.32 -23.91 12.72
N LEU C 77 -7.27 -23.48 13.99
CA LEU C 77 -6.01 -23.34 14.71
C LEU C 77 -5.78 -24.55 15.62
N SER C 78 -4.56 -24.63 16.15
CA SER C 78 -4.20 -25.59 17.18
C SER C 78 -3.56 -24.84 18.34
N LEU C 79 -3.52 -25.49 19.49
CA LEU C 79 -3.04 -24.83 20.69
C LEU C 79 -1.58 -24.41 20.52
N GLY C 80 -1.32 -23.11 20.74
CA GLY C 80 0.00 -22.55 20.63
C GLY C 80 0.35 -21.96 19.29
N GLU C 81 -0.52 -22.10 18.29
CA GLU C 81 -0.22 -21.69 16.93
C GLU C 81 -0.39 -20.18 16.75
N LYS C 82 0.57 -19.56 16.07
CA LYS C 82 0.44 -18.18 15.62
C LYS C 82 -0.08 -18.17 14.20
N ALA C 83 -0.98 -17.24 13.90
CA ALA C 83 -1.74 -17.31 12.66
C ALA C 83 -2.06 -15.90 12.16
N ASN C 84 -2.66 -15.83 10.99
CA ASN C 84 -3.09 -14.57 10.37
C ASN C 84 -4.52 -14.74 9.87
N LEU C 85 -5.50 -14.33 10.68
CA LEU C 85 -6.89 -14.35 10.27
C LEU C 85 -7.16 -13.11 9.41
N ILE C 86 -7.42 -13.34 8.13
CA ILE C 86 -7.66 -12.26 7.17
C ILE C 86 -9.14 -12.36 6.78
N CYS C 87 -9.95 -11.43 7.28
CA CYS C 87 -11.40 -11.49 7.15
C CYS C 87 -11.90 -10.44 6.17
N THR C 88 -12.66 -10.89 5.17
CA THR C 88 -13.34 -9.97 4.29
C THR C 88 -14.43 -9.23 5.05
N PRO C 89 -14.84 -8.05 4.57
CA PRO C 89 -15.90 -7.29 5.26
C PRO C 89 -17.14 -8.11 5.57
N ASP C 90 -17.53 -9.02 4.68
CA ASP C 90 -18.73 -9.83 4.91
C ASP C 90 -18.56 -10.75 6.11
N TYR C 91 -17.32 -11.00 6.54
CA TYR C 91 -17.04 -11.80 7.72
C TYR C 91 -16.49 -10.97 8.89
N ALA C 92 -16.40 -9.64 8.75
CA ALA C 92 -16.00 -8.78 9.85
C ALA C 92 -17.15 -7.87 10.30
N TYR C 93 -17.08 -6.60 9.93
CA TYR C 93 -18.06 -5.61 10.35
C TYR C 93 -18.93 -5.10 9.22
N GLY C 94 -18.62 -5.46 7.97
CA GLY C 94 -19.54 -5.22 6.88
C GLY C 94 -19.49 -3.80 6.33
N ALA C 95 -20.53 -3.49 5.53
CA ALA C 95 -20.67 -2.19 4.88
C ALA C 95 -20.95 -1.07 5.88
N ARG C 96 -21.36 -1.39 7.10
CA ARG C 96 -21.52 -0.39 8.13
C ARG C 96 -20.21 -0.10 8.87
N GLY C 97 -19.41 -1.14 9.09
CA GLY C 97 -18.17 -1.02 9.84
C GLY C 97 -18.40 -0.63 11.30
N PHE C 98 -17.33 -0.51 12.06
CA PHE C 98 -17.50 0.04 13.41
C PHE C 98 -17.47 1.56 13.34
N PRO C 99 -18.43 2.24 13.96
CA PRO C 99 -18.63 3.68 13.69
C PRO C 99 -17.37 4.50 13.85
N PRO C 100 -16.53 4.26 14.89
CA PRO C 100 -15.34 5.11 15.04
C PRO C 100 -14.01 4.44 14.77
N VAL C 101 -13.99 3.11 14.61
CA VAL C 101 -12.72 2.40 14.56
C VAL C 101 -12.52 1.71 13.22
N ILE C 102 -13.47 0.89 12.80
CA ILE C 102 -13.35 0.09 11.58
C ILE C 102 -14.11 0.80 10.47
N PRO C 103 -13.44 1.32 9.45
CA PRO C 103 -14.14 1.97 8.34
C PRO C 103 -15.02 0.98 7.59
N PRO C 104 -16.03 1.47 6.86
CA PRO C 104 -16.89 0.56 6.09
C PRO C 104 -16.12 -0.20 5.04
N ASN C 105 -16.55 -1.45 4.80
CA ASN C 105 -16.00 -2.29 3.75
C ASN C 105 -14.52 -2.56 3.96
N SER C 106 -14.08 -2.65 5.22
CA SER C 106 -12.68 -2.86 5.54
C SER C 106 -12.37 -4.35 5.65
N THR C 107 -11.22 -4.74 5.13
CA THR C 107 -10.71 -6.10 5.28
C THR C 107 -9.73 -6.11 6.44
N LEU C 108 -10.05 -6.89 7.48
CA LEU C 108 -9.27 -6.92 8.70
C LEU C 108 -8.28 -8.07 8.70
N LYS C 109 -7.16 -7.87 9.39
CA LYS C 109 -6.13 -8.90 9.57
C LYS C 109 -5.83 -9.03 11.06
N PHE C 110 -6.18 -10.17 11.64
CA PHE C 110 -5.91 -10.45 13.05
C PHE C 110 -4.75 -11.43 13.13
N GLU C 111 -3.62 -10.97 13.69
CA GLU C 111 -2.49 -11.85 13.96
C GLU C 111 -2.69 -12.44 15.36
N VAL C 112 -3.16 -13.68 15.41
CA VAL C 112 -3.63 -14.28 16.64
C VAL C 112 -2.63 -15.31 17.12
N GLU C 113 -2.69 -15.61 18.42
CA GLU C 113 -1.87 -16.66 19.02
C GLU C 113 -2.75 -17.40 20.01
N LEU C 114 -3.10 -18.65 19.69
CA LEU C 114 -3.99 -19.44 20.53
C LEU C 114 -3.31 -19.88 21.82
N LEU C 115 -3.38 -19.06 22.87
CA LEU C 115 -2.66 -19.35 24.11
C LEU C 115 -3.34 -20.46 24.91
N LYS C 116 -4.67 -20.49 24.92
CA LYS C 116 -5.40 -21.49 25.70
C LYS C 116 -6.67 -21.88 24.97
N VAL C 117 -7.01 -23.17 25.05
CA VAL C 117 -8.35 -23.65 24.75
C VAL C 117 -8.92 -24.26 26.02
N ASN C 118 -10.16 -23.89 26.34
CA ASN C 118 -10.75 -24.25 27.62
C ASN C 118 -9.80 -23.89 28.75
N SER C 119 -9.26 -24.90 29.40
CA SER C 119 -8.30 -24.71 30.48
C SER C 119 -6.91 -25.26 30.17
N LYS C 120 -6.70 -25.86 29.00
CA LYS C 120 -5.41 -26.45 28.65
C LYS C 120 -4.48 -25.33 28.19
N ARG C 121 -3.45 -25.04 28.99
CA ARG C 121 -2.48 -24.03 28.62
C ARG C 121 -1.52 -24.57 27.58
N ALA C 122 -0.90 -23.67 26.82
CA ALA C 122 0.05 -24.05 25.78
C ALA C 122 1.44 -24.27 26.39
N SER D 12 36.16 -18.83 -46.46
CA SER D 12 35.75 -19.31 -45.14
C SER D 12 34.34 -18.80 -44.78
N GLY D 13 33.79 -19.30 -43.70
CA GLY D 13 32.43 -18.91 -43.34
C GLY D 13 31.43 -20.00 -43.63
N GLU D 14 30.36 -20.02 -42.83
CA GLU D 14 29.35 -21.05 -42.93
C GLU D 14 28.00 -20.44 -43.26
N ASN D 15 27.17 -21.21 -43.95
CA ASN D 15 25.85 -20.76 -44.37
C ASN D 15 24.86 -21.82 -43.94
N LEU D 16 24.08 -21.51 -42.92
CA LEU D 16 23.19 -22.48 -42.29
C LEU D 16 21.77 -22.29 -42.83
N TYR D 17 21.14 -23.39 -43.20
CA TYR D 17 19.77 -23.41 -43.67
C TYR D 17 19.01 -24.47 -42.88
N PHE D 18 17.93 -24.06 -42.20
CA PHE D 18 17.19 -24.95 -41.32
C PHE D 18 15.87 -25.38 -41.97
N GLN D 19 15.54 -26.66 -41.82
CA GLN D 19 14.35 -27.23 -42.46
C GLN D 19 13.09 -27.00 -41.63
N GLU D 25 10.77 -26.52 -47.38
CA GLU D 25 10.57 -25.23 -46.74
C GLU D 25 11.72 -24.92 -45.80
N ILE D 26 12.65 -24.06 -46.25
CA ILE D 26 13.85 -23.74 -45.48
C ILE D 26 13.88 -22.26 -45.17
N VAL D 27 14.78 -21.90 -44.25
CA VAL D 27 14.99 -20.51 -43.82
C VAL D 27 16.45 -20.33 -43.48
N SER D 28 17.05 -19.25 -44.01
CA SER D 28 18.41 -18.88 -43.69
C SER D 28 18.44 -17.86 -42.56
N THR D 29 19.63 -17.63 -42.03
CA THR D 29 19.82 -16.69 -40.93
C THR D 29 19.82 -15.24 -41.39
N THR D 30 19.95 -14.98 -42.69
CA THR D 30 20.01 -13.60 -43.16
C THR D 30 18.62 -13.00 -43.30
N GLU D 31 17.73 -13.68 -44.01
CA GLU D 31 16.39 -13.15 -44.19
C GLU D 31 15.60 -13.19 -42.89
N ARG D 32 14.66 -12.25 -42.75
CA ARG D 32 13.79 -12.19 -41.59
C ARG D 32 12.84 -13.37 -41.58
N VAL D 33 12.71 -13.99 -40.40
CA VAL D 33 11.98 -15.26 -40.32
C VAL D 33 10.48 -15.04 -40.50
N ILE D 34 9.88 -14.27 -39.61
CA ILE D 34 8.45 -13.97 -39.67
C ILE D 34 8.29 -12.70 -40.49
N LYS D 35 7.95 -12.83 -41.76
CA LYS D 35 7.93 -11.69 -42.66
C LYS D 35 6.60 -10.96 -42.68
N ASP D 36 5.51 -11.63 -42.28
CA ASP D 36 4.18 -11.03 -42.33
C ASP D 36 4.01 -9.87 -41.36
N VAL D 37 4.91 -9.69 -40.39
CA VAL D 37 4.82 -8.61 -39.43
C VAL D 37 5.71 -7.46 -39.91
N GLN D 38 5.11 -6.28 -40.08
CA GLN D 38 5.84 -5.15 -40.62
C GLN D 38 6.90 -4.68 -39.63
N ALA D 39 8.07 -4.36 -40.17
CA ALA D 39 9.16 -3.85 -39.35
C ALA D 39 8.86 -2.41 -38.92
N PRO D 40 9.45 -1.97 -37.81
CA PRO D 40 9.20 -0.60 -37.35
C PRO D 40 9.89 0.44 -38.23
N ALA D 41 9.58 1.70 -37.95
CA ALA D 41 10.21 2.80 -38.66
C ALA D 41 11.61 3.04 -38.09
N MET D 42 12.62 2.90 -38.94
CA MET D 42 14.01 3.02 -38.52
C MET D 42 14.51 4.47 -38.53
N TYR D 43 13.79 5.38 -39.19
CA TYR D 43 14.28 6.73 -39.42
C TYR D 43 13.39 7.74 -38.70
N VAL D 44 13.95 8.92 -38.48
CA VAL D 44 13.28 10.05 -37.84
C VAL D 44 12.67 10.89 -38.96
N PRO D 45 11.48 11.50 -38.76
CA PRO D 45 10.92 12.34 -39.82
C PRO D 45 11.85 13.48 -40.20
N THR D 46 11.82 13.83 -41.48
CA THR D 46 12.62 14.93 -41.99
C THR D 46 11.88 16.25 -41.80
N ASP D 47 12.56 17.36 -42.09
CA ASP D 47 11.92 18.66 -41.97
C ASP D 47 10.77 18.82 -42.94
N ASP D 48 10.74 18.05 -44.03
CA ASP D 48 9.61 18.09 -44.94
C ASP D 48 8.46 17.24 -44.42
N GLN D 49 8.78 16.07 -43.85
CA GLN D 49 7.74 15.15 -43.40
C GLN D 49 7.02 15.67 -42.17
N PHE D 50 7.77 16.29 -41.25
CA PHE D 50 7.21 16.67 -39.96
C PHE D 50 6.29 17.89 -40.10
N TRP D 51 6.81 18.98 -40.65
CA TRP D 51 6.06 20.22 -40.68
C TRP D 51 4.94 20.16 -41.70
N SER D 52 3.79 20.74 -41.33
CA SER D 52 2.66 20.78 -42.24
C SER D 52 2.94 21.74 -43.39
N LYS D 53 2.52 21.33 -44.59
CA LYS D 53 2.60 22.22 -45.73
C LYS D 53 1.50 23.29 -45.70
N VAL D 54 0.51 23.16 -44.82
CA VAL D 54 -0.52 24.19 -44.65
C VAL D 54 0.00 25.27 -43.71
N ASP D 55 0.20 24.92 -42.44
CA ASP D 55 0.72 25.83 -41.44
C ASP D 55 2.12 25.36 -41.07
N LYS D 56 3.12 26.16 -41.43
CA LYS D 56 4.51 25.76 -41.22
C LYS D 56 4.94 25.79 -39.75
N THR D 57 4.07 26.22 -38.83
CA THR D 57 4.41 26.26 -37.41
C THR D 57 3.71 25.15 -36.62
N LYS D 58 3.14 24.16 -37.29
CA LYS D 58 2.40 23.07 -36.67
C LYS D 58 2.77 21.75 -37.34
N PRO D 59 2.74 20.65 -36.59
CA PRO D 59 3.08 19.35 -37.17
C PRO D 59 2.04 18.89 -38.18
N ASP D 60 2.46 17.96 -39.03
CA ASP D 60 1.57 17.32 -39.99
C ASP D 60 0.89 16.13 -39.31
N ILE D 61 -0.39 16.27 -39.02
CA ILE D 61 -1.10 15.26 -38.24
C ILE D 61 -1.18 13.94 -38.99
N ALA D 62 -1.55 14.00 -40.28
CA ALA D 62 -1.77 12.77 -41.04
C ALA D 62 -0.50 11.93 -41.08
N PHE D 63 0.67 12.57 -41.16
CA PHE D 63 1.92 11.83 -41.17
C PHE D 63 2.31 11.38 -39.77
N LEU D 64 2.22 12.31 -38.79
CA LEU D 64 2.57 11.97 -37.41
C LEU D 64 1.69 10.84 -36.89
N LYS D 65 0.41 10.84 -37.27
CA LYS D 65 -0.46 9.74 -36.84
C LYS D 65 0.07 8.40 -37.31
N ASN D 66 0.47 8.31 -38.58
CA ASN D 66 0.95 7.04 -39.13
C ASN D 66 2.37 6.73 -38.68
N HIS D 67 3.17 7.77 -38.41
CA HIS D 67 4.53 7.54 -37.92
C HIS D 67 4.51 6.82 -36.58
N PHE D 68 3.71 7.31 -35.64
CA PHE D 68 3.60 6.64 -34.35
C PHE D 68 2.96 5.26 -34.48
N TYR D 69 2.10 5.06 -35.49
CA TYR D 69 1.52 3.74 -35.69
C TYR D 69 2.58 2.70 -36.01
N ARG D 70 3.57 3.07 -36.83
CA ARG D 70 4.68 2.20 -37.19
C ARG D 70 5.82 2.25 -36.17
N GLU D 71 5.53 2.64 -34.93
CA GLU D 71 6.52 2.66 -33.85
C GLU D 71 7.69 3.57 -34.18
N GLY D 72 7.40 4.75 -34.76
CA GLY D 72 8.43 5.71 -35.08
C GLY D 72 8.72 6.66 -33.95
N ARG D 73 9.82 7.39 -34.08
CA ARG D 73 10.22 8.36 -33.08
C ARG D 73 10.56 9.69 -33.75
N LEU D 74 10.73 10.72 -32.93
CA LEU D 74 11.00 12.07 -33.38
C LEU D 74 12.38 12.51 -32.91
N THR D 75 12.88 13.61 -33.50
CA THR D 75 14.06 14.24 -32.95
C THR D 75 13.73 14.85 -31.59
N GLU D 76 14.77 15.10 -30.79
CA GLU D 76 14.53 15.81 -29.54
C GLU D 76 13.91 17.17 -29.81
N GLU D 77 14.42 17.90 -30.80
CA GLU D 77 13.88 19.22 -31.10
C GLU D 77 12.40 19.13 -31.49
N GLN D 78 12.03 18.11 -32.28
CA GLN D 78 10.64 17.95 -32.69
C GLN D 78 9.75 17.66 -31.49
N ALA D 79 10.15 16.71 -30.64
CA ALA D 79 9.36 16.39 -29.45
C ALA D 79 9.25 17.60 -28.54
N LEU D 80 10.36 18.28 -28.28
CA LEU D 80 10.33 19.41 -27.36
C LEU D 80 9.47 20.55 -27.90
N TYR D 81 9.45 20.73 -29.21
CA TYR D 81 8.60 21.76 -29.80
C TYR D 81 7.12 21.46 -29.55
N ILE D 82 6.73 20.20 -29.65
CA ILE D 82 5.32 19.86 -29.46
C ILE D 82 4.92 20.07 -28.00
N LEU D 83 5.79 19.68 -27.07
CA LEU D 83 5.45 19.80 -25.65
C LEU D 83 5.39 21.25 -25.20
N GLU D 84 6.27 22.10 -25.72
CA GLU D 84 6.29 23.49 -25.27
C GLU D 84 5.22 24.33 -25.94
N LYS D 85 4.89 24.05 -27.20
CA LYS D 85 3.82 24.78 -27.86
C LYS D 85 2.46 24.36 -27.32
N GLY D 86 2.28 23.08 -27.03
CA GLY D 86 1.04 22.63 -26.42
C GLY D 86 0.84 23.20 -25.03
N GLY D 87 1.90 23.20 -24.21
CA GLY D 87 1.79 23.79 -22.89
C GLY D 87 1.60 25.30 -22.94
N GLU D 88 2.10 25.95 -23.99
CA GLU D 88 1.87 27.38 -24.15
C GLU D 88 0.39 27.69 -24.33
N LEU D 89 -0.34 26.79 -25.00
CA LEU D 89 -1.78 26.96 -25.13
C LEU D 89 -2.51 26.58 -23.86
N LEU D 90 -2.12 25.46 -23.23
CA LEU D 90 -2.79 25.04 -22.01
C LEU D 90 -2.60 26.07 -20.90
N ARG D 91 -1.44 26.71 -20.84
CA ARG D 91 -1.19 27.66 -19.76
C ARG D 91 -2.10 28.87 -19.86
N SER D 92 -2.40 29.32 -21.08
CA SER D 92 -3.30 30.46 -21.26
C SER D 92 -4.74 30.13 -20.90
N GLU D 93 -5.08 28.85 -20.74
CA GLU D 93 -6.45 28.46 -20.40
C GLU D 93 -6.66 28.61 -18.89
N PRO D 94 -7.91 28.89 -18.48
CA PRO D 94 -8.21 29.00 -17.05
C PRO D 94 -8.24 27.63 -16.38
N ASN D 95 -8.23 27.66 -15.05
CA ASN D 95 -8.26 26.42 -14.28
C ASN D 95 -9.54 25.64 -14.54
N LEU D 96 -10.67 26.33 -14.63
CA LEU D 96 -11.98 25.71 -14.83
C LEU D 96 -12.48 26.07 -16.22
N LEU D 97 -12.51 25.07 -17.10
CA LEU D 97 -12.92 25.29 -18.49
C LEU D 97 -14.44 25.32 -18.60
N GLU D 98 -14.94 26.18 -19.48
CA GLU D 98 -16.37 26.27 -19.75
C GLU D 98 -16.58 25.79 -21.19
N VAL D 99 -16.80 24.49 -21.35
CA VAL D 99 -16.88 23.88 -22.68
C VAL D 99 -18.33 23.77 -23.10
N ASP D 100 -18.57 23.89 -24.39
CA ASP D 100 -19.91 23.90 -24.95
C ASP D 100 -20.29 22.50 -25.47
N ALA D 101 -21.58 22.35 -25.79
CA ALA D 101 -22.14 21.13 -26.36
C ALA D 101 -22.51 21.35 -27.82
N PRO D 102 -22.44 20.30 -28.67
CA PRO D 102 -22.10 18.91 -28.33
C PRO D 102 -20.61 18.71 -28.13
N ILE D 103 -20.24 17.58 -27.54
CA ILE D 103 -18.85 17.31 -27.21
C ILE D 103 -18.72 15.83 -26.91
N THR D 104 -17.53 15.29 -27.18
CA THR D 104 -17.20 13.91 -26.81
C THR D 104 -16.33 13.96 -25.57
N VAL D 105 -16.77 13.31 -24.50
CA VAL D 105 -16.01 13.20 -23.28
C VAL D 105 -15.34 11.84 -23.26
N CYS D 106 -14.04 11.82 -22.97
CA CYS D 106 -13.26 10.59 -22.96
C CYS D 106 -12.66 10.37 -21.58
N GLY D 107 -12.48 9.10 -21.23
CA GLY D 107 -11.93 8.74 -19.95
C GLY D 107 -10.43 8.58 -19.98
N ASP D 108 -9.94 7.47 -19.44
CA ASP D 108 -8.51 7.21 -19.38
C ASP D 108 -8.05 6.48 -20.64
N ILE D 109 -6.84 6.82 -21.11
CA ILE D 109 -6.29 6.13 -22.26
C ILE D 109 -5.00 5.41 -21.87
N HIS D 110 -4.33 5.89 -20.83
CA HIS D 110 -3.22 5.19 -20.16
C HIS D 110 -2.22 4.58 -21.15
N GLY D 111 -1.75 5.42 -22.07
CA GLY D 111 -0.71 5.03 -23.01
C GLY D 111 -1.05 3.90 -23.95
N GLN D 112 -2.30 3.85 -24.43
CA GLN D 112 -2.74 2.81 -25.34
C GLN D 112 -3.01 3.45 -26.70
N TYR D 113 -1.93 3.75 -27.42
CA TYR D 113 -2.01 4.58 -28.62
C TYR D 113 -2.89 3.93 -29.68
N TYR D 114 -2.75 2.62 -29.87
CA TYR D 114 -3.48 1.96 -30.95
C TYR D 114 -4.96 1.81 -30.64
N ASP D 115 -5.38 2.04 -29.40
CA ASP D 115 -6.78 2.17 -29.05
C ASP D 115 -7.26 3.61 -29.14
N LEU D 116 -6.37 4.56 -28.90
CA LEU D 116 -6.69 5.97 -29.15
C LEU D 116 -7.05 6.18 -30.60
N MET D 117 -6.41 5.45 -31.51
CA MET D 117 -6.79 5.50 -32.92
C MET D 117 -8.24 5.08 -33.11
N LYS D 118 -8.65 3.98 -32.47
CA LYS D 118 -10.04 3.53 -32.54
C LYS D 118 -10.97 4.52 -31.82
N LEU D 119 -10.47 5.22 -30.79
CA LEU D 119 -11.30 6.17 -30.06
C LEU D 119 -11.76 7.32 -30.95
N PHE D 120 -10.86 7.83 -31.81
CA PHE D 120 -11.23 8.93 -32.69
C PHE D 120 -12.12 8.47 -33.84
N GLU D 121 -12.11 7.17 -34.16
CA GLU D 121 -13.07 6.66 -35.14
C GLU D 121 -14.47 6.59 -34.55
N VAL D 122 -14.58 6.36 -33.24
CA VAL D 122 -15.86 6.29 -32.56
C VAL D 122 -16.35 7.67 -32.14
N GLY D 123 -15.46 8.47 -31.54
CA GLY D 123 -15.86 9.78 -31.08
C GLY D 123 -15.99 10.81 -32.17
N GLY D 124 -15.45 10.54 -33.35
CA GLY D 124 -15.52 11.45 -34.48
C GLY D 124 -14.19 12.14 -34.73
N ASN D 125 -14.03 12.60 -35.96
CA ASN D 125 -12.78 13.26 -36.35
C ASN D 125 -12.65 14.59 -35.61
N PRO D 126 -11.47 14.91 -35.07
CA PRO D 126 -11.34 16.14 -34.27
C PRO D 126 -11.57 17.43 -35.05
N ALA D 127 -11.68 17.38 -36.38
CA ALA D 127 -11.98 18.60 -37.11
C ALA D 127 -13.47 18.94 -37.09
N ASP D 128 -14.34 17.95 -36.86
CA ASP D 128 -15.78 18.18 -36.78
C ASP D 128 -16.35 17.93 -35.39
N THR D 129 -15.52 17.57 -34.42
CA THR D 129 -16.01 17.10 -33.13
C THR D 129 -15.23 17.77 -32.00
N ARG D 130 -15.96 18.15 -30.95
CA ARG D 130 -15.37 18.71 -29.74
C ARG D 130 -15.08 17.59 -28.76
N TYR D 131 -13.90 17.65 -28.15
CA TYR D 131 -13.43 16.59 -27.26
C TYR D 131 -13.12 17.16 -25.88
N LEU D 132 -13.35 16.32 -24.87
CA LEU D 132 -12.94 16.60 -23.49
C LEU D 132 -12.32 15.33 -22.93
N PHE D 133 -11.01 15.32 -22.76
CA PHE D 133 -10.32 14.20 -22.14
C PHE D 133 -10.15 14.48 -20.65
N LEU D 134 -10.48 13.49 -19.83
CA LEU D 134 -10.44 13.64 -18.38
C LEU D 134 -9.12 13.19 -17.76
N GLY D 135 -8.03 13.24 -18.51
CA GLY D 135 -6.72 12.94 -17.97
C GLY D 135 -6.31 11.49 -18.07
N ASP D 136 -5.19 11.19 -17.41
CA ASP D 136 -4.57 9.86 -17.35
C ASP D 136 -4.20 9.36 -18.76
N TYR D 137 -3.25 10.08 -19.36
CA TYR D 137 -2.78 9.74 -20.70
C TYR D 137 -1.56 8.83 -20.69
N VAL D 138 -0.90 8.67 -19.55
CA VAL D 138 0.41 8.01 -19.50
C VAL D 138 0.38 6.81 -18.57
N ASP D 139 1.52 6.13 -18.47
CA ASP D 139 1.77 4.99 -17.57
C ASP D 139 1.00 3.74 -17.98
N ARG D 140 1.47 2.58 -17.49
CA ARG D 140 0.85 1.28 -17.71
C ARG D 140 1.04 0.84 -19.17
N GLY D 141 0.43 1.56 -20.10
CA GLY D 141 0.63 1.26 -21.51
C GLY D 141 1.99 1.76 -21.99
N TYR D 142 2.62 0.98 -22.86
CA TYR D 142 3.99 1.25 -23.27
C TYR D 142 4.10 2.21 -24.45
N PHE D 143 3.00 2.88 -24.82
CA PHE D 143 3.01 3.86 -25.89
C PHE D 143 2.58 5.24 -25.39
N SER D 144 2.88 5.52 -24.11
CA SER D 144 2.37 6.72 -23.47
C SER D 144 2.94 8.00 -24.08
N ILE D 145 4.20 7.96 -24.53
CA ILE D 145 4.78 9.16 -25.12
C ILE D 145 4.13 9.45 -26.47
N GLU D 146 3.69 8.41 -27.18
CA GLU D 146 3.00 8.65 -28.45
C GLU D 146 1.62 9.27 -28.22
N CYS D 147 0.91 8.84 -27.17
CA CYS D 147 -0.40 9.43 -26.89
C CYS D 147 -0.28 10.92 -26.58
N VAL D 148 0.81 11.31 -25.91
CA VAL D 148 0.95 12.69 -25.48
C VAL D 148 1.35 13.58 -26.63
N LEU D 149 2.41 13.21 -27.35
CA LEU D 149 2.83 14.00 -28.49
C LEU D 149 1.74 14.13 -29.54
N TYR D 150 0.90 13.10 -29.69
CA TYR D 150 -0.18 13.19 -30.66
C TYR D 150 -1.30 14.09 -30.16
N LEU D 151 -1.75 13.91 -28.91
CA LEU D 151 -2.83 14.72 -28.38
C LEU D 151 -2.40 16.17 -28.21
N TRP D 152 -1.15 16.40 -27.82
CA TRP D 152 -0.62 17.76 -27.78
C TRP D 152 -0.58 18.36 -29.18
N SER D 153 -0.15 17.58 -30.17
CA SER D 153 -0.16 18.06 -31.54
C SER D 153 -1.57 18.40 -31.99
N LEU D 154 -2.57 17.59 -31.58
CA LEU D 154 -3.95 17.95 -31.85
C LEU D 154 -4.31 19.28 -31.22
N LYS D 155 -3.88 19.49 -29.96
CA LYS D 155 -4.14 20.75 -29.26
C LYS D 155 -3.62 21.95 -30.04
N MET D 156 -2.55 21.78 -30.81
CA MET D 156 -2.03 22.88 -31.61
C MET D 156 -2.99 23.24 -32.74
N TRP D 157 -3.63 22.25 -33.35
CA TRP D 157 -4.49 22.52 -34.50
C TRP D 157 -5.90 22.91 -34.09
N TYR D 158 -6.43 22.30 -33.03
CA TYR D 158 -7.78 22.58 -32.55
C TYR D 158 -7.71 23.02 -31.09
N PRO D 159 -7.14 24.20 -30.80
CA PRO D 159 -7.08 24.65 -29.41
C PRO D 159 -8.42 25.10 -28.86
N ASP D 160 -9.44 25.21 -29.70
CA ASP D 160 -10.76 25.64 -29.27
CA ASP D 160 -10.76 25.63 -29.26
C ASP D 160 -11.81 24.53 -29.39
N THR D 161 -11.43 23.33 -29.81
CA THR D 161 -12.36 22.22 -29.89
C THR D 161 -11.89 21.00 -29.11
N LEU D 162 -10.59 20.84 -28.88
CA LEU D 162 -10.04 19.70 -28.17
C LEU D 162 -9.40 20.18 -26.87
N PHE D 163 -9.95 19.74 -25.75
CA PHE D 163 -9.52 20.18 -24.43
C PHE D 163 -9.01 18.99 -23.62
N LEU D 164 -7.93 19.23 -22.88
CA LEU D 164 -7.26 18.19 -22.12
C LEU D 164 -7.21 18.60 -20.65
N LEU D 165 -7.52 17.67 -19.77
CA LEU D 165 -7.48 17.88 -18.33
C LEU D 165 -6.35 17.06 -17.71
N ARG D 166 -6.11 17.30 -16.43
CA ARG D 166 -5.03 16.65 -15.71
C ARG D 166 -5.57 15.47 -14.91
N GLY D 167 -4.90 14.34 -15.00
CA GLY D 167 -5.17 13.19 -14.17
C GLY D 167 -4.05 13.01 -13.15
N ASN D 168 -4.28 12.06 -12.25
CA ASN D 168 -3.31 11.82 -11.19
C ASN D 168 -1.97 11.34 -11.71
N HIS D 169 -1.91 10.88 -12.96
CA HIS D 169 -0.65 10.41 -13.51
C HIS D 169 0.13 11.48 -14.27
N GLU D 170 -0.47 12.64 -14.51
CA GLU D 170 0.26 13.72 -15.21
C GLU D 170 1.07 14.55 -14.20
N CYS D 171 2.06 13.89 -13.61
CA CYS D 171 2.91 14.54 -12.60
C CYS D 171 4.24 13.81 -12.52
N ARG D 172 5.16 14.38 -11.74
CA ARG D 172 6.47 13.75 -11.57
C ARG D 172 6.39 12.51 -10.70
N HIS D 173 5.52 12.51 -9.70
CA HIS D 173 5.49 11.43 -8.72
C HIS D 173 5.21 10.09 -9.39
N LEU D 174 4.05 9.96 -10.01
CA LEU D 174 3.61 8.64 -10.48
C LEU D 174 4.34 8.20 -11.73
N THR D 175 4.72 9.13 -12.62
CA THR D 175 5.44 8.72 -13.82
C THR D 175 6.76 8.06 -13.47
N ASP D 176 7.44 8.54 -12.43
CA ASP D 176 8.66 7.89 -11.97
C ASP D 176 8.37 6.53 -11.37
N TYR D 177 7.21 6.38 -10.72
CA TYR D 177 6.88 5.13 -10.05
C TYR D 177 6.49 4.04 -11.06
N PHE D 178 5.79 4.42 -12.12
CA PHE D 178 5.25 3.47 -13.09
C PHE D 178 6.19 3.42 -14.30
N THR D 179 5.70 3.54 -15.53
CA THR D 179 6.48 3.25 -16.71
C THR D 179 6.95 4.49 -17.47
N PHE D 180 6.28 5.63 -17.27
CA PHE D 180 6.44 6.75 -18.21
C PHE D 180 7.84 7.36 -18.15
N LYS D 181 8.42 7.51 -16.96
CA LYS D 181 9.77 8.04 -16.89
C LYS D 181 10.74 7.09 -17.58
N LEU D 182 10.54 5.78 -17.42
CA LEU D 182 11.38 4.81 -18.09
C LEU D 182 11.16 4.82 -19.60
N GLU D 183 9.90 4.97 -20.03
CA GLU D 183 9.61 5.03 -21.46
C GLU D 183 10.28 6.23 -22.11
N CYS D 184 10.27 7.37 -21.42
CA CYS D 184 10.90 8.56 -22.01
C CYS D 184 12.42 8.42 -22.05
N LYS D 185 13.03 7.91 -20.98
CA LYS D 185 14.48 7.66 -21.02
C LYS D 185 14.84 6.72 -22.16
N HIS D 186 13.97 5.76 -22.45
CA HIS D 186 14.28 4.76 -23.45
C HIS D 186 14.11 5.30 -24.86
N LYS D 187 12.90 5.78 -25.19
CA LYS D 187 12.64 6.25 -26.54
C LYS D 187 13.28 7.62 -26.79
N TYR D 188 13.44 8.44 -25.75
CA TYR D 188 14.06 9.75 -25.93
C TYR D 188 15.09 10.00 -24.82
N SER D 189 14.83 10.98 -23.95
CA SER D 189 15.81 11.36 -22.94
C SER D 189 15.10 12.02 -21.78
N GLU D 190 15.85 12.24 -20.69
CA GLU D 190 15.27 12.94 -19.54
C GLU D 190 14.89 14.37 -19.90
N THR D 191 15.58 14.95 -20.89
CA THR D 191 15.22 16.29 -21.32
C THR D 191 13.79 16.35 -21.83
N VAL D 192 13.34 15.28 -22.49
CA VAL D 192 11.96 15.20 -22.93
C VAL D 192 11.03 14.95 -21.76
N TYR D 193 11.43 14.08 -20.82
CA TYR D 193 10.60 13.79 -19.67
C TYR D 193 10.39 15.04 -18.81
N ASN D 194 11.48 15.77 -18.53
CA ASN D 194 11.37 17.00 -17.76
C ASN D 194 10.48 18.03 -18.47
N ALA D 195 10.67 18.20 -19.78
CA ALA D 195 9.81 19.09 -20.54
C ALA D 195 8.37 18.59 -20.59
N CYS D 196 8.18 17.28 -20.43
CA CYS D 196 6.84 16.72 -20.42
C CYS D 196 6.15 16.94 -19.08
N MET D 197 6.92 16.89 -17.98
CA MET D 197 6.38 17.17 -16.66
C MET D 197 6.08 18.66 -16.49
N GLU D 198 6.86 19.54 -17.13
CA GLU D 198 6.57 20.96 -17.08
C GLU D 198 5.33 21.28 -17.90
N SER D 199 5.09 20.57 -18.98
CA SER D 199 3.90 20.78 -19.79
C SER D 199 2.66 20.22 -19.10
N PHE D 200 2.82 19.17 -18.29
CA PHE D 200 1.68 18.63 -17.57
C PHE D 200 1.18 19.59 -16.49
N CYS D 201 2.08 20.35 -15.87
CA CYS D 201 1.65 21.28 -14.82
C CYS D 201 0.82 22.44 -15.37
N ASN D 202 0.73 22.58 -16.69
CA ASN D 202 -0.14 23.59 -17.27
C ASN D 202 -1.53 23.07 -17.57
N LEU D 203 -1.78 21.78 -17.41
CA LEU D 203 -3.08 21.23 -17.74
C LEU D 203 -4.16 21.84 -16.84
N PRO D 204 -5.32 22.17 -17.37
CA PRO D 204 -6.45 22.53 -16.52
C PRO D 204 -6.83 21.38 -15.61
N LEU D 205 -7.53 21.72 -14.53
CA LEU D 205 -7.86 20.72 -13.51
C LEU D 205 -9.31 20.22 -13.61
N ALA D 206 -10.23 21.05 -14.09
CA ALA D 206 -11.65 20.73 -14.08
C ALA D 206 -12.33 21.36 -15.29
N ALA D 207 -13.59 20.98 -15.52
CA ALA D 207 -14.35 21.52 -16.64
C ALA D 207 -15.84 21.44 -16.34
N VAL D 208 -16.57 22.47 -16.76
CA VAL D 208 -18.02 22.54 -16.61
C VAL D 208 -18.61 22.44 -18.02
N MET D 209 -19.32 21.36 -18.29
CA MET D 209 -19.77 21.05 -19.64
C MET D 209 -21.23 21.46 -19.80
N ASN D 210 -21.48 22.40 -20.71
CA ASN D 210 -22.82 22.86 -21.05
C ASN D 210 -23.56 23.42 -19.85
N LYS D 211 -22.82 24.03 -18.92
CA LYS D 211 -23.40 24.64 -17.73
C LYS D 211 -24.25 23.65 -16.92
N GLN D 212 -23.93 22.37 -17.01
CA GLN D 212 -24.70 21.34 -16.32
C GLN D 212 -23.86 20.29 -15.61
N PHE D 213 -22.65 20.01 -16.08
CA PHE D 213 -21.85 18.91 -15.53
C PHE D 213 -20.47 19.40 -15.15
N LEU D 214 -20.06 19.11 -13.92
CA LEU D 214 -18.65 19.28 -13.57
C LEU D 214 -17.88 18.06 -14.04
N CYS D 215 -16.82 18.29 -14.81
CA CYS D 215 -16.01 17.22 -15.35
C CYS D 215 -14.62 17.29 -14.73
N ILE D 216 -14.32 16.33 -13.85
CA ILE D 216 -12.99 16.20 -13.29
C ILE D 216 -12.48 14.81 -13.57
N HIS D 217 -11.28 14.50 -13.08
CA HIS D 217 -10.75 13.16 -13.26
C HIS D 217 -11.12 12.23 -12.10
N GLY D 218 -10.96 12.72 -10.87
CA GLY D 218 -11.20 11.91 -9.69
C GLY D 218 -12.60 12.09 -9.14
N GLY D 219 -12.77 13.06 -8.23
CA GLY D 219 -14.05 13.30 -7.61
C GLY D 219 -14.05 14.49 -6.69
N LEU D 220 -14.97 14.50 -5.71
CA LEU D 220 -15.13 15.64 -4.84
C LEU D 220 -14.11 15.62 -3.70
N SER D 221 -14.09 16.71 -2.94
CA SER D 221 -13.14 16.93 -1.86
C SER D 221 -13.82 17.63 -0.69
N PRO D 222 -13.37 17.37 0.54
CA PRO D 222 -13.88 18.16 1.68
C PRO D 222 -13.58 19.64 1.58
N GLU D 223 -12.56 20.02 0.80
CA GLU D 223 -12.24 21.42 0.60
C GLU D 223 -12.89 22.00 -0.64
N LEU D 224 -13.71 21.22 -1.34
CA LEU D 224 -14.38 21.65 -2.55
C LEU D 224 -15.84 21.96 -2.23
N HIS D 225 -16.18 23.25 -2.17
CA HIS D 225 -17.54 23.68 -1.85
C HIS D 225 -18.22 24.35 -3.04
N THR D 226 -17.68 25.45 -3.55
CA THR D 226 -18.20 26.10 -4.73
C THR D 226 -17.19 26.00 -5.87
N LEU D 227 -17.68 26.29 -7.09
CA LEU D 227 -16.77 26.33 -8.23
C LEU D 227 -15.67 27.36 -8.05
N ASP D 228 -15.89 28.39 -7.22
CA ASP D 228 -14.83 29.35 -6.96
C ASP D 228 -13.65 28.71 -6.22
N ASP D 229 -13.87 27.57 -5.57
CA ASP D 229 -12.75 26.85 -4.95
C ASP D 229 -11.83 26.26 -6.00
N LEU D 230 -12.39 25.74 -7.10
CA LEU D 230 -11.56 25.26 -8.20
C LEU D 230 -10.83 26.39 -8.90
N ARG D 231 -11.43 27.58 -8.94
CA ARG D 231 -10.81 28.68 -9.67
C ARG D 231 -9.60 29.24 -8.96
N SER D 232 -9.52 29.10 -7.64
CA SER D 232 -8.48 29.71 -6.82
C SER D 232 -7.24 28.87 -6.70
N ILE D 233 -7.14 27.76 -7.44
CA ILE D 233 -6.01 26.86 -7.28
C ILE D 233 -4.84 27.35 -8.11
N ASN D 234 -3.64 27.29 -7.53
CA ASN D 234 -2.43 27.51 -8.32
C ASN D 234 -2.10 26.18 -8.98
N ARG D 235 -2.64 25.96 -10.18
CA ARG D 235 -2.53 24.65 -10.82
C ARG D 235 -1.15 24.39 -11.40
N PHE D 236 -0.24 25.35 -11.35
CA PHE D 236 1.07 25.23 -11.99
C PHE D 236 2.09 24.70 -10.99
N ARG D 237 1.87 23.45 -10.59
CA ARG D 237 2.75 22.76 -9.64
C ARG D 237 2.39 21.28 -9.65
N GLU D 238 3.22 20.49 -8.98
CA GLU D 238 2.93 19.08 -8.81
C GLU D 238 1.85 18.91 -7.75
N PRO D 239 1.03 17.87 -7.88
CA PRO D 239 -0.04 17.67 -6.91
C PRO D 239 0.52 17.40 -5.52
N PRO D 240 -0.11 17.94 -4.49
CA PRO D 240 0.40 17.76 -3.14
C PRO D 240 0.07 16.37 -2.61
N THR D 241 0.53 16.11 -1.38
CA THR D 241 0.24 14.83 -0.72
C THR D 241 -1.19 14.76 -0.21
N GLN D 242 -1.87 15.90 -0.09
CA GLN D 242 -3.23 15.93 0.43
C GLN D 242 -3.82 17.30 0.09
N GLY D 243 -5.13 17.41 0.23
CA GLY D 243 -5.82 18.66 0.03
C GLY D 243 -6.70 18.64 -1.20
N LEU D 244 -7.09 19.85 -1.63
CA LEU D 244 -8.03 19.98 -2.74
C LEU D 244 -7.44 19.39 -4.02
N MET D 245 -6.30 19.94 -4.47
CA MET D 245 -5.71 19.50 -5.73
C MET D 245 -5.40 18.01 -5.72
N CYS D 246 -5.20 17.42 -4.55
CA CYS D 246 -5.00 15.98 -4.47
C CYS D 246 -6.30 15.22 -4.63
N ASP D 247 -7.36 15.67 -3.96
CA ASP D 247 -8.62 14.93 -3.98
C ASP D 247 -9.33 15.04 -5.33
N ILE D 248 -9.21 16.21 -5.98
CA ILE D 248 -9.79 16.41 -7.31
C ILE D 248 -9.32 15.33 -8.27
N LEU D 249 -8.06 14.92 -8.16
CA LEU D 249 -7.45 13.95 -9.06
C LEU D 249 -7.43 12.53 -8.52
N TRP D 250 -7.79 12.31 -7.26
CA TRP D 250 -7.69 10.97 -6.69
C TRP D 250 -9.00 10.40 -6.14
N ALA D 251 -9.99 11.24 -5.84
CA ALA D 251 -11.17 10.79 -5.11
C ALA D 251 -12.00 9.80 -5.92
N ASP D 252 -12.65 8.89 -5.19
CA ASP D 252 -13.54 7.88 -5.72
C ASP D 252 -14.89 7.96 -5.02
N PRO D 253 -15.96 7.60 -5.72
CA PRO D 253 -17.24 7.40 -5.03
C PRO D 253 -17.14 6.19 -4.12
N LEU D 254 -17.93 6.20 -3.05
CA LEU D 254 -17.94 5.07 -2.13
C LEU D 254 -18.40 3.81 -2.86
N GLU D 255 -17.98 2.66 -2.34
CA GLU D 255 -18.24 1.39 -3.01
C GLU D 255 -19.72 1.16 -3.22
N ASP D 256 -20.50 1.25 -2.15
CA ASP D 256 -21.95 1.10 -2.20
C ASP D 256 -22.64 2.45 -2.41
N PHE D 257 -22.11 3.24 -3.34
CA PHE D 257 -22.60 4.59 -3.59
C PHE D 257 -24.11 4.61 -3.78
N GLY D 258 -24.77 5.51 -3.05
CA GLY D 258 -26.22 5.58 -3.05
C GLY D 258 -26.91 4.56 -2.17
N SER D 259 -26.20 3.52 -1.74
CA SER D 259 -26.72 2.48 -0.86
C SER D 259 -25.90 2.41 0.43
N GLU D 260 -25.34 3.54 0.84
CA GLU D 260 -24.37 3.55 1.91
C GLU D 260 -25.00 3.20 3.25
N LYS D 261 -24.15 2.83 4.20
CA LYS D 261 -24.56 2.57 5.58
C LYS D 261 -24.03 3.63 6.54
N THR D 262 -23.43 4.71 6.04
CA THR D 262 -22.96 5.80 6.88
C THR D 262 -23.47 7.14 6.36
N ASN D 263 -23.70 8.05 7.29
CA ASN D 263 -24.15 9.40 6.94
C ASN D 263 -23.01 10.37 6.70
N GLU D 264 -21.76 9.90 6.75
CA GLU D 264 -20.61 10.75 6.48
C GLU D 264 -20.55 11.11 5.00
N ASN D 265 -20.03 12.31 4.72
CA ASN D 265 -19.88 12.77 3.35
C ASN D 265 -18.61 12.24 2.71
N PHE D 266 -17.50 12.23 3.47
CA PHE D 266 -16.20 11.79 2.98
C PHE D 266 -15.60 10.78 3.95
N LEU D 267 -15.04 9.71 3.40
CA LEU D 267 -14.33 8.68 4.16
C LEU D 267 -12.93 8.52 3.59
N HIS D 268 -11.97 8.21 4.47
CA HIS D 268 -10.60 8.01 4.01
C HIS D 268 -10.53 6.87 3.01
N ASN D 269 -9.63 7.01 2.04
CA ASN D 269 -9.44 6.03 0.97
C ASN D 269 -8.29 5.10 1.34
N HIS D 270 -8.63 3.90 1.79
CA HIS D 270 -7.62 2.90 2.11
C HIS D 270 -7.16 2.12 0.89
N VAL D 271 -7.92 2.16 -0.21
CA VAL D 271 -7.54 1.44 -1.42
C VAL D 271 -6.34 2.12 -2.07
N ARG D 272 -6.48 3.40 -2.43
CA ARG D 272 -5.41 4.12 -3.11
C ARG D 272 -4.36 4.68 -2.17
N GLY D 273 -4.54 4.54 -0.86
CA GLY D 273 -3.58 5.04 0.10
C GLY D 273 -3.56 6.54 0.30
N CYS D 274 -4.40 7.28 -0.42
CA CYS D 274 -4.50 8.72 -0.23
C CYS D 274 -5.88 9.16 -0.69
N SER D 275 -6.16 10.44 -0.46
CA SER D 275 -7.45 11.06 -0.77
C SER D 275 -8.63 10.37 -0.10
N TYR D 276 -9.85 10.61 -0.60
CA TYR D 276 -11.07 10.23 0.10
C TYR D 276 -12.06 9.55 -0.84
N PHE D 277 -12.96 8.79 -0.24
CA PHE D 277 -14.20 8.41 -0.89
C PHE D 277 -15.22 9.52 -0.67
N PHE D 278 -16.11 9.70 -1.63
CA PHE D 278 -17.23 10.61 -1.43
C PHE D 278 -18.52 9.83 -1.64
N THR D 279 -19.51 10.12 -0.81
CA THR D 279 -20.75 9.34 -0.80
C THR D 279 -21.83 10.04 -1.61
N TYR D 280 -23.00 9.40 -1.70
CA TYR D 280 -24.10 9.95 -2.47
C TYR D 280 -24.53 11.30 -1.92
N ASN D 281 -24.63 11.43 -0.59
CA ASN D 281 -25.04 12.69 -0.01
C ASN D 281 -24.01 13.79 -0.25
N ALA D 282 -22.73 13.44 -0.29
CA ALA D 282 -21.70 14.43 -0.64
C ALA D 282 -21.94 14.98 -2.02
N ALA D 283 -22.06 14.11 -3.02
CA ALA D 283 -22.27 14.55 -4.39
C ALA D 283 -23.55 15.37 -4.52
N CYS D 284 -24.61 14.94 -3.83
CA CYS D 284 -25.88 15.64 -3.92
C CYS D 284 -25.79 17.04 -3.33
N GLN D 285 -25.04 17.19 -2.23
CA GLN D 285 -24.85 18.51 -1.65
C GLN D 285 -24.12 19.43 -2.62
N PHE D 286 -23.07 18.92 -3.27
CA PHE D 286 -22.32 19.76 -4.19
C PHE D 286 -23.16 20.18 -5.38
N LEU D 287 -24.00 19.28 -5.89
CA LEU D 287 -24.77 19.61 -7.08
C LEU D 287 -25.89 20.60 -6.75
N GLU D 288 -26.60 20.38 -5.63
CA GLU D 288 -27.67 21.29 -5.26
C GLU D 288 -27.14 22.67 -4.88
N ARG D 289 -25.92 22.73 -4.35
CA ARG D 289 -25.32 24.02 -3.99
C ARG D 289 -24.77 24.75 -5.21
N ASN D 290 -24.29 24.02 -6.22
CA ASN D 290 -23.67 24.61 -7.39
C ASN D 290 -24.50 24.51 -8.64
N ASN D 291 -25.77 24.13 -8.53
CA ASN D 291 -26.73 24.17 -9.63
C ASN D 291 -26.25 23.35 -10.83
N LEU D 292 -25.76 22.14 -10.55
CA LEU D 292 -25.27 21.23 -11.57
C LEU D 292 -26.12 19.97 -11.59
N LEU D 293 -26.16 19.32 -12.75
CA LEU D 293 -26.95 18.10 -12.91
C LEU D 293 -26.18 16.85 -12.52
N SER D 294 -24.90 16.74 -12.89
CA SER D 294 -24.14 15.53 -12.65
C SER D 294 -22.66 15.84 -12.52
N ILE D 295 -21.91 14.83 -12.09
CA ILE D 295 -20.46 14.89 -12.02
C ILE D 295 -19.92 13.80 -12.94
N ILE D 296 -19.26 14.21 -14.01
CA ILE D 296 -18.70 13.28 -14.98
C ILE D 296 -17.22 13.17 -14.70
N ARG D 297 -16.78 12.00 -14.24
CA ARG D 297 -15.39 11.77 -13.89
C ARG D 297 -14.94 10.45 -14.52
N ALA D 298 -13.68 10.09 -14.26
CA ALA D 298 -13.10 8.89 -14.85
C ALA D 298 -12.47 8.02 -13.78
N HIS D 299 -11.13 7.89 -13.84
CA HIS D 299 -10.30 7.34 -12.77
C HIS D 299 -10.40 5.84 -12.60
N GLU D 300 -11.61 5.30 -12.42
CA GLU D 300 -11.81 3.88 -12.16
C GLU D 300 -12.16 3.14 -13.43
N ALA D 301 -11.59 1.94 -13.61
CA ALA D 301 -11.86 1.13 -14.78
C ALA D 301 -13.18 0.38 -14.62
N GLN D 302 -14.10 0.59 -15.56
CA GLN D 302 -15.39 -0.09 -15.56
C GLN D 302 -15.41 -1.16 -16.65
N ASP D 303 -15.90 -2.36 -16.29
CA ASP D 303 -15.90 -3.47 -17.24
C ASP D 303 -16.71 -3.15 -18.48
N ALA D 304 -17.78 -2.38 -18.36
CA ALA D 304 -18.58 -1.96 -19.51
C ALA D 304 -18.12 -0.64 -20.09
N GLY D 305 -16.98 -0.12 -19.66
CA GLY D 305 -16.45 1.13 -20.16
C GLY D 305 -17.02 2.38 -19.52
N TYR D 306 -18.17 2.29 -18.87
CA TYR D 306 -18.77 3.43 -18.19
C TYR D 306 -19.64 2.92 -17.07
N ARG D 307 -20.09 3.85 -16.23
CA ARG D 307 -20.97 3.49 -15.13
C ARG D 307 -21.70 4.75 -14.70
N MET D 308 -23.00 4.64 -14.48
CA MET D 308 -23.80 5.73 -13.98
C MET D 308 -24.32 5.35 -12.60
N TYR D 309 -24.16 6.26 -11.65
CA TYR D 309 -24.48 6.02 -10.26
C TYR D 309 -25.89 6.54 -9.98
N ARG D 310 -26.26 6.55 -8.69
CA ARG D 310 -27.63 6.88 -8.28
C ARG D 310 -28.03 8.26 -8.75
N LYS D 311 -29.31 8.41 -9.09
CA LYS D 311 -29.82 9.68 -9.60
C LYS D 311 -30.21 10.62 -8.47
N THR D 312 -29.95 11.90 -8.68
CA THR D 312 -30.24 12.90 -7.65
C THR D 312 -31.74 13.02 -7.42
N LYS D 313 -32.11 13.16 -6.16
CA LYS D 313 -33.52 13.23 -5.80
C LYS D 313 -34.19 14.50 -6.31
N THR D 314 -33.42 15.51 -6.71
CA THR D 314 -33.99 16.75 -7.24
C THR D 314 -34.24 16.63 -8.74
N THR D 315 -33.16 16.51 -9.53
CA THR D 315 -33.27 16.55 -10.99
C THR D 315 -33.58 15.19 -11.61
N GLY D 316 -33.26 14.08 -10.93
CA GLY D 316 -33.44 12.77 -11.51
C GLY D 316 -32.30 12.29 -12.38
N PHE D 317 -31.29 13.12 -12.61
CA PHE D 317 -30.10 12.79 -13.37
C PHE D 317 -29.12 12.00 -12.48
N PRO D 318 -28.35 11.09 -13.06
CA PRO D 318 -27.30 10.42 -12.29
C PRO D 318 -26.37 11.42 -11.61
N SER D 319 -26.20 11.25 -10.30
CA SER D 319 -25.36 12.17 -9.53
C SER D 319 -23.91 12.14 -9.99
N VAL D 320 -23.42 10.96 -10.34
CA VAL D 320 -22.05 10.77 -10.80
C VAL D 320 -22.08 9.86 -12.02
N MET D 321 -21.30 10.20 -13.03
CA MET D 321 -21.04 9.34 -14.18
C MET D 321 -19.53 9.08 -14.26
N THR D 322 -19.18 7.81 -14.47
CA THR D 322 -17.80 7.40 -14.65
C THR D 322 -17.60 6.93 -16.09
N ILE D 323 -16.58 7.48 -16.75
CA ILE D 323 -16.26 7.14 -18.14
C ILE D 323 -14.82 6.64 -18.20
N PHE D 324 -14.62 5.51 -18.88
CA PHE D 324 -13.31 4.87 -18.97
C PHE D 324 -13.04 4.49 -20.41
N SER D 325 -11.94 4.99 -20.98
CA SER D 325 -11.71 4.88 -22.42
C SER D 325 -10.52 4.00 -22.77
N ALA D 326 -10.12 3.10 -21.86
CA ALA D 326 -8.98 2.22 -22.10
C ALA D 326 -9.48 0.78 -22.26
N PRO D 327 -9.65 0.29 -23.47
CA PRO D 327 -10.14 -1.08 -23.64
C PRO D 327 -9.04 -2.11 -23.44
N ASN D 328 -9.44 -3.27 -22.89
CA ASN D 328 -8.51 -4.33 -22.53
C ASN D 328 -7.38 -3.76 -21.67
N TYR D 329 -7.79 -3.00 -20.65
CA TYR D 329 -6.85 -2.30 -19.79
C TYR D 329 -5.78 -3.25 -19.27
N LEU D 330 -4.51 -2.89 -19.50
CA LEU D 330 -3.34 -3.67 -19.09
C LEU D 330 -3.24 -5.00 -19.82
N ASP D 331 -3.96 -5.15 -20.92
CA ASP D 331 -3.99 -6.34 -21.77
C ASP D 331 -4.49 -7.59 -21.05
N VAL D 332 -5.09 -7.44 -19.86
CA VAL D 332 -5.53 -8.59 -19.07
C VAL D 332 -6.98 -8.49 -18.61
N TYR D 333 -7.59 -7.31 -18.57
CA TYR D 333 -8.92 -7.17 -18.00
C TYR D 333 -10.03 -7.55 -18.96
N SER D 334 -9.75 -7.57 -20.26
CA SER D 334 -10.73 -7.91 -21.29
C SER D 334 -11.98 -7.04 -21.19
N ASN D 335 -11.82 -5.79 -20.75
CA ASN D 335 -12.93 -4.87 -20.55
C ASN D 335 -13.18 -4.05 -21.82
N LYS D 336 -14.33 -3.38 -21.83
CA LYS D 336 -14.67 -2.46 -22.91
C LYS D 336 -14.23 -1.05 -22.55
N ALA D 337 -14.26 -0.17 -23.55
CA ALA D 337 -14.05 1.25 -23.36
C ALA D 337 -15.30 2.01 -23.78
N ALA D 338 -15.32 3.30 -23.49
CA ALA D 338 -16.49 4.10 -23.81
C ALA D 338 -16.10 5.55 -23.93
N VAL D 339 -16.91 6.31 -24.65
CA VAL D 339 -16.84 7.75 -24.68
C VAL D 339 -18.26 8.29 -24.59
N LEU D 340 -18.37 9.57 -24.25
CA LEU D 340 -19.66 10.21 -24.06
C LEU D 340 -19.90 11.13 -25.25
N LYS D 341 -20.61 10.61 -26.25
CA LYS D 341 -21.10 11.43 -27.35
C LYS D 341 -22.33 12.17 -26.86
N TYR D 342 -22.14 13.42 -26.43
CA TYR D 342 -23.17 14.17 -25.70
C TYR D 342 -23.74 15.28 -26.57
N GLU D 343 -25.03 15.15 -26.90
CA GLU D 343 -25.88 16.22 -27.39
C GLU D 343 -26.88 16.56 -26.31
N SER D 344 -27.43 17.79 -26.37
CA SER D 344 -28.44 18.20 -25.40
C SER D 344 -29.69 17.34 -25.51
N ASN D 345 -30.09 17.00 -26.74
CA ASN D 345 -31.30 16.20 -26.93
C ASN D 345 -31.10 14.77 -26.45
N VAL D 346 -29.96 14.16 -26.78
CA VAL D 346 -29.73 12.73 -26.55
C VAL D 346 -28.31 12.50 -26.05
N MET D 347 -28.16 11.50 -25.19
CA MET D 347 -26.87 11.09 -24.64
C MET D 347 -26.55 9.71 -25.21
N ASN D 348 -25.51 9.63 -26.03
CA ASN D 348 -25.07 8.38 -26.65
C ASN D 348 -23.70 8.03 -26.09
N ILE D 349 -23.63 6.93 -25.35
CA ILE D 349 -22.39 6.43 -24.80
C ILE D 349 -21.97 5.25 -25.67
N ARG D 350 -20.95 5.48 -26.51
CA ARG D 350 -20.49 4.49 -27.47
C ARG D 350 -19.33 3.69 -26.90
N GLN D 351 -19.30 2.39 -27.22
CA GLN D 351 -18.32 1.46 -26.68
C GLN D 351 -17.52 0.84 -27.81
N PHE D 352 -16.23 0.58 -27.54
CA PHE D 352 -15.37 -0.09 -28.50
C PHE D 352 -14.49 -1.10 -27.78
N ASN D 353 -13.93 -2.01 -28.56
CA ASN D 353 -13.06 -3.06 -28.05
C ASN D 353 -11.61 -2.77 -28.44
N CYS D 354 -10.71 -3.62 -27.94
CA CYS D 354 -9.28 -3.38 -28.10
C CYS D 354 -8.83 -3.59 -29.54
N THR D 355 -7.69 -2.99 -29.87
CA THR D 355 -7.04 -3.03 -31.16
C THR D 355 -5.64 -3.62 -31.03
N PRO D 356 -5.24 -4.52 -31.93
CA PRO D 356 -3.90 -5.10 -31.85
C PRO D 356 -2.82 -4.01 -31.78
N HIS D 357 -1.89 -4.17 -30.85
CA HIS D 357 -0.73 -3.29 -30.72
C HIS D 357 0.55 -4.11 -30.70
N PRO D 358 1.66 -3.53 -31.15
CA PRO D 358 2.95 -4.26 -31.11
C PRO D 358 3.29 -4.68 -29.68
N TYR D 359 4.28 -5.57 -29.59
CA TYR D 359 4.67 -6.16 -28.32
C TYR D 359 5.95 -5.53 -27.78
N TRP D 360 5.99 -5.39 -26.46
CA TRP D 360 7.15 -4.87 -25.74
C TRP D 360 7.45 -5.79 -24.59
N LEU D 361 8.72 -6.18 -24.45
CA LEU D 361 9.13 -6.89 -23.25
C LEU D 361 8.92 -5.99 -22.04
N PRO D 362 8.74 -6.57 -20.85
CA PRO D 362 8.53 -5.74 -19.65
C PRO D 362 9.67 -4.75 -19.46
N ASN D 363 9.30 -3.52 -19.12
CA ASN D 363 10.26 -2.44 -18.87
C ASN D 363 11.14 -2.16 -20.09
N PHE D 364 10.62 -2.40 -21.29
CA PHE D 364 11.31 -2.08 -22.53
C PHE D 364 12.65 -2.79 -22.66
N MET D 365 12.72 -3.99 -22.08
CA MET D 365 13.93 -4.80 -22.19
C MET D 365 14.24 -5.09 -23.65
N ASP D 366 15.52 -4.96 -23.99
CA ASP D 366 16.01 -5.50 -25.25
C ASP D 366 16.13 -7.02 -25.14
N VAL D 367 16.30 -7.65 -26.30
CA VAL D 367 16.31 -9.11 -26.36
C VAL D 367 17.42 -9.69 -25.50
N PHE D 368 18.61 -9.07 -25.50
CA PHE D 368 19.76 -9.72 -24.88
C PHE D 368 19.70 -9.66 -23.36
N THR D 369 19.40 -8.48 -22.80
CA THR D 369 19.23 -8.38 -21.36
C THR D 369 18.16 -9.34 -20.88
N TRP D 370 17.07 -9.45 -21.64
CA TRP D 370 15.98 -10.36 -21.30
C TRP D 370 16.43 -11.81 -21.28
N SER D 371 17.29 -12.21 -22.22
CA SER D 371 17.62 -13.62 -22.39
C SER D 371 18.95 -14.02 -21.76
N LEU D 372 19.87 -13.07 -21.54
CA LEU D 372 21.18 -13.45 -21.01
C LEU D 372 21.13 -14.16 -19.66
N PRO D 373 20.27 -13.78 -18.69
CA PRO D 373 20.22 -14.55 -17.44
C PRO D 373 19.94 -16.03 -17.65
N PHE D 374 18.89 -16.36 -18.40
CA PHE D 374 18.57 -17.76 -18.65
C PHE D 374 19.68 -18.46 -19.43
N VAL D 375 20.39 -17.73 -20.29
CA VAL D 375 21.51 -18.33 -21.01
C VAL D 375 22.66 -18.62 -20.05
N GLY D 376 23.06 -17.60 -19.26
CA GLY D 376 24.14 -17.80 -18.31
C GLY D 376 23.87 -18.89 -17.30
N GLU D 377 22.60 -19.07 -16.90
CA GLU D 377 22.27 -20.16 -16.00
C GLU D 377 22.48 -21.51 -16.69
N LYS D 378 21.79 -21.74 -17.81
CA LYS D 378 21.81 -23.06 -18.43
C LYS D 378 23.20 -23.43 -18.93
N ILE D 379 23.97 -22.46 -19.38
CA ILE D 379 25.35 -22.75 -19.78
C ILE D 379 26.19 -23.13 -18.56
N THR D 380 25.98 -22.44 -17.44
CA THR D 380 26.66 -22.80 -16.20
C THR D 380 26.22 -24.17 -15.70
N ASP D 381 24.93 -24.51 -15.85
CA ASP D 381 24.44 -25.79 -15.36
C ASP D 381 25.19 -26.95 -16.02
N MET D 382 25.49 -26.82 -17.30
CA MET D 382 26.19 -27.88 -18.03
C MET D 382 27.66 -27.97 -17.62
N LEU D 383 28.32 -26.83 -17.44
CA LEU D 383 29.73 -26.84 -17.05
C LEU D 383 29.93 -27.51 -15.70
N ILE D 384 29.05 -27.23 -14.75
CA ILE D 384 29.21 -27.83 -13.43
C ILE D 384 29.06 -29.35 -13.51
N ALA D 385 28.13 -29.83 -14.33
CA ALA D 385 27.93 -31.26 -14.46
C ALA D 385 29.12 -31.94 -15.12
N ILE D 386 29.84 -31.21 -15.98
CA ILE D 386 31.04 -31.76 -16.59
C ILE D 386 32.19 -31.80 -15.59
N LEU D 387 32.33 -30.74 -14.78
CA LEU D 387 33.44 -30.66 -13.84
C LEU D 387 33.28 -31.60 -12.65
N ASN D 388 32.06 -32.11 -12.42
CA ASN D 388 31.87 -33.14 -11.41
C ASN D 388 31.23 -34.38 -12.03
N CYS D 389 31.86 -34.91 -13.08
CA CYS D 389 31.39 -36.12 -13.77
C CYS D 389 32.36 -37.28 -13.56
N GLY E 2 57.12 -36.29 -22.06
CA GLY E 2 56.88 -36.58 -23.46
C GLY E 2 56.85 -35.34 -24.34
N ALA E 3 57.61 -35.37 -25.45
CA ALA E 3 57.73 -34.19 -26.30
C ALA E 3 56.41 -33.86 -26.99
N ALA E 4 55.63 -34.89 -27.33
CA ALA E 4 54.35 -34.67 -28.00
C ALA E 4 53.35 -34.00 -27.06
N GLU E 5 53.23 -34.51 -25.83
CA GLU E 5 52.30 -33.93 -24.88
C GLU E 5 52.77 -32.59 -24.33
N SER E 6 54.09 -32.40 -24.23
CA SER E 6 54.61 -31.16 -23.64
C SER E 6 54.37 -29.95 -24.54
N SER E 7 54.25 -30.18 -25.86
CA SER E 7 53.98 -29.07 -26.76
C SER E 7 52.60 -28.49 -26.53
N MET E 8 51.59 -29.35 -26.30
CA MET E 8 50.25 -28.85 -26.01
C MET E 8 50.20 -28.21 -24.62
N PHE E 9 50.90 -28.80 -23.65
CA PHE E 9 50.87 -28.27 -22.28
C PHE E 9 51.44 -26.85 -22.23
N ASN E 10 52.62 -26.65 -22.81
CA ASN E 10 53.19 -25.31 -22.83
C ASN E 10 52.29 -24.34 -23.58
N SER E 11 51.58 -24.83 -24.60
CA SER E 11 50.65 -23.97 -25.34
C SER E 11 49.42 -23.67 -24.51
N LEU E 12 48.77 -24.71 -23.97
CA LEU E 12 47.53 -24.52 -23.22
C LEU E 12 47.77 -23.77 -21.90
N GLU E 13 48.96 -23.89 -21.33
CA GLU E 13 49.30 -23.08 -20.16
C GLU E 13 49.56 -21.63 -20.52
N LYS E 14 49.95 -21.36 -21.77
CA LYS E 14 50.21 -20.00 -22.23
C LYS E 14 48.98 -19.29 -22.75
N ASN E 15 47.97 -20.04 -23.20
CA ASN E 15 46.77 -19.46 -23.78
C ASN E 15 45.59 -19.43 -22.79
N SER E 16 45.29 -20.57 -22.16
CA SER E 16 44.16 -20.63 -21.25
C SER E 16 44.41 -19.82 -19.99
N ASN E 17 43.32 -19.35 -19.38
CA ASN E 17 43.36 -18.64 -18.10
C ASN E 17 43.57 -19.58 -16.91
N PHE E 18 44.12 -20.76 -17.15
CA PHE E 18 44.32 -21.77 -16.14
C PHE E 18 45.79 -21.81 -15.72
N SER E 19 46.16 -22.87 -15.02
CA SER E 19 47.53 -23.11 -14.64
C SER E 19 47.81 -24.59 -14.76
N GLY E 20 49.07 -24.95 -14.58
CA GLY E 20 49.51 -26.34 -14.70
C GLY E 20 48.71 -27.33 -13.89
N PRO E 21 48.52 -27.06 -12.59
CA PRO E 21 47.72 -27.99 -11.77
C PRO E 21 46.27 -28.09 -12.23
N GLU E 22 45.67 -26.97 -12.63
CA GLU E 22 44.28 -26.99 -13.06
C GLU E 22 44.10 -27.75 -14.36
N LEU E 23 45.06 -27.60 -15.30
CA LEU E 23 45.01 -28.39 -16.52
C LEU E 23 45.12 -29.88 -16.23
N MET E 24 45.85 -30.25 -15.18
CA MET E 24 46.00 -31.67 -14.85
C MET E 24 44.65 -32.28 -14.48
N ARG E 25 43.84 -31.57 -13.69
CA ARG E 25 42.52 -32.07 -13.35
C ARG E 25 41.61 -32.13 -14.57
N LEU E 26 41.73 -31.18 -15.50
CA LEU E 26 40.88 -31.19 -16.68
C LEU E 26 41.16 -32.41 -17.55
N LYS E 27 42.43 -32.78 -17.70
CA LYS E 27 42.76 -34.01 -18.42
C LYS E 27 42.12 -35.22 -17.76
N LYS E 28 41.98 -35.20 -16.43
CA LYS E 28 41.27 -36.27 -15.75
C LYS E 28 39.77 -36.21 -16.08
N ARG E 29 39.14 -35.06 -15.86
CA ARG E 29 37.72 -34.93 -16.14
C ARG E 29 37.41 -35.05 -17.62
N PHE E 30 38.36 -34.67 -18.49
CA PHE E 30 38.15 -34.86 -19.93
C PHE E 30 38.07 -36.34 -20.28
N MET E 31 38.96 -37.16 -19.70
CA MET E 31 38.93 -38.58 -19.97
C MET E 31 37.70 -39.26 -19.38
N LYS E 32 37.10 -38.68 -18.33
CA LYS E 32 35.89 -39.26 -17.76
C LYS E 32 34.71 -39.17 -18.71
N LEU E 33 34.74 -38.25 -19.67
CA LEU E 33 33.68 -38.13 -20.66
C LEU E 33 33.97 -38.91 -21.94
N ASP E 34 35.25 -39.06 -22.29
CA ASP E 34 35.66 -39.77 -23.50
C ASP E 34 35.59 -41.26 -23.23
N LYS E 35 34.41 -41.85 -23.44
CA LYS E 35 34.21 -43.27 -23.17
C LYS E 35 35.00 -44.13 -24.16
N ASP E 36 34.85 -43.86 -25.46
CA ASP E 36 35.56 -44.64 -26.46
C ASP E 36 37.05 -44.28 -26.57
N GLY E 37 37.50 -43.27 -25.83
CA GLY E 37 38.90 -42.89 -25.88
C GLY E 37 39.39 -42.45 -27.24
N SER E 38 38.55 -41.80 -28.03
CA SER E 38 38.93 -41.37 -29.37
C SER E 38 39.73 -40.06 -29.38
N GLY E 39 40.14 -39.57 -28.21
CA GLY E 39 40.82 -38.29 -28.11
C GLY E 39 39.92 -37.09 -28.26
N SER E 40 38.62 -37.30 -28.44
CA SER E 40 37.66 -36.22 -28.61
C SER E 40 36.31 -36.70 -28.13
N ILE E 41 35.40 -35.76 -27.90
CA ILE E 41 34.05 -36.06 -27.44
C ILE E 41 33.08 -35.81 -28.58
N ASP E 42 32.11 -36.71 -28.73
CA ASP E 42 31.06 -36.60 -29.74
C ASP E 42 29.76 -36.10 -29.12
N LYS E 43 28.85 -35.63 -29.97
CA LYS E 43 27.57 -35.11 -29.48
C LYS E 43 26.77 -36.20 -28.80
N ASP E 44 26.81 -37.43 -29.33
CA ASP E 44 26.18 -38.54 -28.65
C ASP E 44 26.88 -38.87 -27.34
N GLU E 45 28.19 -38.61 -27.26
CA GLU E 45 28.93 -38.84 -26.03
C GLU E 45 28.62 -37.78 -24.99
N PHE E 46 28.45 -36.53 -25.43
CA PHE E 46 28.05 -35.46 -24.52
C PHE E 46 26.66 -35.70 -23.95
N LEU E 47 25.68 -35.96 -24.83
CA LEU E 47 24.30 -36.14 -24.42
C LEU E 47 24.12 -37.31 -23.45
N GLN E 48 25.15 -38.13 -23.26
CA GLN E 48 25.09 -39.20 -22.28
C GLN E 48 25.13 -38.68 -20.84
N ILE E 49 25.40 -37.39 -20.62
CA ILE E 49 25.41 -36.84 -19.27
C ILE E 49 23.99 -36.42 -18.91
N PRO E 50 23.66 -36.28 -17.61
CA PRO E 50 22.26 -35.98 -17.23
C PRO E 50 21.86 -34.53 -17.46
N GLN E 51 22.52 -33.60 -16.77
CA GLN E 51 22.16 -32.19 -16.85
C GLN E 51 22.41 -31.57 -18.23
N ILE E 52 22.95 -32.33 -19.18
CA ILE E 52 23.22 -31.85 -20.52
C ILE E 52 22.23 -32.38 -21.54
N ALA E 53 21.45 -33.40 -21.19
CA ALA E 53 20.52 -33.97 -22.15
C ALA E 53 19.25 -33.12 -22.29
N ASN E 54 18.77 -32.56 -21.18
CA ASN E 54 17.55 -31.76 -21.15
C ASN E 54 17.83 -30.26 -21.13
N ASN E 55 18.94 -29.82 -21.76
CA ASN E 55 19.34 -28.43 -21.72
C ASN E 55 19.07 -27.78 -23.06
N PRO E 56 18.23 -26.73 -23.12
CA PRO E 56 17.97 -26.08 -24.41
C PRO E 56 19.17 -25.38 -25.01
N LEU E 57 20.25 -25.20 -24.25
CA LEU E 57 21.47 -24.59 -24.77
C LEU E 57 22.59 -25.61 -24.94
N ALA E 58 22.24 -26.90 -25.02
CA ALA E 58 23.27 -27.93 -25.17
C ALA E 58 23.90 -27.86 -26.56
N HIS E 59 23.09 -27.83 -27.61
CA HIS E 59 23.63 -27.81 -28.96
C HIS E 59 24.47 -26.56 -29.21
N ARG E 60 24.03 -25.42 -28.68
CA ARG E 60 24.81 -24.20 -28.85
C ARG E 60 26.18 -24.34 -28.20
N MET E 61 26.23 -24.89 -26.99
CA MET E 61 27.49 -24.98 -26.26
C MET E 61 28.47 -25.89 -26.98
N ILE E 62 28.01 -27.07 -27.41
CA ILE E 62 28.86 -27.99 -28.15
C ILE E 62 29.39 -27.35 -29.43
N ALA E 63 28.58 -26.51 -30.09
CA ALA E 63 29.03 -25.87 -31.32
C ALA E 63 30.08 -24.80 -31.05
N ILE E 64 30.01 -24.14 -29.90
CA ILE E 64 30.96 -23.06 -29.60
C ILE E 64 32.30 -23.65 -29.18
N PHE E 65 32.29 -24.87 -28.65
CA PHE E 65 33.54 -25.54 -28.29
C PHE E 65 34.30 -26.01 -29.52
N ASP E 66 33.60 -26.38 -30.59
CA ASP E 66 34.26 -26.73 -31.85
C ASP E 66 34.86 -25.49 -32.49
N GLU E 67 36.06 -25.11 -32.01
CA GLU E 67 36.72 -23.91 -32.53
C GLU E 67 36.94 -24.01 -34.03
N ASP E 68 37.29 -25.20 -34.52
CA ASP E 68 37.37 -25.45 -35.95
C ASP E 68 36.02 -25.82 -36.55
N GLY E 69 35.24 -26.64 -35.84
CA GLY E 69 33.96 -27.10 -36.36
C GLY E 69 34.04 -28.48 -36.99
N SER E 70 34.57 -29.45 -36.24
CA SER E 70 34.74 -30.82 -36.71
C SER E 70 33.81 -31.81 -36.03
N GLY E 71 32.74 -31.32 -35.40
CA GLY E 71 31.78 -32.21 -34.77
C GLY E 71 32.29 -32.95 -33.55
N THR E 72 33.51 -32.69 -33.11
CA THR E 72 34.08 -33.37 -31.96
C THR E 72 34.84 -32.36 -31.11
N VAL E 73 34.68 -32.46 -29.79
CA VAL E 73 35.38 -31.59 -28.86
C VAL E 73 36.60 -32.36 -28.36
N ASP E 74 37.76 -32.02 -28.91
CA ASP E 74 39.03 -32.58 -28.44
C ASP E 74 39.46 -31.85 -27.17
N PHE E 75 40.61 -32.25 -26.63
CA PHE E 75 41.04 -31.67 -25.36
C PHE E 75 41.44 -30.20 -25.51
N GLN E 76 42.06 -29.84 -26.63
CA GLN E 76 42.52 -28.46 -26.80
C GLN E 76 41.33 -27.50 -26.86
N GLU E 77 40.23 -27.94 -27.48
CA GLU E 77 38.99 -27.17 -27.50
C GLU E 77 38.28 -27.19 -26.15
N PHE E 78 38.24 -28.37 -25.51
CA PHE E 78 37.65 -28.51 -24.19
C PHE E 78 38.27 -27.53 -23.20
N VAL E 79 39.56 -27.27 -23.32
CA VAL E 79 40.21 -26.32 -22.44
C VAL E 79 39.90 -24.90 -22.86
N GLY E 80 40.04 -24.61 -24.16
CA GLY E 80 39.72 -23.27 -24.64
CA GLY E 80 39.72 -23.27 -24.64
C GLY E 80 38.27 -22.89 -24.41
N GLY E 81 37.36 -23.86 -24.44
CA GLY E 81 35.97 -23.57 -24.18
C GLY E 81 35.71 -23.19 -22.74
N LEU E 82 36.41 -23.82 -21.81
CA LEU E 82 36.23 -23.54 -20.39
C LEU E 82 36.97 -22.31 -19.93
N SER E 83 37.95 -21.85 -20.70
CA SER E 83 38.83 -20.76 -20.26
C SER E 83 38.06 -19.48 -20.01
N ALA E 84 36.94 -19.28 -20.70
CA ALA E 84 36.23 -18.01 -20.61
C ALA E 84 35.45 -17.88 -19.32
N PHE E 85 35.23 -18.98 -18.59
CA PHE E 85 34.45 -18.96 -17.36
C PHE E 85 35.32 -18.93 -16.10
N SER E 86 36.64 -18.82 -16.26
CA SER E 86 37.54 -18.76 -15.11
C SER E 86 37.26 -17.52 -14.27
N SER E 87 37.34 -17.68 -12.95
CA SER E 87 37.17 -16.52 -12.07
C SER E 87 38.23 -15.46 -12.35
N LYS E 88 39.42 -15.88 -12.78
CA LYS E 88 40.43 -14.94 -13.25
C LYS E 88 40.18 -14.49 -14.69
N GLY E 89 39.08 -14.94 -15.31
CA GLY E 89 38.83 -14.60 -16.70
C GLY E 89 38.45 -13.14 -16.89
N GLY E 90 38.74 -12.65 -18.10
CA GLY E 90 38.52 -11.24 -18.38
C GLY E 90 37.05 -10.91 -18.62
N ARG E 91 36.71 -9.65 -18.33
CA ARG E 91 35.36 -9.18 -18.58
C ARG E 91 35.01 -9.27 -20.07
N ASP E 92 35.92 -8.82 -20.92
CA ASP E 92 35.71 -8.91 -22.37
C ASP E 92 35.56 -10.35 -22.82
N GLU E 93 36.32 -11.27 -22.21
CA GLU E 93 36.31 -12.65 -22.68
C GLU E 93 34.96 -13.30 -22.45
N LYS E 94 34.31 -13.00 -21.31
CA LYS E 94 33.02 -13.60 -21.02
C LYS E 94 31.94 -13.12 -21.98
N LEU E 95 32.00 -11.85 -22.40
CA LEU E 95 31.03 -11.33 -23.36
C LEU E 95 31.16 -12.01 -24.71
N ARG E 96 32.38 -12.42 -25.10
CA ARG E 96 32.59 -13.05 -26.39
C ARG E 96 31.92 -14.42 -26.47
N PHE E 97 31.82 -15.13 -25.35
CA PHE E 97 31.15 -16.41 -25.38
C PHE E 97 29.65 -16.25 -25.58
N ALA E 98 29.03 -15.35 -24.80
CA ALA E 98 27.61 -15.08 -24.97
C ALA E 98 27.30 -14.60 -26.39
N PHE E 99 28.22 -13.87 -27.01
CA PHE E 99 28.02 -13.44 -28.39
C PHE E 99 27.98 -14.64 -29.34
N LYS E 100 28.84 -15.63 -29.12
CA LYS E 100 28.85 -16.81 -29.97
C LYS E 100 27.59 -17.66 -29.80
N VAL E 101 26.82 -17.43 -28.73
CA VAL E 101 25.57 -18.15 -28.53
C VAL E 101 24.54 -17.75 -29.57
N TYR E 102 24.60 -16.51 -30.04
CA TYR E 102 23.64 -16.03 -31.04
C TYR E 102 24.22 -16.04 -32.46
N ASP E 103 25.52 -15.81 -32.61
CA ASP E 103 26.17 -15.85 -33.92
C ASP E 103 26.40 -17.32 -34.30
N MET E 104 25.41 -17.89 -35.00
CA MET E 104 25.48 -19.31 -35.32
C MET E 104 26.51 -19.61 -36.42
N ASP E 105 26.55 -18.78 -37.47
CA ASP E 105 27.46 -19.03 -38.58
C ASP E 105 28.87 -18.51 -38.33
N ARG E 106 29.12 -17.94 -37.15
CA ARG E 106 30.44 -17.49 -36.73
C ARG E 106 31.03 -16.48 -37.71
N ASP E 107 30.18 -15.62 -38.26
CA ASP E 107 30.62 -14.58 -39.19
C ASP E 107 30.92 -13.26 -38.49
N GLY E 108 30.85 -13.20 -37.16
CA GLY E 108 31.15 -11.99 -36.43
C GLY E 108 29.99 -11.04 -36.26
N TYR E 109 28.83 -11.34 -36.82
CA TYR E 109 27.65 -10.49 -36.72
C TYR E 109 26.46 -11.32 -36.29
N ILE E 110 25.49 -10.68 -35.64
CA ILE E 110 24.21 -11.27 -35.29
C ILE E 110 23.14 -10.66 -36.19
N SER E 111 22.30 -11.50 -36.78
CA SER E 111 21.26 -11.05 -37.70
C SER E 111 19.88 -11.34 -37.14
N ASN E 112 18.87 -10.82 -37.85
CA ASN E 112 17.48 -11.06 -37.45
C ASN E 112 17.17 -12.53 -37.33
N GLY E 113 17.43 -13.29 -38.41
CA GLY E 113 17.15 -14.71 -38.37
C GLY E 113 17.91 -15.41 -37.27
N GLU E 114 19.22 -15.19 -37.21
CA GLU E 114 20.04 -15.78 -36.15
C GLU E 114 19.45 -15.48 -34.78
N LEU E 115 19.14 -14.22 -34.51
CA LEU E 115 18.55 -13.85 -33.23
C LEU E 115 17.22 -14.56 -33.01
N TYR E 116 16.32 -14.47 -33.99
CA TYR E 116 15.01 -15.11 -33.86
C TYR E 116 15.14 -16.62 -33.69
N LEU E 117 15.93 -17.26 -34.55
CA LEU E 117 16.02 -18.72 -34.52
C LEU E 117 16.64 -19.21 -33.21
N VAL E 118 17.52 -18.42 -32.60
CA VAL E 118 18.12 -18.82 -31.34
C VAL E 118 17.10 -18.71 -30.21
N LEU E 119 16.40 -17.59 -30.14
CA LEU E 119 15.48 -17.34 -29.05
C LEU E 119 14.28 -18.29 -29.11
N LYS E 120 13.65 -18.40 -30.28
CA LYS E 120 12.51 -19.28 -30.44
C LYS E 120 12.82 -20.69 -29.95
N GLN E 121 14.06 -21.15 -30.15
CA GLN E 121 14.48 -22.44 -29.59
C GLN E 121 14.35 -22.44 -28.07
N MET E 122 14.81 -21.37 -27.42
CA MET E 122 14.78 -21.32 -25.96
C MET E 122 13.41 -20.94 -25.43
N VAL E 123 12.77 -19.95 -26.05
CA VAL E 123 11.48 -19.45 -25.58
C VAL E 123 10.41 -20.51 -25.74
N GLY E 124 10.35 -21.14 -26.92
CA GLY E 124 9.32 -22.11 -27.19
C GLY E 124 8.05 -21.46 -27.68
N ASN E 125 6.91 -21.92 -27.19
CA ASN E 125 5.62 -21.38 -27.61
C ASN E 125 5.08 -20.33 -26.65
N ASN E 126 5.88 -19.89 -25.68
CA ASN E 126 5.39 -18.92 -24.71
C ASN E 126 5.28 -17.53 -25.31
N LEU E 127 5.99 -17.26 -26.40
CA LEU E 127 5.80 -16.05 -27.18
C LEU E 127 5.32 -16.43 -28.57
N LYS E 128 4.37 -15.66 -29.09
CA LYS E 128 3.92 -15.87 -30.46
C LYS E 128 5.02 -15.45 -31.43
N ASP E 129 5.09 -16.14 -32.58
CA ASP E 129 6.15 -15.87 -33.54
C ASP E 129 6.19 -14.40 -33.92
N GLN E 130 5.02 -13.76 -34.03
CA GLN E 130 4.96 -12.35 -34.38
C GLN E 130 5.52 -11.49 -33.25
N GLN E 131 5.33 -11.91 -32.01
CA GLN E 131 5.80 -11.11 -30.88
C GLN E 131 7.31 -11.14 -30.79
N LEU E 132 7.92 -12.32 -30.92
CA LEU E 132 9.37 -12.43 -30.87
C LEU E 132 10.03 -11.70 -32.04
N GLN E 133 9.37 -11.64 -33.20
CA GLN E 133 9.94 -10.91 -34.31
C GLN E 133 9.92 -9.41 -34.05
N GLN E 134 8.89 -8.90 -33.38
CA GLN E 134 8.80 -7.46 -33.15
C GLN E 134 9.85 -6.98 -32.16
N ILE E 135 10.11 -7.76 -31.10
CA ILE E 135 11.12 -7.34 -30.13
C ILE E 135 12.51 -7.48 -30.73
N VAL E 136 12.71 -8.44 -31.62
CA VAL E 136 14.00 -8.55 -32.31
C VAL E 136 14.18 -7.39 -33.29
N ASP E 137 13.12 -7.02 -34.01
CA ASP E 137 13.20 -5.88 -34.91
C ASP E 137 13.61 -4.62 -34.15
N LYS E 138 12.95 -4.34 -33.03
CA LYS E 138 13.30 -3.14 -32.27
C LYS E 138 14.68 -3.27 -31.61
N THR E 139 15.06 -4.48 -31.19
CA THR E 139 16.33 -4.64 -30.48
C THR E 139 17.52 -4.34 -31.38
N ILE E 140 17.49 -4.83 -32.62
CA ILE E 140 18.62 -4.63 -33.52
C ILE E 140 18.75 -3.16 -33.89
N MET E 141 17.65 -2.49 -34.21
CA MET E 141 17.74 -1.10 -34.64
C MET E 141 18.18 -0.18 -33.50
N GLU E 142 17.85 -0.52 -32.26
CA GLU E 142 18.32 0.25 -31.12
C GLU E 142 19.79 0.00 -30.82
N ALA E 143 20.36 -1.06 -31.39
CA ALA E 143 21.78 -1.37 -31.20
C ALA E 143 22.60 -1.13 -32.45
N ASP E 144 21.99 -1.21 -33.62
CA ASP E 144 22.68 -0.92 -34.87
C ASP E 144 23.06 0.55 -34.90
N LYS E 145 24.33 0.83 -35.17
CA LYS E 145 24.80 2.20 -35.23
C LYS E 145 25.46 2.55 -36.55
N ASP E 146 25.88 1.58 -37.35
CA ASP E 146 26.42 1.84 -38.68
C ASP E 146 25.41 1.52 -39.78
N GLY E 147 24.15 1.30 -39.44
CA GLY E 147 23.11 1.09 -40.43
C GLY E 147 23.21 -0.18 -41.25
N ASP E 148 24.15 -1.08 -40.90
CA ASP E 148 24.34 -2.31 -41.67
C ASP E 148 23.20 -3.31 -41.51
N GLY E 149 22.31 -3.11 -40.53
CA GLY E 149 21.22 -4.04 -40.30
C GLY E 149 21.57 -5.24 -39.44
N LYS E 150 22.84 -5.38 -39.06
CA LYS E 150 23.30 -6.49 -38.25
C LYS E 150 24.00 -5.94 -37.02
N LEU E 151 24.23 -6.80 -36.03
CA LEU E 151 24.86 -6.40 -34.79
C LEU E 151 26.28 -6.96 -34.73
N SER E 152 27.26 -6.06 -34.63
CA SER E 152 28.64 -6.44 -34.40
C SER E 152 28.87 -6.70 -32.91
N PHE E 153 30.08 -7.12 -32.56
CA PHE E 153 30.38 -7.36 -31.15
C PHE E 153 30.42 -6.06 -30.35
N GLU E 154 30.89 -4.98 -30.96
CA GLU E 154 30.97 -3.72 -30.23
C GLU E 154 29.58 -3.14 -29.99
N GLU E 155 28.62 -3.45 -30.86
CA GLU E 155 27.24 -3.04 -30.62
C GLU E 155 26.55 -3.94 -29.60
N PHE E 156 26.90 -5.23 -29.60
CA PHE E 156 26.41 -6.15 -28.58
C PHE E 156 26.90 -5.75 -27.20
N THR E 157 28.17 -5.32 -27.09
CA THR E 157 28.69 -4.92 -25.79
C THR E 157 28.12 -3.58 -25.36
N GLN E 158 28.00 -2.63 -26.29
CA GLN E 158 27.47 -1.32 -25.95
C GLN E 158 26.00 -1.37 -25.56
N MET E 159 25.35 -2.54 -25.64
CA MET E 159 23.96 -2.72 -25.26
C MET E 159 23.78 -3.49 -23.96
N VAL E 160 24.58 -4.52 -23.73
CA VAL E 160 24.48 -5.35 -22.54
C VAL E 160 25.42 -4.84 -21.46
N ALA E 161 25.82 -3.57 -21.56
CA ALA E 161 26.67 -2.99 -20.52
C ALA E 161 25.96 -3.00 -19.16
N SER E 162 24.64 -2.77 -19.16
CA SER E 162 23.89 -2.83 -17.91
C SER E 162 23.91 -4.24 -17.32
N THR E 163 23.76 -5.26 -18.17
CA THR E 163 23.78 -6.63 -17.70
C THR E 163 25.13 -6.98 -17.08
N ASP E 164 25.10 -7.75 -15.99
CA ASP E 164 26.31 -8.21 -15.31
C ASP E 164 26.66 -9.59 -15.86
N ILE E 165 27.37 -9.62 -16.98
CA ILE E 165 27.80 -10.90 -17.54
C ILE E 165 28.96 -11.50 -16.77
N VAL E 166 29.70 -10.69 -16.00
CA VAL E 166 30.83 -11.23 -15.24
C VAL E 166 30.34 -12.25 -14.22
N LYS E 167 29.27 -11.91 -13.50
CA LYS E 167 28.74 -12.84 -12.50
C LYS E 167 27.99 -14.01 -13.14
N GLN E 168 27.42 -13.79 -14.33
CA GLN E 168 26.64 -14.83 -14.98
C GLN E 168 27.53 -15.95 -15.51
N MET E 169 28.70 -15.61 -16.02
CA MET E 169 29.61 -16.54 -16.67
C MET E 169 30.89 -16.66 -15.82
N THR E 170 30.77 -17.26 -14.64
CA THR E 170 31.90 -17.50 -13.76
C THR E 170 31.54 -18.68 -12.87
N LEU E 171 32.53 -19.52 -12.58
CA LEU E 171 32.29 -20.73 -11.79
C LEU E 171 32.84 -20.64 -10.38
N GLU E 172 34.00 -20.01 -10.20
CA GLU E 172 34.56 -19.72 -8.87
C GLU E 172 34.84 -21.01 -8.09
N ASP E 173 33.78 -21.73 -7.71
CA ASP E 173 33.95 -22.98 -6.97
C ASP E 173 34.69 -24.04 -7.79
N LEU E 174 34.63 -23.94 -9.11
CA LEU E 174 35.33 -24.88 -9.98
C LEU E 174 36.84 -24.77 -9.85
N PHE E 175 37.56 -25.47 -10.75
CA PHE E 175 39.04 -25.51 -10.83
C PHE E 175 39.80 -24.41 -10.08
N GLY F 12 7.40 -21.80 2.23
CA GLY F 12 7.92 -20.50 1.85
C GLY F 12 7.07 -19.82 0.79
N VAL F 13 6.04 -20.52 0.36
CA VAL F 13 5.10 -20.03 -0.65
C VAL F 13 3.69 -20.36 -0.21
N THR F 14 2.80 -19.38 -0.23
CA THR F 14 1.41 -19.57 0.16
C THR F 14 0.51 -19.48 -1.07
N VAL F 15 -0.46 -20.39 -1.18
CA VAL F 15 -1.34 -20.47 -2.34
C VAL F 15 -2.78 -20.20 -1.87
N GLU F 16 -3.32 -19.04 -2.25
CA GLU F 16 -4.69 -18.67 -1.94
C GLU F 16 -5.60 -19.05 -3.11
N ASN F 17 -6.66 -19.78 -2.81
CA ASN F 17 -7.59 -20.28 -3.83
C ASN F 17 -8.64 -19.21 -4.15
N ILE F 18 -8.62 -18.71 -5.39
CA ILE F 18 -9.70 -17.87 -5.89
C ILE F 18 -10.88 -18.76 -6.25
N LYS F 19 -10.78 -19.47 -7.38
CA LYS F 19 -11.76 -20.48 -7.77
C LYS F 19 -11.14 -21.85 -7.63
N GLU F 20 -11.99 -22.87 -7.61
CA GLU F 20 -11.53 -24.23 -7.39
C GLU F 20 -11.50 -25.00 -8.71
N GLY F 21 -10.64 -26.00 -8.77
CA GLY F 21 -10.56 -26.88 -9.91
C GLY F 21 -11.38 -28.13 -9.64
N ASN F 22 -11.05 -29.18 -10.38
CA ASN F 22 -11.77 -30.43 -10.14
C ASN F 22 -11.30 -31.15 -8.88
N GLY F 23 -10.23 -30.70 -8.23
CA GLY F 23 -9.74 -31.33 -7.03
C GLY F 23 -9.22 -32.74 -7.21
N VAL F 24 -9.05 -33.19 -8.45
CA VAL F 24 -8.64 -34.56 -8.76
C VAL F 24 -7.37 -34.58 -9.59
N ASP F 25 -7.33 -33.80 -10.66
CA ASP F 25 -6.15 -33.70 -11.52
C ASP F 25 -5.23 -32.62 -10.98
N LYS F 26 -4.17 -33.03 -10.29
CA LYS F 26 -3.14 -32.14 -9.78
C LYS F 26 -1.80 -32.46 -10.42
N PRO F 27 -0.98 -31.46 -10.72
CA PRO F 27 0.33 -31.74 -11.35
C PRO F 27 1.27 -32.44 -10.39
N VAL F 28 2.23 -33.16 -10.98
CA VAL F 28 3.26 -33.87 -10.22
C VAL F 28 4.62 -33.55 -10.85
N LYS F 29 5.68 -33.90 -10.13
CA LYS F 29 7.03 -33.61 -10.60
C LYS F 29 7.28 -34.32 -11.93
N GLY F 30 7.40 -33.55 -13.01
CA GLY F 30 7.62 -34.09 -14.34
C GLY F 30 6.51 -33.81 -15.32
N ASP F 31 5.41 -33.20 -14.91
CA ASP F 31 4.29 -32.93 -15.80
C ASP F 31 4.47 -31.60 -16.52
N ASN F 32 3.89 -31.53 -17.71
CA ASN F 32 3.86 -30.29 -18.50
C ASN F 32 2.57 -29.55 -18.16
N VAL F 33 2.70 -28.42 -17.47
CA VAL F 33 1.55 -27.60 -17.09
C VAL F 33 1.45 -26.41 -18.02
N THR F 34 0.22 -26.04 -18.37
CA THR F 34 -0.07 -24.85 -19.15
C THR F 34 -0.85 -23.90 -18.24
N ILE F 35 -0.26 -22.74 -17.95
CA ILE F 35 -0.79 -21.85 -16.92
C ILE F 35 -0.81 -20.42 -17.46
N HIS F 36 -1.96 -19.77 -17.34
CA HIS F 36 -2.06 -18.33 -17.53
C HIS F 36 -1.76 -17.64 -16.20
N TYR F 37 -1.15 -16.46 -16.27
CA TYR F 37 -0.72 -15.79 -15.06
C TYR F 37 -0.63 -14.30 -15.30
N VAL F 38 -0.63 -13.55 -14.20
CA VAL F 38 -0.41 -12.10 -14.23
C VAL F 38 0.38 -11.75 -12.98
N GLY F 39 1.59 -11.22 -13.18
CA GLY F 39 2.51 -11.00 -12.07
C GLY F 39 2.45 -9.57 -11.55
N THR F 40 2.38 -9.44 -10.23
CA THR F 40 2.25 -8.15 -9.57
C THR F 40 3.09 -8.13 -8.30
N LEU F 41 3.69 -6.98 -8.00
CA LEU F 41 4.47 -6.84 -6.79
C LEU F 41 3.56 -6.64 -5.57
N LEU F 42 4.16 -6.44 -4.40
CA LEU F 42 3.37 -6.19 -3.21
C LEU F 42 2.59 -4.88 -3.30
N ASP F 43 3.03 -3.94 -4.14
CA ASP F 43 2.29 -2.71 -4.36
C ASP F 43 1.18 -2.88 -5.39
N GLY F 44 0.98 -4.09 -5.92
CA GLY F 44 -0.04 -4.34 -6.91
C GLY F 44 0.33 -3.94 -8.33
N SER F 45 1.42 -3.21 -8.53
CA SER F 45 1.82 -2.80 -9.86
C SER F 45 2.27 -4.01 -10.67
N LYS F 46 1.69 -4.17 -11.85
CA LYS F 46 2.00 -5.31 -12.69
C LYS F 46 3.42 -5.23 -13.23
N PHE F 47 4.03 -6.39 -13.46
CA PHE F 47 5.32 -6.45 -14.14
C PHE F 47 5.34 -7.38 -15.34
N ASP F 48 4.44 -8.37 -15.42
CA ASP F 48 4.35 -9.23 -16.58
C ASP F 48 3.07 -10.04 -16.46
N SER F 49 2.68 -10.66 -17.57
CA SER F 49 1.48 -11.48 -17.62
C SER F 49 1.48 -12.28 -18.91
N SER F 50 1.08 -13.55 -18.84
CA SER F 50 0.92 -14.33 -20.05
C SER F 50 -0.31 -13.90 -20.85
N ARG F 51 -1.25 -13.21 -20.21
CA ARG F 51 -2.38 -12.65 -20.93
C ARG F 51 -2.00 -11.42 -21.74
N ASP F 52 -0.92 -10.73 -21.38
CA ASP F 52 -0.38 -9.68 -22.23
C ASP F 52 -0.08 -10.20 -23.63
N ARG F 53 0.46 -11.41 -23.70
CA ARG F 53 0.91 -12.00 -24.96
C ARG F 53 -0.16 -12.83 -25.65
N GLY F 54 -1.33 -13.00 -25.04
CA GLY F 54 -2.38 -13.75 -25.68
C GLY F 54 -2.07 -15.21 -25.88
N THR F 55 -1.12 -15.74 -25.11
CA THR F 55 -0.73 -17.12 -25.20
C THR F 55 -0.37 -17.59 -23.80
N PRO F 56 -0.85 -18.75 -23.37
CA PRO F 56 -0.52 -19.25 -22.04
C PRO F 56 0.94 -19.70 -21.97
N PHE F 57 1.40 -19.89 -20.74
CA PHE F 57 2.77 -20.30 -20.43
C PHE F 57 2.82 -21.81 -20.22
N VAL F 58 3.88 -22.44 -20.76
CA VAL F 58 4.09 -23.88 -20.63
C VAL F 58 5.47 -24.14 -20.04
N CYS F 59 5.57 -25.20 -19.23
CA CYS F 59 6.82 -25.62 -18.61
C CYS F 59 6.63 -26.98 -17.97
N ARG F 60 7.73 -27.64 -17.63
CA ARG F 60 7.72 -28.92 -16.95
C ARG F 60 7.94 -28.66 -15.46
N ILE F 61 6.88 -28.82 -14.67
CA ILE F 61 6.94 -28.44 -13.26
C ILE F 61 7.79 -29.45 -12.49
N GLY F 62 8.32 -28.99 -11.36
CA GLY F 62 9.01 -29.87 -10.43
C GLY F 62 10.38 -30.33 -10.86
N GLN F 63 11.02 -29.62 -11.80
CA GLN F 63 12.33 -29.99 -12.30
C GLN F 63 13.31 -28.82 -12.32
N GLY F 64 12.98 -27.71 -11.67
CA GLY F 64 13.87 -26.58 -11.60
C GLY F 64 13.83 -25.64 -12.80
N GLN F 65 12.86 -25.80 -13.70
CA GLN F 65 12.78 -24.95 -14.87
C GLN F 65 12.19 -23.57 -14.59
N VAL F 66 11.55 -23.40 -13.43
CA VAL F 66 10.97 -22.12 -13.04
C VAL F 66 11.35 -21.84 -11.60
N ILE F 67 11.00 -20.63 -11.15
CA ILE F 67 11.36 -20.22 -9.78
C ILE F 67 10.68 -21.16 -8.78
N ARG F 68 11.30 -21.25 -7.59
CA ARG F 68 10.90 -22.25 -6.62
C ARG F 68 9.45 -22.10 -6.20
N GLY F 69 8.96 -20.87 -6.09
CA GLY F 69 7.57 -20.65 -5.72
C GLY F 69 6.61 -21.31 -6.69
N TRP F 70 7.00 -21.43 -7.96
CA TRP F 70 6.18 -22.12 -8.94
C TRP F 70 6.35 -23.63 -8.86
N ASP F 71 7.60 -24.09 -8.70
CA ASP F 71 7.86 -25.52 -8.68
C ASP F 71 7.22 -26.22 -7.48
N GLU F 72 6.87 -25.48 -6.44
CA GLU F 72 6.20 -26.06 -5.28
C GLU F 72 4.75 -25.62 -5.13
N GLY F 73 4.35 -24.50 -5.73
CA GLY F 73 2.99 -24.05 -5.61
C GLY F 73 2.06 -24.61 -6.67
N VAL F 74 2.60 -24.94 -7.84
CA VAL F 74 1.80 -25.52 -8.91
C VAL F 74 1.30 -26.91 -8.53
N PRO F 75 2.12 -27.80 -7.94
CA PRO F 75 1.58 -29.10 -7.53
C PRO F 75 0.44 -29.01 -6.54
N GLN F 76 0.28 -27.86 -5.86
CA GLN F 76 -0.82 -27.63 -4.93
C GLN F 76 -2.09 -27.17 -5.63
N LEU F 77 -2.14 -27.24 -6.96
CA LEU F 77 -3.28 -26.80 -7.73
C LEU F 77 -4.00 -27.99 -8.34
N SER F 78 -5.24 -27.75 -8.75
CA SER F 78 -6.03 -28.73 -9.48
C SER F 78 -6.42 -28.14 -10.83
N LEU F 79 -6.70 -29.03 -11.77
CA LEU F 79 -6.97 -28.60 -13.14
C LEU F 79 -8.17 -27.68 -13.18
N GLY F 80 -8.00 -26.51 -13.78
CA GLY F 80 -9.06 -25.51 -13.89
C GLY F 80 -9.17 -24.55 -12.73
N GLU F 81 -8.22 -24.57 -11.80
CA GLU F 81 -8.29 -23.77 -10.58
C GLU F 81 -7.63 -22.41 -10.78
N LYS F 82 -8.24 -21.37 -10.20
CA LYS F 82 -7.63 -20.04 -10.13
C LYS F 82 -7.07 -19.81 -8.73
N ALA F 83 -5.80 -19.40 -8.65
CA ALA F 83 -5.13 -19.29 -7.36
C ALA F 83 -4.24 -18.05 -7.35
N ASN F 84 -3.70 -17.75 -6.15
CA ASN F 84 -2.78 -16.63 -5.93
C ASN F 84 -1.49 -17.19 -5.34
N LEU F 85 -0.44 -17.26 -6.15
CA LEU F 85 0.86 -17.77 -5.71
C LEU F 85 1.66 -16.60 -5.14
N ILE F 86 1.77 -16.55 -3.82
CA ILE F 86 2.49 -15.48 -3.14
C ILE F 86 3.86 -16.03 -2.73
N CYS F 87 4.90 -15.57 -3.41
CA CYS F 87 6.25 -16.07 -3.24
C CYS F 87 7.08 -15.09 -2.44
N THR F 88 7.84 -15.60 -1.48
CA THR F 88 8.82 -14.79 -0.77
C THR F 88 10.06 -14.61 -1.65
N PRO F 89 10.90 -13.60 -1.36
CA PRO F 89 12.14 -13.45 -2.12
C PRO F 89 12.98 -14.72 -2.15
N ASP F 90 13.05 -15.46 -1.04
CA ASP F 90 13.81 -16.70 -1.06
C ASP F 90 13.23 -17.71 -2.04
N TYR F 91 11.95 -17.57 -2.40
CA TYR F 91 11.29 -18.51 -3.30
C TYR F 91 11.00 -17.91 -4.67
N ALA F 92 11.52 -16.72 -4.96
CA ALA F 92 11.30 -16.09 -6.24
C ALA F 92 12.67 -15.75 -6.83
N TYR F 93 13.07 -14.48 -6.79
CA TYR F 93 14.35 -14.09 -7.38
C TYR F 93 15.41 -13.69 -6.37
N GLY F 94 15.04 -13.45 -5.10
CA GLY F 94 16.01 -13.28 -4.04
C GLY F 94 16.54 -11.87 -3.91
N ALA F 95 17.67 -11.77 -3.20
CA ALA F 95 18.32 -10.49 -2.97
C ALA F 95 18.95 -9.94 -4.23
N ARG F 96 19.23 -10.78 -5.23
CA ARG F 96 19.73 -10.27 -6.50
C ARG F 96 18.60 -9.72 -7.36
N GLY F 97 17.47 -10.42 -7.42
CA GLY F 97 16.33 -9.99 -8.19
C GLY F 97 16.57 -10.04 -9.69
N PHE F 98 15.52 -9.82 -10.50
CA PHE F 98 15.78 -9.72 -11.92
C PHE F 98 16.31 -8.32 -12.25
N PRO F 99 17.31 -8.22 -13.12
CA PRO F 99 18.08 -6.97 -13.20
C PRO F 99 17.20 -5.77 -13.51
N PRO F 100 16.29 -5.84 -14.53
CA PRO F 100 15.54 -4.63 -14.85
C PRO F 100 14.04 -4.68 -14.55
N VAL F 101 13.51 -5.82 -14.13
CA VAL F 101 12.07 -6.01 -13.97
C VAL F 101 11.69 -6.16 -12.50
N ILE F 102 12.38 -7.02 -11.77
CA ILE F 102 12.04 -7.39 -10.40
C ILE F 102 13.08 -6.78 -9.46
N PRO F 103 12.71 -5.78 -8.66
CA PRO F 103 13.64 -5.20 -7.69
C PRO F 103 14.12 -6.23 -6.69
N PRO F 104 15.26 -6.00 -6.02
CA PRO F 104 15.75 -6.94 -5.02
C PRO F 104 14.78 -7.08 -3.85
N ASN F 105 14.71 -8.30 -3.32
CA ASN F 105 13.90 -8.64 -2.14
C ASN F 105 12.42 -8.42 -2.40
N SER F 106 11.97 -8.62 -3.64
CA SER F 106 10.59 -8.41 -4.01
C SER F 106 9.75 -9.65 -3.68
N THR F 107 8.62 -9.43 -3.03
CA THR F 107 7.65 -10.49 -2.81
C THR F 107 6.66 -10.49 -3.98
N LEU F 108 6.60 -11.61 -4.70
CA LEU F 108 5.84 -11.71 -5.94
C LEU F 108 4.49 -12.39 -5.72
N LYS F 109 3.51 -11.95 -6.51
CA LYS F 109 2.14 -12.48 -6.45
C LYS F 109 1.72 -12.87 -7.86
N PHE F 110 1.60 -14.17 -8.11
CA PHE F 110 1.16 -14.69 -9.40
C PHE F 110 -0.29 -15.15 -9.26
N GLU F 111 -1.21 -14.45 -9.93
CA GLU F 111 -2.58 -14.92 -10.05
C GLU F 111 -2.62 -15.89 -11.23
N VAL F 112 -2.65 -17.18 -10.92
CA VAL F 112 -2.47 -18.21 -11.93
C VAL F 112 -3.81 -18.90 -12.21
N GLU F 113 -3.91 -19.50 -13.39
CA GLU F 113 -5.07 -20.30 -13.76
C GLU F 113 -4.57 -21.53 -14.50
N LEU F 114 -4.57 -22.67 -13.82
CA LEU F 114 -4.06 -23.92 -14.39
C LEU F 114 -5.01 -24.41 -15.47
N LEU F 115 -4.62 -24.23 -16.73
CA LEU F 115 -5.49 -24.56 -17.87
C LEU F 115 -5.29 -25.99 -18.36
N LYS F 116 -4.07 -26.52 -18.31
CA LYS F 116 -3.80 -27.87 -18.78
C LYS F 116 -2.74 -28.51 -17.89
N VAL F 117 -2.89 -29.81 -17.65
CA VAL F 117 -1.83 -30.64 -17.10
C VAL F 117 -1.56 -31.73 -18.12
N ASN F 118 -0.31 -31.81 -18.59
CA ASN F 118 0.05 -32.68 -19.69
C ASN F 118 -0.87 -32.45 -20.88
N SER F 119 -1.66 -33.47 -21.23
CA SER F 119 -2.57 -33.37 -22.36
C SER F 119 -4.01 -33.09 -21.96
N LYS F 120 -4.36 -33.31 -20.69
CA LYS F 120 -5.73 -33.17 -20.24
C LYS F 120 -6.09 -31.69 -20.12
N ARG F 121 -7.00 -31.22 -20.96
CA ARG F 121 -7.45 -29.84 -20.93
C ARG F 121 -8.55 -29.65 -19.86
N ALA F 122 -8.73 -28.41 -19.44
CA ALA F 122 -9.69 -28.09 -18.39
C ALA F 122 -11.11 -27.99 -18.95
S SO4 G . 6.76 5.51 9.88
O1 SO4 G . 7.23 4.12 9.93
O2 SO4 G . 6.45 5.93 11.25
O3 SO4 G . 5.55 5.60 9.06
O4 SO4 G . 7.80 6.35 9.32
FE FE H . 8.70 6.45 12.46
ZN ZN I . 9.51 8.03 10.36
S SO4 J . 33.10 -4.56 -1.10
O1 SO4 J . 33.65 -3.37 -0.46
O2 SO4 J . 32.53 -5.46 -0.09
O3 SO4 J . 34.18 -5.25 -1.81
O4 SO4 J . 32.05 -4.17 -2.05
CA CA K . -45.68 -15.60 36.29
CA CA L . -44.00 -5.13 38.13
CA CA M . -27.56 6.40 39.27
CA CA N . -23.37 16.25 35.09
C1 FK5 O . -14.95 -8.74 17.98
C2 FK5 O . -13.58 -8.72 17.34
C3 FK5 O . -12.96 -10.11 17.48
C4 FK5 O . -12.53 -10.36 18.92
C5 FK5 O . -11.55 -9.30 19.42
C6 FK5 O . -12.15 -7.91 19.30
C8 FK5 O . -12.31 -6.69 17.20
C9 FK5 O . -11.45 -5.72 17.69
C10 FK5 O . -11.98 -4.45 18.36
C11 FK5 O . -13.30 -4.01 17.74
C12 FK5 O . -14.02 -3.00 18.62
C13 FK5 O . -14.04 -3.48 20.06
C14 FK5 O . -12.61 -3.75 20.54
C15 FK5 O . -12.52 -4.26 21.98
C16 FK5 O . -13.56 -5.34 22.26
C17 FK5 O . -13.22 -6.23 23.46
C18 FK5 O . -13.81 -5.64 24.74
C19 FK5 O . -15.29 -5.98 24.86
C20 FK5 O . -16.31 -5.02 24.38
C21 FK5 O . -17.75 -5.42 24.33
C22 FK5 O . -18.06 -6.03 22.99
C23 FK5 O . -18.15 -7.53 22.84
C24 FK5 O . -18.08 -7.91 21.36
C25 FK5 O . -16.67 -7.79 20.77
C26 FK5 O . -16.64 -8.02 19.26
C27 FK5 O . -17.59 -7.04 18.64
C28 FK5 O . -18.83 -7.51 18.03
C29 FK5 O . -19.72 -6.57 17.29
C30 FK5 O . -20.13 -7.18 15.95
C31 FK5 O . -21.22 -6.38 15.23
C32 FK5 O . -22.40 -6.03 16.14
C33 FK5 O . -21.92 -5.40 17.43
C34 FK5 O . -20.95 -6.32 18.14
C35 FK5 O . -13.03 -3.36 16.39
C36 FK5 O . -11.72 -6.46 23.58
C37 FK5 O . -15.74 -7.28 25.44
C38 FK5 O . -18.60 -4.17 24.46
C39 FK5 O . -18.86 -3.83 25.92
C40 FK5 O . -18.03 -2.85 26.62
C41 FK5 O . -15.71 -8.75 21.48
C42 FK5 O . -17.27 -5.58 18.65
C43 FK5 O . -16.09 -2.84 20.86
C44 FK5 O . -11.45 -2.49 23.01
C45 FK5 O . -20.97 -6.76 12.95
N7 FK5 O . -12.68 -7.73 17.94
O1 FK5 O . -15.34 -7.82 18.73
O2 FK5 O . -15.78 -9.85 17.72
O3 FK5 O . -12.79 -6.62 15.87
O4 FK5 O . -10.06 -5.93 17.56
O5 FK5 O . -12.09 -4.76 19.73
O6 FK5 O . -11.07 -3.34 18.18
O7 FK5 O . -14.71 -2.52 20.83
O8 FK5 O . -12.67 -3.19 22.88
O9 FK5 O . -18.28 -5.18 21.89
O10 FK5 O . -18.54 -9.24 21.24
O11 FK5 O . -21.66 -7.13 14.12
O12 FK5 O . -23.25 -5.12 15.49
S SO4 P . -4.91 4.87 -11.26
O1 SO4 P . -3.81 4.70 -10.33
O2 SO4 P . -5.41 6.24 -11.22
O3 SO4 P . -5.99 3.94 -10.91
O4 SO4 P . -4.45 4.60 -12.62
FE FE Q . -6.33 5.62 -13.97
ZN ZN R . -6.63 7.94 -12.39
CA CA S . 35.02 -39.81 -27.37
CA CA T . 36.84 -30.30 -33.03
CA CA U . 25.86 -14.21 -38.16
CA CA V . 25.72 -2.88 -36.94
C1 FK5 W . 10.06 -17.59 -14.15
C2 FK5 W . 8.80 -16.93 -13.65
C3 FK5 W . 7.74 -18.01 -13.49
C4 FK5 W . 7.23 -18.46 -14.85
C5 FK5 W . 6.62 -17.29 -15.62
C6 FK5 W . 7.63 -16.19 -15.83
C8 FK5 W . 8.35 -14.59 -14.14
C9 FK5 W . 7.91 -13.52 -14.91
C10 FK5 W . 8.83 -12.79 -15.88
C11 FK5 W . 10.26 -12.71 -15.34
C12 FK5 W . 11.26 -12.36 -16.42
C13 FK5 W . 10.99 -13.17 -17.67
C14 FK5 W . 9.56 -12.94 -18.11
C15 FK5 W . 9.17 -13.71 -19.36
C16 FK5 W . 9.73 -15.14 -19.30
C17 FK5 W . 8.99 -16.09 -20.23
C18 FK5 W . 9.66 -16.11 -21.60
C19 FK5 W . 10.88 -17.02 -21.61
C20 FK5 W . 12.21 -16.48 -21.31
C21 FK5 W . 13.38 -17.41 -21.14
C22 FK5 W . 13.53 -17.72 -19.68
C23 FK5 W . 12.96 -18.98 -19.11
C24 FK5 W . 12.94 -18.91 -17.58
C25 FK5 W . 11.78 -18.07 -17.05
C26 FK5 W . 11.80 -17.92 -15.53
C27 FK5 W . 13.10 -17.25 -15.18
C28 FK5 W . 14.12 -17.98 -14.42
C29 FK5 W . 15.32 -17.30 -13.84
C30 FK5 W . 15.55 -17.75 -12.38
C31 FK5 W . 16.90 -17.28 -11.83
C32 FK5 W . 18.04 -17.69 -12.74
C33 FK5 W . 17.83 -17.10 -14.13
C34 FK5 W . 16.53 -17.66 -14.69
C35 FK5 W . 10.32 -11.63 -14.28
C36 FK5 W . 7.51 -15.74 -20.33
C37 FK5 W . 10.72 -18.47 -21.93
C38 FK5 W . 14.67 -16.74 -21.59
C39 FK5 W . 14.87 -16.81 -23.08
C40 FK5 W . 14.54 -15.63 -23.90
C41 FK5 W . 10.42 -18.60 -17.49
C42 FK5 W . 13.33 -15.84 -15.64
C43 FK5 W . 13.04 -13.61 -18.59
C44 FK5 W . 8.69 -12.05 -20.91
C45 FK5 W . 16.82 -16.91 -9.53
N7 FK5 W . 8.27 -15.86 -14.54
O1 FK5 W . 10.70 -17.13 -15.12
O2 FK5 W . 10.50 -18.76 -13.50
O3 FK5 W . 8.90 -14.35 -12.86
O4 FK5 W . 6.55 -13.13 -14.79
O5 FK5 W . 8.75 -13.46 -17.10
O6 FK5 W . 8.43 -11.41 -16.09
O7 FK5 W . 11.91 -12.79 -18.66
O8 FK5 W . 9.62 -13.04 -20.52
O9 FK5 W . 14.23 -16.82 -18.84
O10 FK5 W . 12.88 -20.23 -17.08
O11 FK5 W . 17.13 -17.82 -10.55
O12 FK5 W . 19.27 -17.25 -12.19
#